data_1DYW
# 
_entry.id   1DYW 
# 
_audit_conform.dict_name       mmcif_pdbx.dic 
_audit_conform.dict_version    5.382 
_audit_conform.dict_location   http://mmcif.pdb.org/dictionaries/ascii/mmcif_pdbx.dic 
# 
loop_
_database_2.database_id 
_database_2.database_code 
_database_2.pdbx_database_accession 
_database_2.pdbx_DOI 
PDB   1DYW         pdb_00001dyw 10.2210/pdb1dyw/pdb 
PDBE  EBI-4343     ?            ?                   
WWPDB D_1290004343 ?            ?                   
# 
_pdbx_database_status.status_code                     REL 
_pdbx_database_status.entry_id                        1DYW 
_pdbx_database_status.deposit_site                    PDBE 
_pdbx_database_status.process_site                    PDBE 
_pdbx_database_status.SG_entry                        . 
_pdbx_database_status.recvd_initial_deposition_date   2000-02-10 
_pdbx_database_status.pdb_format_compatible           Y 
_pdbx_database_status.status_code_sf                  ? 
_pdbx_database_status.status_code_mr                  ? 
_pdbx_database_status.status_code_cs                  ? 
_pdbx_database_status.methods_development_category    ? 
_pdbx_database_status.status_code_nmr_data            ? 
# 
loop_
_audit_author.name 
_audit_author.pdbx_ordinal 
'Dornan, J.'       1 
'Page, A.P.'       2 
'Taylor, P.'       3 
'Wu, S.Y.'         4 
'Winter, A.D.'     5 
'Husi, H.'         6 
'Walkinshaw, M.D.' 7 
# 
loop_
_citation.id 
_citation.title 
_citation.journal_abbrev 
_citation.journal_volume 
_citation.page_first 
_citation.page_last 
_citation.year 
_citation.journal_id_ASTM 
_citation.country 
_citation.journal_id_ISSN 
_citation.journal_id_CSD 
_citation.book_publisher 
_citation.pdbx_database_id_PubMed 
_citation.pdbx_database_id_DOI 
primary 'Biochemical and Structural Characterization of a Divergent Loop Cyclophilin from Caenorhabditis Elegans' J.Biol.Chem. 274 
34877 ? 1999 JBCHA3 US 0021-9258 0071 ? 10574961 10.1074/JBC.274.49.34877 
1       'X-Ray Structure of a Monomeric Cyclophilin'                                                              J.Mol.Biol.  234 
1119  ? 1993 JMOBAK UK 0022-2836 0070 ? 8263916  10.1006/JMBI.1993.1664   
# 
loop_
_citation_author.citation_id 
_citation_author.name 
_citation_author.ordinal 
_citation_author.identifier_ORCID 
primary 'Dornan, J.'       1  ? 
primary 'Page, A.P.'       2  ? 
primary 'Taylor, P.'       3  ? 
primary 'Wu, S.Y.'         4  ? 
primary 'Winter, A.D.'     5  ? 
primary 'Husi, H.'         6  ? 
primary 'Walkinshaw, M.D.' 7  ? 
1       'Mikol, V.'        8  ? 
1       'Kallen, J.'       9  ? 
1       'Pfluegl, G.'      10 ? 
1       'Walkinshaw, M.D.' 11 ? 
# 
_cell.entry_id           1DYW 
_cell.length_a           60.608 
_cell.length_b           60.608 
_cell.length_c           123.124 
_cell.angle_alpha        90.00 
_cell.angle_beta         90.00 
_cell.angle_gamma        90.00 
_cell.Z_PDB              8 
_cell.pdbx_unique_axis   ? 
# 
_symmetry.entry_id                         1DYW 
_symmetry.space_group_name_H-M             'P 41 21 2' 
_symmetry.pdbx_full_space_group_name_H-M   ? 
_symmetry.cell_setting                     ? 
_symmetry.Int_Tables_number                92 
# 
loop_
_entity.id 
_entity.type 
_entity.src_method 
_entity.pdbx_description 
_entity.formula_weight 
_entity.pdbx_number_of_molecules 
_entity.pdbx_ec 
_entity.pdbx_mutation 
_entity.pdbx_fragment 
_entity.details 
1 polymer man 'CYCLOPHILIN 3' 18576.182 1   5.2.1.8 ? ? ? 
2 water   nat water           18.015    252 ?       ? ? ? 
# 
_entity_name_com.entity_id   1 
_entity_name_com.name        'PEPTIDYL-PROLYL CIS-TRANS ISOMERASE 3, PPIASE, ROTAMASE' 
# 
_entity_poly.entity_id                      1 
_entity_poly.type                           'polypeptide(L)' 
_entity_poly.nstd_linkage                   no 
_entity_poly.nstd_monomer                   no 
_entity_poly.pdbx_seq_one_letter_code       
;MSRSKVFFDITIGGKASGRIVMELYDDVVPKTAGNFRALCTGENGIGKSGKPLHFKGSKFHRIIPNFMIQGGDFTRGNGT
GGESIYGEKFPDENFKEKHTGPGVLSMANAGPNTNGSQFFLCTVKTEWLDGKHVVFGRVVEGLDVVKAVESNGSQSGKPV
KDCMIADCGQLKA
;
_entity_poly.pdbx_seq_one_letter_code_can   
;MSRSKVFFDITIGGKASGRIVMELYDDVVPKTAGNFRALCTGENGIGKSGKPLHFKGSKFHRIIPNFMIQGGDFTRGNGT
GGESIYGEKFPDENFKEKHTGPGVLSMANAGPNTNGSQFFLCTVKTEWLDGKHVVFGRVVEGLDVVKAVESNGSQSGKPV
KDCMIADCGQLKA
;
_entity_poly.pdbx_strand_id                 A 
_entity_poly.pdbx_target_identifier         ? 
# 
loop_
_entity_poly_seq.entity_id 
_entity_poly_seq.num 
_entity_poly_seq.mon_id 
_entity_poly_seq.hetero 
1 1   MET n 
1 2   SER n 
1 3   ARG n 
1 4   SER n 
1 5   LYS n 
1 6   VAL n 
1 7   PHE n 
1 8   PHE n 
1 9   ASP n 
1 10  ILE n 
1 11  THR n 
1 12  ILE n 
1 13  GLY n 
1 14  GLY n 
1 15  LYS n 
1 16  ALA n 
1 17  SER n 
1 18  GLY n 
1 19  ARG n 
1 20  ILE n 
1 21  VAL n 
1 22  MET n 
1 23  GLU n 
1 24  LEU n 
1 25  TYR n 
1 26  ASP n 
1 27  ASP n 
1 28  VAL n 
1 29  VAL n 
1 30  PRO n 
1 31  LYS n 
1 32  THR n 
1 33  ALA n 
1 34  GLY n 
1 35  ASN n 
1 36  PHE n 
1 37  ARG n 
1 38  ALA n 
1 39  LEU n 
1 40  CYS n 
1 41  THR n 
1 42  GLY n 
1 43  GLU n 
1 44  ASN n 
1 45  GLY n 
1 46  ILE n 
1 47  GLY n 
1 48  LYS n 
1 49  SER n 
1 50  GLY n 
1 51  LYS n 
1 52  PRO n 
1 53  LEU n 
1 54  HIS n 
1 55  PHE n 
1 56  LYS n 
1 57  GLY n 
1 58  SER n 
1 59  LYS n 
1 60  PHE n 
1 61  HIS n 
1 62  ARG n 
1 63  ILE n 
1 64  ILE n 
1 65  PRO n 
1 66  ASN n 
1 67  PHE n 
1 68  MET n 
1 69  ILE n 
1 70  GLN n 
1 71  GLY n 
1 72  GLY n 
1 73  ASP n 
1 74  PHE n 
1 75  THR n 
1 76  ARG n 
1 77  GLY n 
1 78  ASN n 
1 79  GLY n 
1 80  THR n 
1 81  GLY n 
1 82  GLY n 
1 83  GLU n 
1 84  SER n 
1 85  ILE n 
1 86  TYR n 
1 87  GLY n 
1 88  GLU n 
1 89  LYS n 
1 90  PHE n 
1 91  PRO n 
1 92  ASP n 
1 93  GLU n 
1 94  ASN n 
1 95  PHE n 
1 96  LYS n 
1 97  GLU n 
1 98  LYS n 
1 99  HIS n 
1 100 THR n 
1 101 GLY n 
1 102 PRO n 
1 103 GLY n 
1 104 VAL n 
1 105 LEU n 
1 106 SER n 
1 107 MET n 
1 108 ALA n 
1 109 ASN n 
1 110 ALA n 
1 111 GLY n 
1 112 PRO n 
1 113 ASN n 
1 114 THR n 
1 115 ASN n 
1 116 GLY n 
1 117 SER n 
1 118 GLN n 
1 119 PHE n 
1 120 PHE n 
1 121 LEU n 
1 122 CYS n 
1 123 THR n 
1 124 VAL n 
1 125 LYS n 
1 126 THR n 
1 127 GLU n 
1 128 TRP n 
1 129 LEU n 
1 130 ASP n 
1 131 GLY n 
1 132 LYS n 
1 133 HIS n 
1 134 VAL n 
1 135 VAL n 
1 136 PHE n 
1 137 GLY n 
1 138 ARG n 
1 139 VAL n 
1 140 VAL n 
1 141 GLU n 
1 142 GLY n 
1 143 LEU n 
1 144 ASP n 
1 145 VAL n 
1 146 VAL n 
1 147 LYS n 
1 148 ALA n 
1 149 VAL n 
1 150 GLU n 
1 151 SER n 
1 152 ASN n 
1 153 GLY n 
1 154 SER n 
1 155 GLN n 
1 156 SER n 
1 157 GLY n 
1 158 LYS n 
1 159 PRO n 
1 160 VAL n 
1 161 LYS n 
1 162 ASP n 
1 163 CYS n 
1 164 MET n 
1 165 ILE n 
1 166 ALA n 
1 167 ASP n 
1 168 CYS n 
1 169 GLY n 
1 170 GLN n 
1 171 LEU n 
1 172 LYS n 
1 173 ALA n 
# 
_entity_src_gen.entity_id                          1 
_entity_src_gen.pdbx_src_id                        1 
_entity_src_gen.pdbx_alt_source_flag               sample 
_entity_src_gen.pdbx_seq_type                      ? 
_entity_src_gen.pdbx_beg_seq_num                   ? 
_entity_src_gen.pdbx_end_seq_num                   ? 
_entity_src_gen.gene_src_common_name               ? 
_entity_src_gen.gene_src_genus                     ? 
_entity_src_gen.pdbx_gene_src_gene                 ? 
_entity_src_gen.gene_src_species                   ? 
_entity_src_gen.gene_src_strain                    ? 
_entity_src_gen.gene_src_tissue                    ? 
_entity_src_gen.gene_src_tissue_fraction           ? 
_entity_src_gen.gene_src_details                   ? 
_entity_src_gen.pdbx_gene_src_fragment             ? 
_entity_src_gen.pdbx_gene_src_scientific_name      'CAENORHABDITIS ELEGANS' 
_entity_src_gen.pdbx_gene_src_ncbi_taxonomy_id     6239 
_entity_src_gen.pdbx_gene_src_variant              ? 
_entity_src_gen.pdbx_gene_src_cell_line            ? 
_entity_src_gen.pdbx_gene_src_atcc                 ? 
_entity_src_gen.pdbx_gene_src_organ                ? 
_entity_src_gen.pdbx_gene_src_organelle            ? 
_entity_src_gen.pdbx_gene_src_cell                 ? 
_entity_src_gen.pdbx_gene_src_cellular_location    ? 
_entity_src_gen.host_org_common_name               ? 
_entity_src_gen.pdbx_host_org_scientific_name      'ESCHERICHIA COLI' 
_entity_src_gen.pdbx_host_org_ncbi_taxonomy_id     562 
_entity_src_gen.host_org_genus                     ? 
_entity_src_gen.pdbx_host_org_gene                 ? 
_entity_src_gen.pdbx_host_org_organ                ? 
_entity_src_gen.host_org_species                   ? 
_entity_src_gen.pdbx_host_org_tissue               ? 
_entity_src_gen.pdbx_host_org_tissue_fraction      ? 
_entity_src_gen.pdbx_host_org_strain               ? 
_entity_src_gen.pdbx_host_org_variant              ? 
_entity_src_gen.pdbx_host_org_cell_line            ? 
_entity_src_gen.pdbx_host_org_atcc                 ? 
_entity_src_gen.pdbx_host_org_culture_collection   ? 
_entity_src_gen.pdbx_host_org_cell                 ? 
_entity_src_gen.pdbx_host_org_organelle            ? 
_entity_src_gen.pdbx_host_org_cellular_location    ? 
_entity_src_gen.pdbx_host_org_vector_type          ? 
_entity_src_gen.pdbx_host_org_vector               ? 
_entity_src_gen.host_org_details                   ? 
_entity_src_gen.expression_system_id               ? 
_entity_src_gen.plasmid_name                       ? 
_entity_src_gen.plasmid_details                    ? 
_entity_src_gen.pdbx_description                   ? 
# 
_struct_ref.id                         1 
_struct_ref.db_name                    UNP 
_struct_ref.db_code                    CYP3_CAEEL 
_struct_ref.entity_id                  1 
_struct_ref.pdbx_seq_one_letter_code   ? 
_struct_ref.pdbx_align_begin           ? 
_struct_ref.pdbx_db_accession          P52011 
_struct_ref.pdbx_db_isoform            ? 
# 
_struct_ref_seq.align_id                      1 
_struct_ref_seq.ref_id                        1 
_struct_ref_seq.pdbx_PDB_id_code              1DYW 
_struct_ref_seq.pdbx_strand_id                A 
_struct_ref_seq.seq_align_beg                 1 
_struct_ref_seq.pdbx_seq_align_beg_ins_code   ? 
_struct_ref_seq.seq_align_end                 173 
_struct_ref_seq.pdbx_seq_align_end_ins_code   ? 
_struct_ref_seq.pdbx_db_accession             P52011 
_struct_ref_seq.db_align_beg                  1 
_struct_ref_seq.pdbx_db_align_beg_ins_code    ? 
_struct_ref_seq.db_align_end                  173 
_struct_ref_seq.pdbx_db_align_end_ins_code    ? 
_struct_ref_seq.pdbx_auth_seq_align_beg       1 
_struct_ref_seq.pdbx_auth_seq_align_end       173 
# 
loop_
_chem_comp.id 
_chem_comp.type 
_chem_comp.mon_nstd_flag 
_chem_comp.name 
_chem_comp.pdbx_synonyms 
_chem_comp.formula 
_chem_comp.formula_weight 
ALA 'L-peptide linking' y ALANINE         ? 'C3 H7 N O2'     89.093  
ARG 'L-peptide linking' y ARGININE        ? 'C6 H15 N4 O2 1' 175.209 
ASN 'L-peptide linking' y ASPARAGINE      ? 'C4 H8 N2 O3'    132.118 
ASP 'L-peptide linking' y 'ASPARTIC ACID' ? 'C4 H7 N O4'     133.103 
CYS 'L-peptide linking' y CYSTEINE        ? 'C3 H7 N O2 S'   121.158 
GLN 'L-peptide linking' y GLUTAMINE       ? 'C5 H10 N2 O3'   146.144 
GLU 'L-peptide linking' y 'GLUTAMIC ACID' ? 'C5 H9 N O4'     147.129 
GLY 'peptide linking'   y GLYCINE         ? 'C2 H5 N O2'     75.067  
HIS 'L-peptide linking' y HISTIDINE       ? 'C6 H10 N3 O2 1' 156.162 
HOH non-polymer         . WATER           ? 'H2 O'           18.015  
ILE 'L-peptide linking' y ISOLEUCINE      ? 'C6 H13 N O2'    131.173 
LEU 'L-peptide linking' y LEUCINE         ? 'C6 H13 N O2'    131.173 
LYS 'L-peptide linking' y LYSINE          ? 'C6 H15 N2 O2 1' 147.195 
MET 'L-peptide linking' y METHIONINE      ? 'C5 H11 N O2 S'  149.211 
PHE 'L-peptide linking' y PHENYLALANINE   ? 'C9 H11 N O2'    165.189 
PRO 'L-peptide linking' y PROLINE         ? 'C5 H9 N O2'     115.130 
SER 'L-peptide linking' y SERINE          ? 'C3 H7 N O3'     105.093 
THR 'L-peptide linking' y THREONINE       ? 'C4 H9 N O3'     119.119 
TRP 'L-peptide linking' y TRYPTOPHAN      ? 'C11 H12 N2 O2'  204.225 
TYR 'L-peptide linking' y TYROSINE        ? 'C9 H11 N O3'    181.189 
VAL 'L-peptide linking' y VALINE          ? 'C5 H11 N O2'    117.146 
# 
_exptl.entry_id          1DYW 
_exptl.method            'X-RAY DIFFRACTION' 
_exptl.crystals_number   1 
# 
_exptl_crystal.id                    1 
_exptl_crystal.density_meas          ? 
_exptl_crystal.density_Matthews      3.05 
_exptl_crystal.density_percent_sol   59.32 
_exptl_crystal.description           ? 
# 
_exptl_crystal_grow.crystal_id      1 
_exptl_crystal_grow.method          ? 
_exptl_crystal_grow.temp            ? 
_exptl_crystal_grow.temp_details    ? 
_exptl_crystal_grow.pH              5.60 
_exptl_crystal_grow.pdbx_pH_range   ? 
_exptl_crystal_grow.pdbx_details    'MPEG5000, SODIUM CITRATE, PH 5.6' 
# 
_diffrn.id                     1 
_diffrn.ambient_temp           100.0 
_diffrn.ambient_temp_details   ? 
_diffrn.crystal_id             1 
# 
_diffrn_detector.diffrn_id              1 
_diffrn_detector.detector               'IMAGE PLATE' 
_diffrn_detector.type                   MARRESEARCH 
_diffrn_detector.pdbx_collection_date   ? 
_diffrn_detector.details                COLLIMATOR 
# 
_diffrn_radiation.diffrn_id                        1 
_diffrn_radiation.wavelength_id                    1 
_diffrn_radiation.pdbx_monochromatic_or_laue_m_l   M 
_diffrn_radiation.monochromator                    'GRAPHITE(002)' 
_diffrn_radiation.pdbx_diffrn_protocol             'SINGLE WAVELENGTH' 
_diffrn_radiation.pdbx_scattering_type             x-ray 
# 
_diffrn_radiation_wavelength.id           1 
_diffrn_radiation_wavelength.wavelength   1.5418 
_diffrn_radiation_wavelength.wt           1.0 
# 
_diffrn_source.diffrn_id                   1 
_diffrn_source.source                      'ROTATING ANODE' 
_diffrn_source.type                        'ENRAF-NONIUS FR571' 
_diffrn_source.pdbx_synchrotron_site       ? 
_diffrn_source.pdbx_synchrotron_beamline   ? 
_diffrn_source.pdbx_wavelength             1.5418 
_diffrn_source.pdbx_wavelength_list        ? 
# 
_reflns.pdbx_diffrn_id               1 
_reflns.pdbx_ordinal                 1 
_reflns.entry_id                     1DYW 
_reflns.observed_criterion_sigma_I   ? 
_reflns.observed_criterion_sigma_F   ? 
_reflns.d_resolution_low             15.000 
_reflns.d_resolution_high            1.800 
_reflns.number_obs                   21337 
_reflns.number_all                   ? 
_reflns.percent_possible_obs         97.0 
_reflns.pdbx_Rmerge_I_obs            ? 
_reflns.pdbx_Rsym_value              0.08300 
_reflns.pdbx_netI_over_sigmaI        11.7500 
_reflns.B_iso_Wilson_estimate        ? 
_reflns.pdbx_redundancy              6.590 
# 
_reflns_shell.pdbx_diffrn_id         1 
_reflns_shell.pdbx_ordinal           1 
_reflns_shell.d_res_high             1.80 
_reflns_shell.d_res_low              1.83 
_reflns_shell.percent_possible_all   96.2 
_reflns_shell.Rmerge_I_obs           ? 
_reflns_shell.pdbx_Rsym_value        0.27800 
_reflns_shell.meanI_over_sigI_obs    2.587 
_reflns_shell.pdbx_redundancy        ? 
# 
_refine.pdbx_refine_id                           'X-RAY DIFFRACTION' 
_refine.entry_id                                 1DYW 
_refine.pdbx_diffrn_id                           1 
_refine.pdbx_TLS_residual_ADP_flag               ? 
_refine.ls_number_reflns_obs                     ? 
_refine.ls_number_reflns_all                     20135 
_refine.pdbx_ls_sigma_I                          ? 
_refine.pdbx_ls_sigma_F                          0.0 
_refine.pdbx_data_cutoff_high_absF               ? 
_refine.pdbx_data_cutoff_low_absF                ? 
_refine.pdbx_data_cutoff_high_rms_absF           ? 
_refine.ls_d_res_low                             15.00 
_refine.ls_d_res_high                            1.80 
_refine.ls_percent_reflns_obs                    97.0 
_refine.ls_R_factor_obs                          0.2152 
_refine.ls_R_factor_all                          ? 
_refine.ls_R_factor_R_work                       ? 
_refine.ls_R_factor_R_free                       0.2861 
_refine.ls_R_factor_R_free_error                 ? 
_refine.ls_R_factor_R_free_error_details         ? 
_refine.ls_percent_reflns_R_free                 5 
_refine.ls_number_reflns_R_free                  1064 
_refine.ls_number_parameters                     6247 
_refine.ls_number_restraints                     5295 
_refine.occupancy_min                            ? 
_refine.occupancy_max                            ? 
_refine.correlation_coeff_Fo_to_Fc               ? 
_refine.correlation_coeff_Fo_to_Fc_free          ? 
_refine.B_iso_mean                               ? 
_refine.aniso_B[1][1]                            ? 
_refine.aniso_B[2][2]                            ? 
_refine.aniso_B[3][3]                            ? 
_refine.aniso_B[1][2]                            ? 
_refine.aniso_B[1][3]                            ? 
_refine.aniso_B[2][3]                            ? 
_refine.solvent_model_details                    'MOEWS & KRETSINGER, J.MOL.BIOL.91(1973)201-2' 
_refine.solvent_model_param_ksol                 ? 
_refine.solvent_model_param_bsol                 ? 
_refine.pdbx_solvent_vdw_probe_radii             ? 
_refine.pdbx_solvent_ion_probe_radii             ? 
_refine.pdbx_solvent_shrinkage_radii             ? 
_refine.pdbx_ls_cross_valid_method               'FREE R-VALUE' 
_refine.details                                  'THE C-TERMINAL RESIDUE WAS NOT SEEN IN THE DENSITY MAPS' 
_refine.pdbx_starting_model                      1CWA 
_refine.pdbx_method_to_determine_struct          'MOLECULAR REPLACEMENT' 
_refine.pdbx_isotropic_thermal_model             ? 
_refine.pdbx_stereochemistry_target_values       'ENGH AND HUBER' 
_refine.pdbx_stereochem_target_val_spec_case     ? 
_refine.pdbx_R_Free_selection_details            RANDOM 
_refine.pdbx_overall_ESU_R                       ? 
_refine.pdbx_overall_ESU_R_Free                  ? 
_refine.overall_SU_ML                            ? 
_refine.pdbx_overall_phase_error                 ? 
_refine.overall_SU_B                             ? 
_refine.overall_SU_R_Cruickshank_DPI             ? 
_refine.pdbx_overall_SU_R_free_Cruickshank_DPI   ? 
_refine.pdbx_overall_SU_R_Blow_DPI               ? 
_refine.pdbx_overall_SU_R_free_Blow_DPI          ? 
# 
_refine_analyze.pdbx_refine_id                  'X-RAY DIFFRACTION' 
_refine_analyze.entry_id                        1DYW 
_refine_analyze.Luzzati_coordinate_error_obs    ? 
_refine_analyze.Luzzati_sigma_a_obs             ? 
_refine_analyze.Luzzati_d_res_low_obs           ? 
_refine_analyze.Luzzati_coordinate_error_free   ? 
_refine_analyze.Luzzati_sigma_a_free            ? 
_refine_analyze.Luzzati_d_res_low_free          ? 
_refine_analyze.number_disordered_residues      0 
_refine_analyze.occupancy_sum_hydrogen          0.00 
_refine_analyze.occupancy_sum_non_hydrogen      1561.00 
# 
_refine_hist.pdbx_refine_id                   'X-RAY DIFFRACTION' 
_refine_hist.cycle_id                         LAST 
_refine_hist.pdbx_number_atoms_protein        1296 
_refine_hist.pdbx_number_atoms_nucleic_acid   0 
_refine_hist.pdbx_number_atoms_ligand         0 
_refine_hist.number_atoms_solvent             252 
_refine_hist.number_atoms_total               1548 
_refine_hist.d_res_high                       1.80 
_refine_hist.d_res_low                        15.00 
# 
loop_
_refine_ls_restr.type 
_refine_ls_restr.dev_ideal 
_refine_ls_restr.dev_ideal_target 
_refine_ls_restr.weight 
_refine_ls_restr.number 
_refine_ls_restr.pdbx_refine_id 
_refine_ls_restr.pdbx_restraint_function 
s_bond_d               0.007 ? ? ? 'X-RAY DIFFRACTION' ? 
s_angle_d              0.024 ? ? ? 'X-RAY DIFFRACTION' ? 
s_similar_dist         0.000 ? ? ? 'X-RAY DIFFRACTION' ? 
s_from_restr_planes    ?     ? ? ? 'X-RAY DIFFRACTION' ? 
s_zero_chiral_vol      0.039 ? ? ? 'X-RAY DIFFRACTION' ? 
s_non_zero_chiral_vol  0.040 ? ? ? 'X-RAY DIFFRACTION' ? 
s_anti_bump_dis_restr  0.019 ? ? ? 'X-RAY DIFFRACTION' ? 
s_rigid_bond_adp_cmpnt ?     ? ? ? 'X-RAY DIFFRACTION' ? 
s_similar_adp_cmpnt    ?     ? ? ? 'X-RAY DIFFRACTION' ? 
s_approx_iso_adps      ?     ? ? ? 'X-RAY DIFFRACTION' ? 
# 
_pdbx_refine.pdbx_refine_id                              'X-RAY DIFFRACTION' 
_pdbx_refine.entry_id                                    1DYW 
_pdbx_refine.R_factor_all_no_cutoff                      ? 
_pdbx_refine.R_factor_obs_no_cutoff                      0.2152 
_pdbx_refine.free_R_factor_no_cutoff                     0.2861 
_pdbx_refine.free_R_error_no_cutoff                      ? 
_pdbx_refine.free_R_val_test_set_size_perc_no_cutoff     5 
_pdbx_refine.free_R_val_test_set_ct_no_cutoff            1064 
_pdbx_refine.R_factor_all_4sig_cutoff                    ? 
_pdbx_refine.R_factor_obs_4sig_cutoff                    0.2035 
_pdbx_refine.free_R_factor_4sig_cutoff                   0.2678 
_pdbx_refine.free_R_val_test_set_size_perc_4sig_cutoff   5 
_pdbx_refine.free_R_val_test_set_ct_4sig_cutoff          934 
_pdbx_refine.number_reflns_obs_4sig_cutoff               17786 
# 
_struct.entry_id                  1DYW 
_struct.title                     
'Biochemical and structural characterization of a divergent loop cyclophilin from Caenorhabditis elegans' 
_struct.pdbx_model_details        ? 
_struct.pdbx_CASP_flag            ? 
_struct.pdbx_model_type_details   ? 
# 
_struct_keywords.entry_id        1DYW 
_struct_keywords.pdbx_keywords   'ISOMERASE(PEPTIDYL-PROLYL CIS-TRANS)' 
_struct_keywords.text            'ISOMERASE(PEPTIDYL-PROLYL CIS-TRANS), ISOMERASE, ROTAMASE' 
# 
loop_
_struct_asym.id 
_struct_asym.pdbx_blank_PDB_chainid_flag 
_struct_asym.pdbx_modified 
_struct_asym.entity_id 
_struct_asym.details 
A N N 1 ? 
B N N 2 ? 
# 
_struct_biol.id        1 
_struct_biol.details   'BIOLOGICAL_UNIT: MONOMER' 
# 
loop_
_struct_conf.conf_type_id 
_struct_conf.id 
_struct_conf.pdbx_PDB_helix_id 
_struct_conf.beg_label_comp_id 
_struct_conf.beg_label_asym_id 
_struct_conf.beg_label_seq_id 
_struct_conf.pdbx_beg_PDB_ins_code 
_struct_conf.end_label_comp_id 
_struct_conf.end_label_asym_id 
_struct_conf.end_label_seq_id 
_struct_conf.pdbx_end_PDB_ins_code 
_struct_conf.beg_auth_comp_id 
_struct_conf.beg_auth_asym_id 
_struct_conf.beg_auth_seq_id 
_struct_conf.end_auth_comp_id 
_struct_conf.end_auth_asym_id 
_struct_conf.end_auth_seq_id 
_struct_conf.pdbx_PDB_helix_class 
_struct_conf.details 
_struct_conf.pdbx_PDB_helix_length 
HELX_P HELX_P1 AA1 VAL A 29  ? GLY A 42  ? VAL A 29  GLY A 42  1 ? 14 
HELX_P HELX_P2 AA2 THR A 126 ? ASP A 130 ? THR A 126 ASP A 130 5 ? 5  
HELX_P HELX_P3 AA3 GLY A 142 ? SER A 151 ? GLY A 142 SER A 151 1 ? 10 
# 
_struct_conf_type.id          HELX_P 
_struct_conf_type.criteria    ? 
_struct_conf_type.reference   ? 
# 
_struct_sheet.id               AA1 
_struct_sheet.type             ? 
_struct_sheet.number_strands   8 
_struct_sheet.details          ? 
# 
loop_
_struct_sheet_order.sheet_id 
_struct_sheet_order.range_id_1 
_struct_sheet_order.range_id_2 
_struct_sheet_order.offset 
_struct_sheet_order.sense 
AA1 1 2 ? anti-parallel 
AA1 2 3 ? anti-parallel 
AA1 3 4 ? anti-parallel 
AA1 4 5 ? anti-parallel 
AA1 5 6 ? anti-parallel 
AA1 6 7 ? anti-parallel 
AA1 7 8 ? anti-parallel 
# 
loop_
_struct_sheet_range.sheet_id 
_struct_sheet_range.id 
_struct_sheet_range.beg_label_comp_id 
_struct_sheet_range.beg_label_asym_id 
_struct_sheet_range.beg_label_seq_id 
_struct_sheet_range.pdbx_beg_PDB_ins_code 
_struct_sheet_range.end_label_comp_id 
_struct_sheet_range.end_label_asym_id 
_struct_sheet_range.end_label_seq_id 
_struct_sheet_range.pdbx_end_PDB_ins_code 
_struct_sheet_range.beg_auth_comp_id 
_struct_sheet_range.beg_auth_asym_id 
_struct_sheet_range.beg_auth_seq_id 
_struct_sheet_range.end_auth_comp_id 
_struct_sheet_range.end_auth_asym_id 
_struct_sheet_range.end_auth_seq_id 
AA1 1 ARG A 62  ? ILE A 64  ? ARG A 62  ILE A 64  
AA1 2 MET A 68  ? GLY A 71  ? MET A 68  GLY A 71  
AA1 3 PHE A 119 ? CYS A 122 ? PHE A 119 CYS A 122 
AA1 4 VAL A 104 ? MET A 107 ? VAL A 104 MET A 107 
AA1 5 VAL A 135 ? GLU A 141 ? VAL A 135 GLU A 141 
AA1 6 LYS A 15  ? LEU A 24  ? LYS A 15  LEU A 24  
AA1 7 LYS A 5   ? ILE A 12  ? LYS A 5   ILE A 12  
AA1 8 CYS A 163 ? LYS A 172 ? CYS A 163 LYS A 172 
# 
loop_
_pdbx_struct_sheet_hbond.sheet_id 
_pdbx_struct_sheet_hbond.range_id_1 
_pdbx_struct_sheet_hbond.range_id_2 
_pdbx_struct_sheet_hbond.range_1_label_atom_id 
_pdbx_struct_sheet_hbond.range_1_label_comp_id 
_pdbx_struct_sheet_hbond.range_1_label_asym_id 
_pdbx_struct_sheet_hbond.range_1_label_seq_id 
_pdbx_struct_sheet_hbond.range_1_PDB_ins_code 
_pdbx_struct_sheet_hbond.range_1_auth_atom_id 
_pdbx_struct_sheet_hbond.range_1_auth_comp_id 
_pdbx_struct_sheet_hbond.range_1_auth_asym_id 
_pdbx_struct_sheet_hbond.range_1_auth_seq_id 
_pdbx_struct_sheet_hbond.range_2_label_atom_id 
_pdbx_struct_sheet_hbond.range_2_label_comp_id 
_pdbx_struct_sheet_hbond.range_2_label_asym_id 
_pdbx_struct_sheet_hbond.range_2_label_seq_id 
_pdbx_struct_sheet_hbond.range_2_PDB_ins_code 
_pdbx_struct_sheet_hbond.range_2_auth_atom_id 
_pdbx_struct_sheet_hbond.range_2_auth_comp_id 
_pdbx_struct_sheet_hbond.range_2_auth_asym_id 
_pdbx_struct_sheet_hbond.range_2_auth_seq_id 
AA1 1 2 N ARG A 62  ? N ARG A 62  O GLN A 70  ? O GLN A 70  
AA1 2 3 N ILE A 69  ? N ILE A 69  O LEU A 121 ? O LEU A 121 
AA1 3 4 O PHE A 120 ? O PHE A 120 N SER A 106 ? N SER A 106 
AA1 4 5 N LEU A 105 ? N LEU A 105 O PHE A 136 ? O PHE A 136 
AA1 5 6 O VAL A 140 ? O VAL A 140 N VAL A 21  ? N VAL A 21  
AA1 6 7 O MET A 22  ? O MET A 22  N VAL A 6   ? N VAL A 6   
AA1 7 8 N LYS A 5   ? N LYS A 5   O LEU A 171 ? O LEU A 171 
# 
_atom_sites.entry_id                    1DYW 
_atom_sites.fract_transf_matrix[1][1]   -0.01285054 
_atom_sites.fract_transf_matrix[1][2]   -0.00225203 
_atom_sites.fract_transf_matrix[1][3]   0.01009994 
_atom_sites.fract_transf_matrix[2][1]   0.01025653 
_atom_sites.fract_transf_matrix[2][2]   -0.00063587 
_atom_sites.fract_transf_matrix[2][3]   0.01290799 
_atom_sites.fract_transf_matrix[3][1]   -0.00067570 
_atom_sites.fract_transf_matrix[3][2]   0.00803989 
_atom_sites.fract_transf_matrix[3][3]   0.00093296 
_atom_sites.fract_transf_vector[1]      0.852283 
_atom_sites.fract_transf_vector[2]      0.443975 
_atom_sites.fract_transf_vector[3]      0.128536 
# 
loop_
_atom_type.symbol 
C 
N 
O 
S 
# 
loop_
_atom_site.group_PDB 
_atom_site.id 
_atom_site.type_symbol 
_atom_site.label_atom_id 
_atom_site.label_alt_id 
_atom_site.label_comp_id 
_atom_site.label_asym_id 
_atom_site.label_entity_id 
_atom_site.label_seq_id 
_atom_site.pdbx_PDB_ins_code 
_atom_site.Cartn_x 
_atom_site.Cartn_y 
_atom_site.Cartn_z 
_atom_site.occupancy 
_atom_site.B_iso_or_equiv 
_atom_site.pdbx_formal_charge 
_atom_site.auth_seq_id 
_atom_site.auth_comp_id 
_atom_site.auth_asym_id 
_atom_site.auth_atom_id 
_atom_site.pdbx_PDB_model_num 
ATOM   1    N N   . MET A 1 1   ? -10.049 -13.706 10.868  1.00 78.43 ? 1   MET A N   1 
ATOM   2    C CA  . MET A 1 1   ? -9.566  -13.374 12.200  1.00 74.55 ? 1   MET A CA  1 
ATOM   3    C C   . MET A 1 1   ? -10.000 -11.972 12.621  1.00 75.35 ? 1   MET A C   1 
ATOM   4    O O   . MET A 1 1   ? -11.055 -11.478 12.224  1.00 80.78 ? 1   MET A O   1 
ATOM   5    C CB  . MET A 1 1   ? -8.041  -13.486 12.260  1.00 73.19 ? 1   MET A CB  1 
ATOM   6    C CG  . MET A 1 1   ? -7.361  -13.462 10.899  1.00 72.36 ? 1   MET A CG  1 
ATOM   7    S SD  . MET A 1 1   ? -5.614  -13.901 11.016  1.00 70.69 ? 1   MET A SD  1 
ATOM   8    C CE  . MET A 1 1   ? -5.567  -14.556 12.689  1.00 91.72 ? 1   MET A CE  1 
ATOM   9    N N   . SER A 1 2   ? -9.171  -11.341 13.441  1.00 74.22 ? 2   SER A N   1 
ATOM   10   C CA  . SER A 1 2   ? -9.386  -9.994  13.955  1.00 71.32 ? 2   SER A CA  1 
ATOM   11   C C   . SER A 1 2   ? -8.973  -8.951  12.926  1.00 63.39 ? 2   SER A C   1 
ATOM   12   O O   . SER A 1 2   ? -8.866  -9.246  11.732  1.00 72.06 ? 2   SER A O   1 
ATOM   13   C CB  . SER A 1 2   ? -8.607  -9.796  15.259  1.00 75.26 ? 2   SER A CB  1 
ATOM   14   O OG  . SER A 1 2   ? -8.680  -8.462  15.738  1.00 85.35 ? 2   SER A OG  1 
ATOM   15   N N   . ARG A 1 3   ? -8.744  -7.714  13.372  1.00 51.64 ? 3   ARG A N   1 
ATOM   16   C CA  . ARG A 1 3   ? -8.236  -6.715  12.434  1.00 37.30 ? 3   ARG A CA  1 
ATOM   17   C C   . ARG A 1 3   ? -7.054  -5.981  13.045  1.00 30.17 ? 3   ARG A C   1 
ATOM   18   O O   . ARG A 1 3   ? -7.153  -5.313  14.069  1.00 27.70 ? 3   ARG A O   1 
ATOM   19   C CB  . ARG A 1 3   ? -9.362  -5.768  12.031  1.00 34.61 ? 3   ARG A CB  1 
ATOM   20   C CG  . ARG A 1 3   ? -10.405 -6.527  11.218  1.00 32.84 ? 3   ARG A CG  1 
ATOM   21   C CD  . ARG A 1 3   ? -11.290 -5.586  10.418  1.00 31.50 ? 3   ARG A CD  1 
ATOM   22   N NE  . ARG A 1 3   ? -12.240 -6.379  9.640   1.00 31.92 ? 3   ARG A NE  1 
ATOM   23   C CZ  . ARG A 1 3   ? -13.345 -5.843  9.125   1.00 36.03 ? 3   ARG A CZ  1 
ATOM   24   N NH1 . ARG A 1 3   ? -13.585 -4.551  9.329   1.00 31.95 ? 3   ARG A NH1 1 
ATOM   25   N NH2 . ARG A 1 3   ? -14.178 -6.602  8.422   1.00 32.97 ? 3   ARG A NH2 1 
ATOM   26   N N   . SER A 1 4   ? -5.923  -6.157  12.367  1.00 27.23 ? 4   SER A N   1 
ATOM   27   C CA  . SER A 1 4   ? -4.678  -5.486  12.690  1.00 25.06 ? 4   SER A CA  1 
ATOM   28   C C   . SER A 1 4   ? -4.771  -4.008  12.324  1.00 23.52 ? 4   SER A C   1 
ATOM   29   O O   . SER A 1 4   ? -5.485  -3.622  11.384  1.00 23.80 ? 4   SER A O   1 
ATOM   30   C CB  . SER A 1 4   ? -3.493  -6.087  11.926  1.00 29.90 ? 4   SER A CB  1 
ATOM   31   O OG  . SER A 1 4   ? -3.486  -7.498  11.972  1.00 29.63 ? 4   SER A OG  1 
ATOM   32   N N   . LYS A 1 5   ? -4.047  -3.187  13.064  1.00 22.16 ? 5   LYS A N   1 
ATOM   33   C CA  . LYS A 1 5   ? -3.966  -1.761  12.762  1.00 25.65 ? 5   LYS A CA  1 
ATOM   34   C C   . LYS A 1 5   ? -2.479  -1.470  12.536  1.00 23.38 ? 5   LYS A C   1 
ATOM   35   O O   . LYS A 1 5   ? -1.632  -1.888  13.336  1.00 22.59 ? 5   LYS A O   1 
ATOM   36   C CB  . LYS A 1 5   ? -4.564  -0.883  13.848  1.00 30.79 ? 5   LYS A CB  1 
ATOM   37   C CG  . LYS A 1 5   ? -6.079  -0.816  13.853  1.00 35.14 ? 5   LYS A CG  1 
ATOM   38   C CD  . LYS A 1 5   ? -6.578  0.620   13.852  1.00 40.17 ? 5   LYS A CD  1 
ATOM   39   C CE  . LYS A 1 5   ? -6.992  1.088   15.236  1.00 41.99 ? 5   LYS A CE  1 
ATOM   40   N NZ  . LYS A 1 5   ? -5.803  1.429   16.076  1.00 49.62 ? 5   LYS A NZ  1 
ATOM   41   N N   . VAL A 1 6   ? -2.230  -0.795  11.425  1.00 18.67 ? 6   VAL A N   1 
ATOM   42   C CA  . VAL A 1 6   ? -0.858  -0.497  11.012  1.00 19.29 ? 6   VAL A CA  1 
ATOM   43   C C   . VAL A 1 6   ? -0.744  0.982   10.666  1.00 19.76 ? 6   VAL A C   1 
ATOM   44   O O   . VAL A 1 6   ? -1.772  1.663   10.537  1.00 20.74 ? 6   VAL A O   1 
ATOM   45   C CB  . VAL A 1 6   ? -0.400  -1.372  9.828   1.00 18.88 ? 6   VAL A CB  1 
ATOM   46   C CG1 . VAL A 1 6   ? -0.302  -2.855  10.225  1.00 17.18 ? 6   VAL A CG1 1 
ATOM   47   C CG2 . VAL A 1 6   ? -1.327  -1.228  8.635   1.00 19.40 ? 6   VAL A CG2 1 
ATOM   48   N N   . PHE A 1 7   ? 0.495   1.447   10.500  1.00 18.36 ? 7   PHE A N   1 
ATOM   49   C CA  . PHE A 1 7   ? 0.662   2.869   10.221  1.00 18.89 ? 7   PHE A CA  1 
ATOM   50   C C   . PHE A 1 7   ? 1.833   3.131   9.290   1.00 19.55 ? 7   PHE A C   1 
ATOM   51   O O   . PHE A 1 7   ? 2.750   2.318   9.183   1.00 18.24 ? 7   PHE A O   1 
ATOM   52   C CB  . PHE A 1 7   ? 0.892   3.634   11.528  1.00 16.50 ? 7   PHE A CB  1 
ATOM   53   C CG  . PHE A 1 7   ? 2.208   3.374   12.236  1.00 15.97 ? 7   PHE A CG  1 
ATOM   54   C CD1 . PHE A 1 7   ? 2.319   2.320   13.130  1.00 16.49 ? 7   PHE A CD1 1 
ATOM   55   C CD2 . PHE A 1 7   ? 3.328   4.166   12.030  1.00 19.60 ? 7   PHE A CD2 1 
ATOM   56   C CE1 . PHE A 1 7   ? 3.501   2.078   13.802  1.00 18.90 ? 7   PHE A CE1 1 
ATOM   57   C CE2 . PHE A 1 7   ? 4.517   3.933   12.695  1.00 23.21 ? 7   PHE A CE2 1 
ATOM   58   C CZ  . PHE A 1 7   ? 4.607   2.869   13.590  1.00 22.30 ? 7   PHE A CZ  1 
ATOM   59   N N   . PHE A 1 8   ? 1.776   4.310   8.686   1.00 18.11 ? 8   PHE A N   1 
ATOM   60   C CA  . PHE A 1 8   ? 2.843   4.937   7.934   1.00 16.44 ? 8   PHE A CA  1 
ATOM   61   C C   . PHE A 1 8   ? 3.076   6.328   8.542   1.00 18.75 ? 8   PHE A C   1 
ATOM   62   O O   . PHE A 1 8   ? 2.081   7.048   8.697   1.00 20.01 ? 8   PHE A O   1 
ATOM   63   C CB  . PHE A 1 8   ? 2.523   5.095   6.452   1.00 16.85 ? 8   PHE A CB  1 
ATOM   64   C CG  . PHE A 1 8   ? 2.304   3.863   5.597   1.00 16.80 ? 8   PHE A CG  1 
ATOM   65   C CD1 . PHE A 1 8   ? 2.823   2.627   5.944   1.00 14.62 ? 8   PHE A CD1 1 
ATOM   66   C CD2 . PHE A 1 8   ? 1.560   3.953   4.432   1.00 17.49 ? 8   PHE A CD2 1 
ATOM   67   C CE1 . PHE A 1 8   ? 2.596   1.521   5.153   1.00 15.73 ? 8   PHE A CE1 1 
ATOM   68   C CE2 . PHE A 1 8   ? 1.329   2.846   3.633   1.00 18.72 ? 8   PHE A CE2 1 
ATOM   69   C CZ  . PHE A 1 8   ? 1.857   1.620   3.993   1.00 15.94 ? 8   PHE A CZ  1 
ATOM   70   N N   . ASP A 1 9   ? 4.314   6.676   8.843   1.00 19.29 ? 9   ASP A N   1 
ATOM   71   C CA  . ASP A 1 9   ? 4.650   8.084   9.102   1.00 21.59 ? 9   ASP A CA  1 
ATOM   72   C C   . ASP A 1 9   ? 5.214   8.637   7.796   1.00 19.12 ? 9   ASP A C   1 
ATOM   73   O O   . ASP A 1 9   ? 6.112   8.017   7.225   1.00 18.95 ? 9   ASP A O   1 
ATOM   74   C CB  . ASP A 1 9   ? 5.633   8.324   10.241  1.00 19.46 ? 9   ASP A CB  1 
ATOM   75   C CG  . ASP A 1 9   ? 4.957   7.947   11.558  1.00 19.50 ? 9   ASP A CG  1 
ATOM   76   O OD1 . ASP A 1 9   ? 3.749   8.209   11.663  1.00 22.57 ? 9   ASP A OD1 1 
ATOM   77   O OD2 . ASP A 1 9   ? 5.657   7.369   12.400  1.00 23.38 ? 9   ASP A OD2 1 
ATOM   78   N N   . ILE A 1 10  ? 4.660   9.752   7.336   1.00 15.97 ? 10  ILE A N   1 
ATOM   79   C CA  . ILE A 1 10  ? 5.012   10.200  6.000   1.00 16.80 ? 10  ILE A CA  1 
ATOM   80   C C   . ILE A 1 10  ? 5.884   11.446  6.004   1.00 19.71 ? 10  ILE A C   1 
ATOM   81   O O   . ILE A 1 10  ? 5.636   12.368  6.802   1.00 18.35 ? 10  ILE A O   1 
ATOM   82   C CB  . ILE A 1 10  ? 3.715   10.487  5.195   1.00 18.61 ? 10  ILE A CB  1 
ATOM   83   C CG1 . ILE A 1 10  ? 2.811   9.263   4.982   1.00 20.21 ? 10  ILE A CG1 1 
ATOM   84   C CG2 . ILE A 1 10  ? 4.031   11.174  3.871   1.00 18.23 ? 10  ILE A CG2 1 
ATOM   85   C CD1 . ILE A 1 10  ? 3.501   8.044   4.401   1.00 17.33 ? 10  ILE A CD1 1 
ATOM   86   N N   . THR A 1 11  ? 6.862   11.465  5.096   1.00 19.71 ? 11  THR A N   1 
ATOM   87   C CA  . THR A 1 11  ? 7.546   12.724  4.820   1.00 19.94 ? 11  THR A CA  1 
ATOM   88   C C   . THR A 1 11  ? 7.296   13.114  3.361   1.00 22.05 ? 11  THR A C   1 
ATOM   89   O O   . THR A 1 11  ? 7.173   12.275  2.461   1.00 17.39 ? 11  THR A O   1 
ATOM   90   C CB  . THR A 1 11  ? 9.063   12.720  5.089   1.00 18.56 ? 11  THR A CB  1 
ATOM   91   O OG1 . THR A 1 11  ? 9.698   11.710  4.285   1.00 22.23 ? 11  THR A OG1 1 
ATOM   92   C CG2 . THR A 1 11  ? 9.333   12.421  6.558   1.00 19.10 ? 11  THR A CG2 1 
ATOM   93   N N   . ILE A 1 12  ? 7.236   14.433  3.137   1.00 19.00 ? 12  ILE A N   1 
ATOM   94   C CA  . ILE A 1 12  ? 7.073   14.938  1.778   1.00 16.89 ? 12  ILE A CA  1 
ATOM   95   C C   . ILE A 1 12  ? 8.180   15.948  1.541   1.00 19.54 ? 12  ILE A C   1 
ATOM   96   O O   . ILE A 1 12  ? 8.241   16.932  2.290   1.00 18.90 ? 12  ILE A O   1 
ATOM   97   C CB  . ILE A 1 12  ? 5.686   15.561  1.572   1.00 20.47 ? 12  ILE A CB  1 
ATOM   98   C CG1 . ILE A 1 12  ? 4.543   14.575  1.815   1.00 19.67 ? 12  ILE A CG1 1 
ATOM   99   C CG2 . ILE A 1 12  ? 5.617   16.207  0.198   1.00 23.48 ? 12  ILE A CG2 1 
ATOM   100  C CD1 . ILE A 1 12  ? 3.127   15.102  1.742   1.00 18.11 ? 12  ILE A CD1 1 
ATOM   101  N N   . GLY A 1 13  ? 8.995   15.615  0.551   1.00 20.80 ? 13  GLY A N   1 
ATOM   102  C CA  . GLY A 1 13  ? 10.233  16.327  0.306   1.00 22.38 ? 13  GLY A CA  1 
ATOM   103  C C   . GLY A 1 13  ? 11.066  16.457  1.574   1.00 24.90 ? 13  GLY A C   1 
ATOM   104  O O   . GLY A 1 13  ? 11.690  17.504  1.778   1.00 23.04 ? 13  GLY A O   1 
ATOM   105  N N   . GLY A 1 14  ? 11.117  15.438  2.418   1.00 26.19 ? 14  GLY A N   1 
ATOM   106  C CA  . GLY A 1 14  ? 11.881  15.405  3.650   1.00 24.23 ? 14  GLY A CA  1 
ATOM   107  C C   . GLY A 1 14  ? 11.123  15.967  4.832   1.00 26.54 ? 14  GLY A C   1 
ATOM   108  O O   . GLY A 1 14  ? 11.560  15.866  5.988   1.00 29.31 ? 14  GLY A O   1 
ATOM   109  N N   . LYS A 1 15  ? 9.948   16.573  4.610   1.00 24.15 ? 15  LYS A N   1 
ATOM   110  C CA  . LYS A 1 15  ? 9.260   17.155  5.763   1.00 27.00 ? 15  LYS A CA  1 
ATOM   111  C C   . LYS A 1 15  ? 8.192   16.239  6.342   1.00 21.69 ? 15  LYS A C   1 
ATOM   112  O O   . LYS A 1 15  ? 7.304   15.764  5.633   1.00 22.94 ? 15  LYS A O   1 
ATOM   113  C CB  . LYS A 1 15  ? 8.613   18.497  5.380   1.00 34.63 ? 15  LYS A CB  1 
ATOM   114  C CG  . LYS A 1 15  ? 8.583   19.539  6.479   1.00 42.63 ? 15  LYS A CG  1 
ATOM   115  C CD  . LYS A 1 15  ? 7.582   19.231  7.581   1.00 48.90 ? 15  LYS A CD  1 
ATOM   116  C CE  . LYS A 1 15  ? 7.634   20.273  8.694   1.00 52.93 ? 15  LYS A CE  1 
ATOM   117  N NZ  . LYS A 1 15  ? 8.930   21.015  8.687   1.00 56.78 ? 15  LYS A NZ  1 
ATOM   118  N N   . ALA A 1 16  ? 8.281   16.042  7.654   1.00 20.89 ? 16  ALA A N   1 
ATOM   119  C CA  . ALA A 1 16  ? 7.287   15.254  8.375   1.00 23.28 ? 16  ALA A CA  1 
ATOM   120  C C   . ALA A 1 16  ? 5.875   15.760  8.101   1.00 26.33 ? 16  ALA A C   1 
ATOM   121  O O   . ALA A 1 16  ? 5.594   16.946  8.289   1.00 20.91 ? 16  ALA A O   1 
ATOM   122  C CB  . ALA A 1 16  ? 7.609   15.261  9.866   1.00 27.31 ? 16  ALA A CB  1 
ATOM   123  N N   . SER A 1 17  ? 4.966   14.899  7.648   1.00 23.71 ? 17  SER A N   1 
ATOM   124  C CA  . SER A 1 17  ? 3.650   15.322  7.205   1.00 19.96 ? 17  SER A CA  1 
ATOM   125  C C   . SER A 1 17  ? 2.536   14.570  7.903   1.00 19.03 ? 17  SER A C   1 
ATOM   126  O O   . SER A 1 17  ? 1.377   14.726  7.527   1.00 21.42 ? 17  SER A O   1 
ATOM   127  C CB  . SER A 1 17  ? 3.521   15.150  5.685   1.00 19.54 ? 17  SER A CB  1 
ATOM   128  O OG  . SER A 1 17  ? 4.638   15.718  5.012   1.00 17.83 ? 17  SER A OG  1 
ATOM   129  N N   . GLY A 1 18  ? 2.836   13.763  8.916   1.00 19.94 ? 18  GLY A N   1 
ATOM   130  C CA  . GLY A 1 18  ? 1.774   13.119  9.675   1.00 20.30 ? 18  GLY A CA  1 
ATOM   131  C C   . GLY A 1 18  ? 1.716   11.616  9.487   1.00 20.55 ? 18  GLY A C   1 
ATOM   132  O O   . GLY A 1 18  ? 2.474   11.027  8.716   1.00 20.94 ? 18  GLY A O   1 
ATOM   133  N N   . ARG A 1 19  ? 0.798   10.980  10.190  1.00 19.64 ? 19  ARG A N   1 
ATOM   134  C CA  . ARG A 1 19  ? 0.651   9.530   10.177  1.00 20.96 ? 19  ARG A CA  1 
ATOM   135  C C   . ARG A 1 19  ? -0.653  9.076   9.538   1.00 21.40 ? 19  ARG A C   1 
ATOM   136  O O   . ARG A 1 19  ? -1.731  9.605   9.844   1.00 20.73 ? 19  ARG A O   1 
ATOM   137  C CB  . ARG A 1 19  ? 0.746   9.004   11.627  1.00 20.44 ? 19  ARG A CB  1 
ATOM   138  C CG  . ARG A 1 19  ? 0.268   7.565   11.778  1.00 18.37 ? 19  ARG A CG  1 
ATOM   139  C CD  . ARG A 1 19  ? 0.532   7.053   13.187  1.00 16.60 ? 19  ARG A CD  1 
ATOM   140  N NE  . ARG A 1 19  ? 1.973   7.075   13.449  1.00 18.33 ? 19  ARG A NE  1 
ATOM   141  C CZ  . ARG A 1 19  ? 2.545   6.567   14.533  1.00 19.82 ? 19  ARG A CZ  1 
ATOM   142  N NH1 . ARG A 1 19  ? 1.818   5.981   15.488  1.00 20.11 ? 19  ARG A NH1 1 
ATOM   143  N NH2 . ARG A 1 19  ? 3.864   6.645   14.672  1.00 22.78 ? 19  ARG A NH2 1 
ATOM   144  N N   . ILE A 1 20  ? -0.578  8.086   8.652   1.00 17.32 ? 20  ILE A N   1 
ATOM   145  C CA  . ILE A 1 20  ? -1.704  7.366   8.091   1.00 17.29 ? 20  ILE A CA  1 
ATOM   146  C C   . ILE A 1 20  ? -1.899  6.060   8.877   1.00 19.85 ? 20  ILE A C   1 
ATOM   147  O O   . ILE A 1 20  ? -0.961  5.265   8.923   1.00 19.34 ? 20  ILE A O   1 
ATOM   148  C CB  . ILE A 1 20  ? -1.489  7.002   6.616   1.00 19.56 ? 20  ILE A CB  1 
ATOM   149  C CG1 . ILE A 1 20  ? -1.229  8.216   5.720   1.00 19.72 ? 20  ILE A CG1 1 
ATOM   150  C CG2 . ILE A 1 20  ? -2.655  6.179   6.073   1.00 22.28 ? 20  ILE A CG2 1 
ATOM   151  C CD1 . ILE A 1 20  ? -0.730  7.940   4.326   1.00 14.04 ? 20  ILE A CD1 1 
ATOM   152  N N   . VAL A 1 21  ? -3.059  5.856   9.477   1.00 18.86 ? 21  VAL A N   1 
ATOM   153  C CA  . VAL A 1 21  ? -3.361  4.659   10.256  1.00 18.99 ? 21  VAL A CA  1 
ATOM   154  C C   . VAL A 1 21  ? -4.352  3.833   9.452   1.00 19.52 ? 21  VAL A C   1 
ATOM   155  O O   . VAL A 1 21  ? -5.359  4.322   8.931   1.00 19.12 ? 21  VAL A O   1 
ATOM   156  C CB  . VAL A 1 21  ? -3.883  4.972   11.664  1.00 18.82 ? 21  VAL A CB  1 
ATOM   157  C CG1 . VAL A 1 21  ? -4.354  3.712   12.388  1.00 17.72 ? 21  VAL A CG1 1 
ATOM   158  C CG2 . VAL A 1 21  ? -2.800  5.644   12.515  1.00 18.24 ? 21  VAL A CG2 1 
ATOM   159  N N   . MET A 1 22  ? -4.036  2.536   9.297   1.00 19.53 ? 22  MET A N   1 
ATOM   160  C CA  . MET A 1 22  ? -4.895  1.695   8.463   1.00 18.47 ? 22  MET A CA  1 
ATOM   161  C C   . MET A 1 22  ? -5.415  0.506   9.273   1.00 17.42 ? 22  MET A C   1 
ATOM   162  O O   . MET A 1 22  ? -4.739  -0.034  10.154  1.00 20.57 ? 22  MET A O   1 
ATOM   163  C CB  . MET A 1 22  ? -4.144  1.235   7.224   1.00 17.60 ? 22  MET A CB  1 
ATOM   164  C CG  . MET A 1 22  ? -3.849  2.292   6.171   1.00 17.25 ? 22  MET A CG  1 
ATOM   165  S SD  . MET A 1 22  ? -2.255  2.059   5.368   1.00 18.66 ? 22  MET A SD  1 
ATOM   166  C CE  . MET A 1 22  ? -1.107  2.459   6.684   1.00 10.63 ? 22  MET A CE  1 
ATOM   167  N N   . GLU A 1 23  ? -6.645  0.122   8.974   1.00 17.00 ? 23  GLU A N   1 
ATOM   168  C CA  . GLU A 1 23  ? -7.222  -1.093  9.534   1.00 18.06 ? 23  GLU A CA  1 
ATOM   169  C C   . GLU A 1 23  ? -7.182  -2.171  8.462   1.00 19.49 ? 23  GLU A C   1 
ATOM   170  O O   . GLU A 1 23  ? -7.600  -1.925  7.328   1.00 19.30 ? 23  GLU A O   1 
ATOM   171  C CB  . GLU A 1 23  ? -8.647  -0.856  10.006  1.00 22.36 ? 23  GLU A CB  1 
ATOM   172  C CG  . GLU A 1 23  ? -9.356  -2.129  10.451  1.00 26.58 ? 23  GLU A CG  1 
ATOM   173  C CD  . GLU A 1 23  ? -10.813 -1.849  10.793  1.00 28.64 ? 23  GLU A CD  1 
ATOM   174  O OE1 . GLU A 1 23  ? -11.661 -1.925  9.884   1.00 30.61 ? 23  GLU A OE1 1 
ATOM   175  O OE2 . GLU A 1 23  ? -11.064 -1.551  11.970  1.00 32.11 ? 23  GLU A OE2 1 
ATOM   176  N N   . LEU A 1 24  ? -6.683  -3.364  8.788   1.00 19.51 ? 24  LEU A N   1 
ATOM   177  C CA  . LEU A 1 24  ? -6.668  -4.396  7.756   1.00 18.00 ? 24  LEU A CA  1 
ATOM   178  C C   . LEU A 1 24  ? -7.817  -5.374  7.959   1.00 22.13 ? 24  LEU A C   1 
ATOM   179  O O   . LEU A 1 24  ? -8.292  -5.544  9.084   1.00 26.23 ? 24  LEU A O   1 
ATOM   180  C CB  . LEU A 1 24  ? -5.323  -5.114  7.743   1.00 18.58 ? 24  LEU A CB  1 
ATOM   181  C CG  . LEU A 1 24  ? -4.074  -4.237  7.701   1.00 18.83 ? 24  LEU A CG  1 
ATOM   182  C CD1 . LEU A 1 24  ? -2.805  -5.098  7.733   1.00 17.74 ? 24  LEU A CD1 1 
ATOM   183  C CD2 . LEU A 1 24  ? -4.086  -3.358  6.455   1.00 20.41 ? 24  LEU A CD2 1 
ATOM   184  N N   . TYR A 1 25  ? -8.246  -5.999  6.867   1.00 21.56 ? 25  TYR A N   1 
ATOM   185  C CA  . TYR A 1 25  ? -9.336  -6.972  6.984   1.00 23.51 ? 25  TYR A CA  1 
ATOM   186  C C   . TYR A 1 25  ? -8.856  -8.410  7.174   1.00 24.43 ? 25  TYR A C   1 
ATOM   187  O O   . TYR A 1 25  ? -9.085  -9.207  6.264   1.00 27.34 ? 25  TYR A O   1 
ATOM   188  C CB  . TYR A 1 25  ? -10.212 -6.885  5.727   1.00 22.08 ? 25  TYR A CB  1 
ATOM   189  C CG  . TYR A 1 25  ? -10.797 -5.501  5.526   1.00 25.53 ? 25  TYR A CG  1 
ATOM   190  C CD1 . TYR A 1 25  ? -11.115 -4.681  6.603   1.00 29.18 ? 25  TYR A CD1 1 
ATOM   191  C CD2 . TYR A 1 25  ? -11.032 -4.997  4.253   1.00 26.15 ? 25  TYR A CD2 1 
ATOM   192  C CE1 . TYR A 1 25  ? -11.652 -3.412  6.448   1.00 28.22 ? 25  TYR A CE1 1 
ATOM   193  C CE2 . TYR A 1 25  ? -11.567 -3.731  4.094   1.00 25.55 ? 25  TYR A CE2 1 
ATOM   194  C CZ  . TYR A 1 25  ? -11.878 -2.932  5.175   1.00 26.37 ? 25  TYR A CZ  1 
ATOM   195  O OH  . TYR A 1 25  ? -12.410 -1.668  4.982   1.00 28.55 ? 25  TYR A OH  1 
ATOM   196  N N   . ASP A 1 26  ? -8.232  -8.766  8.289   1.00 26.96 ? 26  ASP A N   1 
ATOM   197  C CA  . ASP A 1 26  ? -7.657  -10.075 8.558   1.00 28.01 ? 26  ASP A CA  1 
ATOM   198  C C   . ASP A 1 26  ? -8.723  -11.172 8.562   1.00 28.78 ? 26  ASP A C   1 
ATOM   199  O O   . ASP A 1 26  ? -8.425  -12.324 8.252   1.00 26.70 ? 26  ASP A O   1 
ATOM   200  C CB  . ASP A 1 26  ? -6.939  -10.147 9.913   1.00 25.45 ? 26  ASP A CB  1 
ATOM   201  C CG  . ASP A 1 26  ? -5.837  -9.129  10.069  1.00 26.80 ? 26  ASP A CG  1 
ATOM   202  O OD1 . ASP A 1 26  ? -6.110  -7.941  9.817   1.00 33.68 ? 26  ASP A OD1 1 
ATOM   203  O OD2 . ASP A 1 26  ? -4.695  -9.451  10.444  1.00 33.92 ? 26  ASP A OD2 1 
ATOM   204  N N   . ASP A 1 27  ? -9.924  -10.750 8.936   1.00 27.98 ? 27  ASP A N   1 
ATOM   205  C CA  . ASP A 1 27  ? -11.082 -11.634 8.961   1.00 29.68 ? 27  ASP A CA  1 
ATOM   206  C C   . ASP A 1 27  ? -11.554 -11.995 7.560   1.00 31.57 ? 27  ASP A C   1 
ATOM   207  O O   . ASP A 1 27  ? -12.131 -13.055 7.323   1.00 38.55 ? 27  ASP A O   1 
ATOM   208  C CB  . ASP A 1 27  ? -12.232 -10.996 9.736   1.00 34.11 ? 27  ASP A CB  1 
ATOM   209  C CG  . ASP A 1 27  ? -12.495 -9.544  9.419   1.00 36.71 ? 27  ASP A CG  1 
ATOM   210  O OD1 . ASP A 1 27  ? -11.607 -8.842  8.897   1.00 30.17 ? 27  ASP A OD1 1 
ATOM   211  O OD2 . ASP A 1 27  ? -13.618 -9.079  9.712   1.00 44.78 ? 27  ASP A OD2 1 
ATOM   212  N N   . VAL A 1 28  ? -11.320 -11.137 6.574   1.00 31.27 ? 28  VAL A N   1 
ATOM   213  C CA  . VAL A 1 28  ? -11.816 -11.397 5.227   1.00 28.66 ? 28  VAL A CA  1 
ATOM   214  C C   . VAL A 1 28  ? -10.761 -11.956 4.289   1.00 25.76 ? 28  VAL A C   1 
ATOM   215  O O   . VAL A 1 28  ? -11.025 -12.834 3.470   1.00 24.89 ? 28  VAL A O   1 
ATOM   216  C CB  . VAL A 1 28  ? -12.356 -10.068 4.641   1.00 30.83 ? 28  VAL A CB  1 
ATOM   217  C CG1 . VAL A 1 28  ? -12.971 -10.340 3.279   1.00 30.40 ? 28  VAL A CG1 1 
ATOM   218  C CG2 . VAL A 1 28  ? -13.323 -9.413  5.613   1.00 33.27 ? 28  VAL A CG2 1 
ATOM   219  N N   . VAL A 1 29  ? -9.540  -11.425 4.380   1.00 22.35 ? 29  VAL A N   1 
ATOM   220  C CA  . VAL A 1 29  ? -8.455  -11.786 3.474   1.00 21.28 ? 29  VAL A CA  1 
ATOM   221  C C   . VAL A 1 29  ? -7.201  -11.954 4.332   1.00 24.83 ? 29  VAL A C   1 
ATOM   222  O O   . VAL A 1 29  ? -6.275  -11.153 4.293   1.00 25.07 ? 29  VAL A O   1 
ATOM   223  C CB  . VAL A 1 29  ? -8.178  -10.778 2.344   1.00 20.26 ? 29  VAL A CB  1 
ATOM   224  C CG1 . VAL A 1 29  ? -9.083  -11.013 1.136   1.00 19.48 ? 29  VAL A CG1 1 
ATOM   225  C CG2 . VAL A 1 29  ? -8.371  -9.338  2.793   1.00 22.94 ? 29  VAL A CG2 1 
ATOM   226  N N   . PRO A 1 30  ? -7.202  -13.008 5.139   1.00 26.11 ? 30  PRO A N   1 
ATOM   227  C CA  . PRO A 1 30  ? -6.092  -13.248 6.066   1.00 23.50 ? 30  PRO A CA  1 
ATOM   228  C C   . PRO A 1 30  ? -4.732  -13.311 5.394   1.00 21.35 ? 30  PRO A C   1 
ATOM   229  O O   . PRO A 1 30  ? -3.749  -12.764 5.929   1.00 20.67 ? 30  PRO A O   1 
ATOM   230  C CB  . PRO A 1 30  ? -6.448  -14.597 6.700   1.00 26.75 ? 30  PRO A CB  1 
ATOM   231  C CG  . PRO A 1 30  ? -7.581  -15.161 5.906   1.00 25.81 ? 30  PRO A CG  1 
ATOM   232  C CD  . PRO A 1 30  ? -8.273  -14.013 5.231   1.00 25.94 ? 30  PRO A CD  1 
ATOM   233  N N   . LYS A 1 31  ? -4.600  -13.953 4.244   1.00 22.69 ? 31  LYS A N   1 
ATOM   234  C CA  . LYS A 1 31  ? -3.304  -14.095 3.590   1.00 21.07 ? 31  LYS A CA  1 
ATOM   235  C C   . LYS A 1 31  ? -2.811  -12.762 3.043   1.00 22.47 ? 31  LYS A C   1 
ATOM   236  O O   . LYS A 1 31  ? -1.630  -12.424 3.086   1.00 19.47 ? 31  LYS A O   1 
ATOM   237  C CB  . LYS A 1 31  ? -3.405  -15.123 2.459   1.00 21.11 ? 31  LYS A CB  1 
ATOM   238  C CG  . LYS A 1 31  ? -2.063  -15.553 1.896   1.00 22.63 ? 31  LYS A CG  1 
ATOM   239  C CD  . LYS A 1 31  ? -2.216  -16.511 0.715   1.00 23.62 ? 31  LYS A CD  1 
ATOM   240  C CE  . LYS A 1 31  ? -0.839  -17.067 0.340   1.00 23.34 ? 31  LYS A CE  1 
ATOM   241  N NZ  . LYS A 1 31  ? -0.869  -17.881 -0.900  1.00 27.40 ? 31  LYS A NZ  1 
ATOM   242  N N   . THR A 1 32  ? -3.769  -11.995 2.516   1.00 22.68 ? 32  THR A N   1 
ATOM   243  C CA  . THR A 1 32  ? -3.395  -10.711 1.924   1.00 19.54 ? 32  THR A CA  1 
ATOM   244  C C   . THR A 1 32  ? -3.085  -9.689  3.018   1.00 19.82 ? 32  THR A C   1 
ATOM   245  O O   . THR A 1 32  ? -2.099  -8.944  2.923   1.00 19.39 ? 32  THR A O   1 
ATOM   246  C CB  . THR A 1 32  ? -4.502  -10.216 0.991   1.00 19.94 ? 32  THR A CB  1 
ATOM   247  O OG1 . THR A 1 32  ? -4.758  -11.183 -0.039  1.00 20.17 ? 32  THR A OG1 1 
ATOM   248  C CG2 . THR A 1 32  ? -4.068  -8.936  0.266   1.00 20.32 ? 32  THR A CG2 1 
ATOM   249  N N   . ALA A 1 33  ? -3.911  -9.608  4.049   1.00 19.81 ? 33  ALA A N   1 
ATOM   250  C CA  . ALA A 1 33  ? -3.700  -8.695  5.162   1.00 16.05 ? 33  ALA A CA  1 
ATOM   251  C C   . ALA A 1 33  ? -2.406  -9.028  5.902   1.00 20.44 ? 33  ALA A C   1 
ATOM   252  O O   . ALA A 1 33  ? -1.722  -8.121  6.381   1.00 20.18 ? 33  ALA A O   1 
ATOM   253  C CB  . ALA A 1 33  ? -4.837  -8.762  6.160   1.00 18.15 ? 33  ALA A CB  1 
ATOM   254  N N   . GLY A 1 34  ? -2.118  -10.337 5.976   1.00 18.49 ? 34  GLY A N   1 
ATOM   255  C CA  . GLY A 1 34  ? -0.924  -10.768 6.692   1.00 18.45 ? 34  GLY A CA  1 
ATOM   256  C C   . GLY A 1 34  ? 0.337   -10.305 5.995   1.00 19.23 ? 34  GLY A C   1 
ATOM   257  O O   . GLY A 1 34  ? 1.297   -9.877  6.640   1.00 18.98 ? 34  GLY A O   1 
ATOM   258  N N   . ASN A 1 35  ? 0.367   -10.397 4.667   1.00 18.06 ? 35  ASN A N   1 
ATOM   259  C CA  . ASN A 1 35  ? 1.483   -9.902  3.873   1.00 16.65 ? 35  ASN A CA  1 
ATOM   260  C C   . ASN A 1 35  ? 1.720   -8.415  4.145   1.00 18.27 ? 35  ASN A C   1 
ATOM   261  O O   . ASN A 1 35  ? 2.842   -7.976  4.407   1.00 17.87 ? 35  ASN A O   1 
ATOM   262  C CB  . ASN A 1 35  ? 1.178   -10.141 2.395   1.00 17.66 ? 35  ASN A CB  1 
ATOM   263  C CG  . ASN A 1 35  ? 2.286   -9.755  1.450   1.00 20.44 ? 35  ASN A CG  1 
ATOM   264  O OD1 . ASN A 1 35  ? 3.435   -10.177 1.570   1.00 21.44 ? 35  ASN A OD1 1 
ATOM   265  N ND2 . ASN A 1 35  ? 1.914   -8.908  0.488   1.00 19.45 ? 35  ASN A ND2 1 
ATOM   266  N N   . PHE A 1 36  ? 0.643   -7.635  4.069   1.00 16.29 ? 36  PHE A N   1 
ATOM   267  C CA  . PHE A 1 36  ? 0.766   -6.188  4.285   1.00 16.62 ? 36  PHE A CA  1 
ATOM   268  C C   . PHE A 1 36  ? 1.263   -5.899  5.695   1.00 14.31 ? 36  PHE A C   1 
ATOM   269  O O   . PHE A 1 36  ? 2.167   -5.061  5.874   1.00 17.77 ? 36  PHE A O   1 
ATOM   270  C CB  . PHE A 1 36  ? -0.570  -5.503  3.979   1.00 14.43 ? 36  PHE A CB  1 
ATOM   271  C CG  . PHE A 1 36  ? -0.414  -3.987  3.839   1.00 18.82 ? 36  PHE A CG  1 
ATOM   272  C CD1 . PHE A 1 36  ? 0.027   -3.427  2.654   1.00 18.24 ? 36  PHE A CD1 1 
ATOM   273  C CD2 . PHE A 1 36  ? -0.715  -3.170  4.911   1.00 17.39 ? 36  PHE A CD2 1 
ATOM   274  C CE1 . PHE A 1 36  ? 0.140   -2.053  2.552   1.00 19.48 ? 36  PHE A CE1 1 
ATOM   275  C CE2 . PHE A 1 36  ? -0.613  -1.795  4.809   1.00 18.91 ? 36  PHE A CE2 1 
ATOM   276  C CZ  . PHE A 1 36  ? -0.189  -1.236  3.619   1.00 16.96 ? 36  PHE A CZ  1 
ATOM   277  N N   . ARG A 1 37  ? 0.702   -6.565  6.692   1.00 15.81 ? 37  ARG A N   1 
ATOM   278  C CA  . ARG A 1 37  ? 1.086   -6.353  8.092   1.00 19.53 ? 37  ARG A CA  1 
ATOM   279  C C   . ARG A 1 37  ? 2.563   -6.631  8.291   1.00 16.63 ? 37  ARG A C   1 
ATOM   280  O O   . ARG A 1 37  ? 3.331   -5.846  8.862   1.00 12.45 ? 37  ARG A O   1 
ATOM   281  C CB  . ARG A 1 37  ? 0.227   -7.220  9.023   1.00 22.36 ? 37  ARG A CB  1 
ATOM   282  C CG  . ARG A 1 37  ? 0.454   -7.003  10.514  1.00 23.66 ? 37  ARG A CG  1 
ATOM   283  C CD  . ARG A 1 37  ? -0.115  -8.200  11.312  1.00 24.36 ? 37  ARG A CD  1 
ATOM   284  N NE  . ARG A 1 37  ? 0.670   -9.361  10.870  1.00 26.06 ? 37  ARG A NE  1 
ATOM   285  C CZ  . ARG A 1 37  ? 1.892   -9.664  11.297  1.00 25.06 ? 37  ARG A CZ  1 
ATOM   286  N NH1 . ARG A 1 37  ? 2.502   -8.916  12.206  1.00 17.77 ? 37  ARG A NH1 1 
ATOM   287  N NH2 . ARG A 1 37  ? 2.498   -10.742 10.799  1.00 21.58 ? 37  ARG A NH2 1 
ATOM   288  N N   . ALA A 1 38  ? 3.037   -7.785  7.809   1.00 17.80 ? 38  ALA A N   1 
ATOM   289  C CA  . ALA A 1 38  ? 4.450   -8.122  7.987   1.00 13.90 ? 38  ALA A CA  1 
ATOM   290  C C   . ALA A 1 38  ? 5.364   -7.164  7.235   1.00 16.92 ? 38  ALA A C   1 
ATOM   291  O O   . ALA A 1 38  ? 6.511   -6.936  7.591   1.00 15.55 ? 38  ALA A O   1 
ATOM   292  C CB  . ALA A 1 38  ? 4.713   -9.547  7.523   1.00 14.30 ? 38  ALA A CB  1 
ATOM   293  N N   . LEU A 1 39  ? 4.878   -6.587  6.126   1.00 18.76 ? 39  LEU A N   1 
ATOM   294  C CA  . LEU A 1 39  ? 5.718   -5.653  5.378   1.00 16.26 ? 39  LEU A CA  1 
ATOM   295  C C   . LEU A 1 39  ? 5.751   -4.304  6.121   1.00 16.07 ? 39  LEU A C   1 
ATOM   296  O O   . LEU A 1 39  ? 6.692   -3.558  5.909   1.00 15.53 ? 39  LEU A O   1 
ATOM   297  C CB  . LEU A 1 39  ? 5.239   -5.484  3.945   1.00 16.84 ? 39  LEU A CB  1 
ATOM   298  C CG  . LEU A 1 39  ? 5.346   -6.731  3.052   1.00 18.68 ? 39  LEU A CG  1 
ATOM   299  C CD1 . LEU A 1 39  ? 4.626   -6.489  1.729   1.00 18.70 ? 39  LEU A CD1 1 
ATOM   300  C CD2 . LEU A 1 39  ? 6.808   -7.098  2.834   1.00 17.17 ? 39  LEU A CD2 1 
ATOM   301  N N   . CYS A 1 40  ? 4.776   -4.035  6.973   1.00 17.37 ? 40  CYS A N   1 
ATOM   302  C CA  . CYS A 1 40  ? 4.810   -2.857  7.842   1.00 17.30 ? 40  CYS A CA  1 
ATOM   303  C C   . CYS A 1 40  ? 5.795   -3.018  8.991   1.00 17.10 ? 40  CYS A C   1 
ATOM   304  O O   . CYS A 1 40  ? 6.473   -2.032  9.315   1.00 17.96 ? 40  CYS A O   1 
ATOM   305  C CB  . CYS A 1 40  ? 3.404   -2.560  8.376   1.00 14.59 ? 40  CYS A CB  1 
ATOM   306  S SG  . CYS A 1 40  ? 2.308   -1.880  7.105   1.00 18.39 ? 40  CYS A SG  1 
ATOM   307  N N   . THR A 1 41  ? 5.889   -4.209  9.588   1.00 16.99 ? 41  THR A N   1 
ATOM   308  C CA  . THR A 1 41  ? 6.780   -4.454  10.711  1.00 15.19 ? 41  THR A CA  1 
ATOM   309  C C   . THR A 1 41  ? 8.196   -4.822  10.267  1.00 17.23 ? 41  THR A C   1 
ATOM   310  O O   . THR A 1 41  ? 9.127   -4.670  11.072  1.00 17.86 ? 41  THR A O   1 
ATOM   311  C CB  . THR A 1 41  ? 6.332   -5.592  11.653  1.00 16.23 ? 41  THR A CB  1 
ATOM   312  O OG1 . THR A 1 41  ? 6.372   -6.816  10.903  1.00 15.69 ? 41  THR A OG1 1 
ATOM   313  C CG2 . THR A 1 41  ? 4.919   -5.422  12.158  1.00 17.55 ? 41  THR A CG2 1 
ATOM   314  N N   . GLY A 1 42  ? 8.363   -5.308  9.038   1.00 16.14 ? 42  GLY A N   1 
ATOM   315  C CA  . GLY A 1 42  ? 9.631   -5.782  8.507   1.00 13.39 ? 42  GLY A CA  1 
ATOM   316  C C   . GLY A 1 42  ? 10.054  -7.128  9.110   1.00 16.65 ? 42  GLY A C   1 
ATOM   317  O O   . GLY A 1 42  ? 11.203  -7.536  8.892   1.00 19.85 ? 42  GLY A O   1 
ATOM   318  N N   . GLU A 1 43  ? 9.178   -7.811  9.836   1.00 15.51 ? 43  GLU A N   1 
ATOM   319  C CA  . GLU A 1 43  ? 9.521   -9.004  10.612  1.00 16.07 ? 43  GLU A CA  1 
ATOM   320  C C   . GLU A 1 43  ? 9.968   -10.205 9.782   1.00 18.05 ? 43  GLU A C   1 
ATOM   321  O O   . GLU A 1 43  ? 10.535  -11.119 10.403  1.00 17.89 ? 43  GLU A O   1 
ATOM   322  C CB  . GLU A 1 43  ? 8.323   -9.410  11.476  1.00 16.35 ? 43  GLU A CB  1 
ATOM   323  C CG  . GLU A 1 43  ? 7.173   -9.990  10.657  1.00 18.32 ? 43  GLU A CG  1 
ATOM   324  C CD  . GLU A 1 43  ? 5.888   -10.071 11.441  1.00 21.80 ? 43  GLU A CD  1 
ATOM   325  O OE1 . GLU A 1 43  ? 5.405   -9.050  11.978  1.00 19.82 ? 43  GLU A OE1 1 
ATOM   326  O OE2 . GLU A 1 43  ? 5.333   -11.190 11.532  1.00 25.65 ? 43  GLU A OE2 1 
ATOM   327  N N   . ASN A 1 44  ? 9.745   -10.277 8.471   1.00 15.95 ? 44  ASN A N   1 
ATOM   328  C CA  . ASN A 1 44  ? 10.339  -11.405 7.716   1.00 17.62 ? 44  ASN A CA  1 
ATOM   329  C C   . ASN A 1 44  ? 11.678  -11.049 7.099   1.00 16.67 ? 44  ASN A C   1 
ATOM   330  O O   . ASN A 1 44  ? 12.237  -11.721 6.229   1.00 13.67 ? 44  ASN A O   1 
ATOM   331  C CB  . ASN A 1 44  ? 9.334   -11.928 6.670   1.00 17.31 ? 44  ASN A CB  1 
ATOM   332  C CG  . ASN A 1 44  ? 8.292   -12.797 7.372   1.00 20.27 ? 44  ASN A CG  1 
ATOM   333  O OD1 . ASN A 1 44  ? 7.102   -12.465 7.418   1.00 22.55 ? 44  ASN A OD1 1 
ATOM   334  N ND2 . ASN A 1 44  ? 8.713   -13.923 7.963   1.00 19.87 ? 44  ASN A ND2 1 
ATOM   335  N N   . GLY A 1 45  ? 12.300  -9.942  7.547   1.00 15.01 ? 45  GLY A N   1 
ATOM   336  C CA  . GLY A 1 45  ? 13.668  -9.666  7.189   1.00 12.52 ? 45  GLY A CA  1 
ATOM   337  C C   . GLY A 1 45  ? 13.939  -9.508  5.721   1.00 15.23 ? 45  GLY A C   1 
ATOM   338  O O   . GLY A 1 45  ? 13.184  -8.861  5.010   1.00 21.34 ? 45  GLY A O   1 
ATOM   339  N N   . ILE A 1 46  ? 15.031  -10.092 5.257   1.00 15.56 ? 46  ILE A N   1 
ATOM   340  C CA  . ILE A 1 46  ? 15.498  -10.015 3.888   1.00 15.51 ? 46  ILE A CA  1 
ATOM   341  C C   . ILE A 1 46  ? 14.774  -11.069 3.041   1.00 20.30 ? 46  ILE A C   1 
ATOM   342  O O   . ILE A 1 46  ? 14.670  -12.222 3.442   1.00 22.19 ? 46  ILE A O   1 
ATOM   343  C CB  . ILE A 1 46  ? 17.019  -10.166 3.827   1.00 15.95 ? 46  ILE A CB  1 
ATOM   344  C CG1 . ILE A 1 46  ? 17.748  -9.080  4.633   1.00 19.81 ? 46  ILE A CG1 1 
ATOM   345  C CG2 . ILE A 1 46  ? 17.559  -10.150 2.405   1.00 16.47 ? 46  ILE A CG2 1 
ATOM   346  C CD1 . ILE A 1 46  ? 17.610  -7.743  3.904   1.00 16.08 ? 46  ILE A CD1 1 
ATOM   347  N N   . GLY A 1 47  ? 14.263  -10.621 1.906   1.00 20.80 ? 47  GLY A N   1 
ATOM   348  C CA  . GLY A 1 47  ? 13.552  -11.396 0.919   1.00 20.46 ? 47  GLY A CA  1 
ATOM   349  C C   . GLY A 1 47  ? 14.463  -11.965 -0.152  1.00 20.77 ? 47  GLY A C   1 
ATOM   350  O O   . GLY A 1 47  ? 15.669  -11.738 -0.155  1.00 19.50 ? 47  GLY A O   1 
ATOM   351  N N   . LYS A 1 48  ? 13.859  -12.706 -1.083  1.00 23.62 ? 48  LYS A N   1 
ATOM   352  C CA  . LYS A 1 48  ? 14.634  -13.408 -2.108  1.00 28.56 ? 48  LYS A CA  1 
ATOM   353  C C   . LYS A 1 48  ? 15.439  -12.401 -2.912  1.00 26.80 ? 48  LYS A C   1 
ATOM   354  O O   . LYS A 1 48  ? 16.496  -12.751 -3.440  1.00 25.12 ? 48  LYS A O   1 
ATOM   355  C CB  . LYS A 1 48  ? 13.721  -14.265 -2.991  1.00 33.04 ? 48  LYS A CB  1 
ATOM   356  C CG  . LYS A 1 48  ? 13.214  -15.541 -2.338  1.00 39.02 ? 48  LYS A CG  1 
ATOM   357  C CD  . LYS A 1 48  ? 13.645  -15.685 -0.891  1.00 41.12 ? 48  LYS A CD  1 
ATOM   358  C CE  . LYS A 1 48  ? 14.462  -16.902 -0.553  1.00 42.04 ? 48  LYS A CE  1 
ATOM   359  N NZ  . LYS A 1 48  ? 15.249  -17.521 -1.660  1.00 25.21 ? 48  LYS A NZ  1 
ATOM   360  N N   . SER A 1 49  ? 14.967  -11.152 -2.991  1.00 23.99 ? 49  SER A N   1 
ATOM   361  C CA  . SER A 1 49  ? 15.652  -10.116 -3.744  1.00 23.19 ? 49  SER A CA  1 
ATOM   362  C C   . SER A 1 49  ? 16.921  -9.605  -3.074  1.00 23.69 ? 49  SER A C   1 
ATOM   363  O O   . SER A 1 49  ? 17.709  -8.897  -3.725  1.00 26.24 ? 49  SER A O   1 
ATOM   364  C CB  . SER A 1 49  ? 14.742  -8.898  -3.995  1.00 28.37 ? 49  SER A CB  1 
ATOM   365  O OG  . SER A 1 49  ? 14.684  -8.088  -2.827  1.00 31.99 ? 49  SER A OG  1 
ATOM   366  N N   . GLY A 1 50  ? 17.131  -9.930  -1.804  1.00 23.45 ? 50  GLY A N   1 
ATOM   367  C CA  . GLY A 1 50  ? 18.289  -9.418  -1.092  1.00 21.78 ? 50  GLY A CA  1 
ATOM   368  C C   . GLY A 1 50  ? 18.033  -8.101  -0.375  1.00 24.01 ? 50  GLY A C   1 
ATOM   369  O O   . GLY A 1 50  ? 18.916  -7.616  0.351   1.00 22.64 ? 50  GLY A O   1 
ATOM   370  N N   . LYS A 1 51  ? 16.841  -7.545  -0.571  1.00 24.82 ? 51  LYS A N   1 
ATOM   371  C CA  . LYS A 1 51  ? 16.405  -6.321  0.098   1.00 24.40 ? 51  LYS A CA  1 
ATOM   372  C C   . LYS A 1 51  ? 15.396  -6.611  1.188   1.00 19.82 ? 51  LYS A C   1 
ATOM   373  O O   . LYS A 1 51  ? 14.645  -7.587  1.134   1.00 21.88 ? 51  LYS A O   1 
ATOM   374  C CB  . LYS A 1 51  ? 15.738  -5.350  -0.878  1.00 25.78 ? 51  LYS A CB  1 
ATOM   375  C CG  . LYS A 1 51  ? 16.453  -5.298  -2.210  1.00 32.15 ? 51  LYS A CG  1 
ATOM   376  C CD  . LYS A 1 51  ? 17.651  -4.375  -2.127  1.00 37.82 ? 51  LYS A CD  1 
ATOM   377  C CE  . LYS A 1 51  ? 17.427  -3.183  -3.058  1.00 45.35 ? 51  LYS A CE  1 
ATOM   378  N NZ  . LYS A 1 51  ? 16.797  -2.031  -2.340  1.00 55.62 ? 51  LYS A NZ  1 
ATOM   379  N N   . PRO A 1 52  ? 15.345  -5.727  2.183   1.00 19.96 ? 52  PRO A N   1 
ATOM   380  C CA  . PRO A 1 52  ? 14.339  -5.892  3.238   1.00 18.58 ? 52  PRO A CA  1 
ATOM   381  C C   . PRO A 1 52  ? 12.905  -5.940  2.721   1.00 19.08 ? 52  PRO A C   1 
ATOM   382  O O   . PRO A 1 52  ? 12.479  -5.139  1.882   1.00 18.66 ? 52  PRO A O   1 
ATOM   383  C CB  . PRO A 1 52  ? 14.546  -4.647  4.108   1.00 15.18 ? 52  PRO A CB  1 
ATOM   384  C CG  . PRO A 1 52  ? 15.969  -4.279  3.862   1.00 15.08 ? 52  PRO A CG  1 
ATOM   385  C CD  . PRO A 1 52  ? 16.202  -4.547  2.392   1.00 18.13 ? 52  PRO A CD  1 
ATOM   386  N N   . LEU A 1 53  ? 12.166  -6.917  3.261   1.00 17.21 ? 53  LEU A N   1 
ATOM   387  C CA  . LEU A 1 53  ? 10.729  -7.068  3.092   1.00 17.55 ? 53  LEU A CA  1 
ATOM   388  C C   . LEU A 1 53  ? 10.019  -6.106  4.047   1.00 18.66 ? 53  LEU A C   1 
ATOM   389  O O   . LEU A 1 53  ? 9.393   -6.448  5.046   1.00 15.34 ? 53  LEU A O   1 
ATOM   390  C CB  . LEU A 1 53  ? 10.313  -8.514  3.330   1.00 19.29 ? 53  LEU A CB  1 
ATOM   391  C CG  . LEU A 1 53  ? 10.810  -9.562  2.323   1.00 18.51 ? 53  LEU A CG  1 
ATOM   392  C CD1 . LEU A 1 53  ? 10.607  -10.967 2.891   1.00 17.13 ? 53  LEU A CD1 1 
ATOM   393  C CD2 . LEU A 1 53  ? 10.092  -9.411  0.997   1.00 22.73 ? 53  LEU A CD2 1 
ATOM   394  N N   . HIS A 1 54  ? 10.147  -4.808  3.718   1.00 20.15 ? 54  HIS A N   1 
ATOM   395  C CA  . HIS A 1 54  ? 9.766   -3.731  4.625   1.00 17.45 ? 54  HIS A CA  1 
ATOM   396  C C   . HIS A 1 54  ? 9.436   -2.461  3.859   1.00 14.58 ? 54  HIS A C   1 
ATOM   397  O O   . HIS A 1 54  ? 10.229  -2.090  2.988   1.00 18.03 ? 54  HIS A O   1 
ATOM   398  C CB  . HIS A 1 54  ? 10.941  -3.469  5.575   1.00 19.94 ? 54  HIS A CB  1 
ATOM   399  C CG  . HIS A 1 54  ? 10.665  -2.770  6.864   1.00 17.52 ? 54  HIS A CG  1 
ATOM   400  N ND1 . HIS A 1 54  ? 11.551  -2.198  7.726   1.00 15.31 ? 54  HIS A ND1 1 
ATOM   401  C CD2 . HIS A 1 54  ? 9.433   -2.570  7.438   1.00 17.82 ? 54  HIS A CD2 1 
ATOM   402  C CE1 . HIS A 1 54  ? 10.836  -1.680  8.780   1.00 17.67 ? 54  HIS A CE1 1 
ATOM   403  N NE2 . HIS A 1 54  ? 9.556   -1.918  8.582   1.00 13.49 ? 54  HIS A NE2 1 
ATOM   404  N N   . PHE A 1 55  ? 8.305   -1.842  4.175   1.00 15.93 ? 55  PHE A N   1 
ATOM   405  C CA  . PHE A 1 55  ? 7.902   -0.599  3.511   1.00 17.68 ? 55  PHE A CA  1 
ATOM   406  C C   . PHE A 1 55  ? 8.709   0.602   4.019   1.00 19.11 ? 55  PHE A C   1 
ATOM   407  O O   . PHE A 1 55  ? 8.654   1.688   3.416   1.00 16.36 ? 55  PHE A O   1 
ATOM   408  C CB  . PHE A 1 55  ? 6.409   -0.316  3.724   1.00 15.01 ? 55  PHE A CB  1 
ATOM   409  C CG  . PHE A 1 55  ? 5.425   -1.222  3.000   1.00 14.79 ? 55  PHE A CG  1 
ATOM   410  C CD1 . PHE A 1 55  ? 5.634   -1.641  1.698   1.00 16.55 ? 55  PHE A CD1 1 
ATOM   411  C CD2 . PHE A 1 55  ? 4.282   -1.649  3.666   1.00 18.34 ? 55  PHE A CD2 1 
ATOM   412  C CE1 . PHE A 1 55  ? 4.743   -2.472  1.043   1.00 17.17 ? 55  PHE A CE1 1 
ATOM   413  C CE2 . PHE A 1 55  ? 3.376   -2.474  3.016   1.00 16.26 ? 55  PHE A CE2 1 
ATOM   414  C CZ  . PHE A 1 55  ? 3.595   -2.872  1.712   1.00 15.77 ? 55  PHE A CZ  1 
ATOM   415  N N   . LYS A 1 56  ? 9.460   0.449   5.111   1.00 18.34 ? 56  LYS A N   1 
ATOM   416  C CA  . LYS A 1 56  ? 10.183  1.614   5.646   1.00 19.56 ? 56  LYS A CA  1 
ATOM   417  C C   . LYS A 1 56  ? 11.258  2.110   4.690   1.00 20.91 ? 56  LYS A C   1 
ATOM   418  O O   . LYS A 1 56  ? 12.057  1.314   4.184   1.00 19.16 ? 56  LYS A O   1 
ATOM   419  C CB  . LYS A 1 56  ? 10.819  1.289   6.994   1.00 17.97 ? 56  LYS A CB  1 
ATOM   420  C CG  . LYS A 1 56  ? 11.624  2.445   7.586   1.00 18.68 ? 56  LYS A CG  1 
ATOM   421  C CD  . LYS A 1 56  ? 11.599  2.307   9.111   1.00 21.27 ? 56  LYS A CD  1 
ATOM   422  C CE  . LYS A 1 56  ? 12.688  3.137   9.760   1.00 22.79 ? 56  LYS A CE  1 
ATOM   423  N NZ  . LYS A 1 56  ? 12.819  2.796   11.203  1.00 23.97 ? 56  LYS A NZ  1 
ATOM   424  N N   . GLY A 1 57  ? 11.268  3.420   4.442   1.00 17.72 ? 57  GLY A N   1 
ATOM   425  C CA  . GLY A 1 57  ? 12.185  4.034   3.502   1.00 15.41 ? 57  GLY A CA  1 
ATOM   426  C C   . GLY A 1 57  ? 11.725  3.989   2.062   1.00 18.08 ? 57  GLY A C   1 
ATOM   427  O O   . GLY A 1 57  ? 12.359  4.632   1.205   1.00 19.23 ? 57  GLY A O   1 
ATOM   428  N N   . SER A 1 58  ? 10.650  3.285   1.715   1.00 14.22 ? 58  SER A N   1 
ATOM   429  C CA  . SER A 1 58  ? 10.225  3.268   0.327   1.00 15.27 ? 58  SER A CA  1 
ATOM   430  C C   . SER A 1 58  ? 9.343   4.487   0.034   1.00 18.19 ? 58  SER A C   1 
ATOM   431  O O   . SER A 1 58  ? 8.982   5.228   0.954   1.00 19.55 ? 58  SER A O   1 
ATOM   432  C CB  . SER A 1 58  ? 9.434   2.006   -0.010  1.00 13.43 ? 58  SER A CB  1 
ATOM   433  O OG  . SER A 1 58  ? 8.221   1.946   0.735   1.00 17.08 ? 58  SER A OG  1 
ATOM   434  N N   . LYS A 1 59  ? 8.979   4.691   -1.220  1.00 20.21 ? 59  LYS A N   1 
ATOM   435  C CA  . LYS A 1 59  ? 8.224   5.881   -1.592  1.00 21.32 ? 59  LYS A CA  1 
ATOM   436  C C   . LYS A 1 59  ? 6.919   5.552   -2.301  1.00 21.10 ? 59  LYS A C   1 
ATOM   437  O O   . LYS A 1 59  ? 6.686   4.435   -2.767  1.00 24.16 ? 59  LYS A O   1 
ATOM   438  C CB  . LYS A 1 59  ? 9.015   6.777   -2.560  1.00 22.99 ? 59  LYS A CB  1 
ATOM   439  C CG  . LYS A 1 59  ? 10.300  7.397   -2.051  1.00 29.96 ? 59  LYS A CG  1 
ATOM   440  C CD  . LYS A 1 59  ? 11.197  7.730   -3.254  1.00 38.23 ? 59  LYS A CD  1 
ATOM   441  C CE  . LYS A 1 59  ? 10.407  7.510   -4.541  1.00 45.62 ? 59  LYS A CE  1 
ATOM   442  N NZ  . LYS A 1 59  ? 11.214  7.691   -5.781  1.00 59.52 ? 59  LYS A NZ  1 
ATOM   443  N N   . PHE A 1 60  ? 6.085   6.591   -2.405  1.00 18.42 ? 60  PHE A N   1 
ATOM   444  C CA  . PHE A 1 60  ? 4.919   6.443   -3.274  1.00 19.74 ? 60  PHE A CA  1 
ATOM   445  C C   . PHE A 1 60  ? 5.414   6.844   -4.664  1.00 19.64 ? 60  PHE A C   1 
ATOM   446  O O   . PHE A 1 60  ? 5.493   8.038   -4.945  1.00 18.38 ? 60  PHE A O   1 
ATOM   447  C CB  . PHE A 1 60  ? 3.714   7.265   -2.811  1.00 21.05 ? 60  PHE A CB  1 
ATOM   448  C CG  . PHE A 1 60  ? 3.140   6.775   -1.475  1.00 20.27 ? 60  PHE A CG  1 
ATOM   449  C CD1 . PHE A 1 60  ? 2.275   5.700   -1.415  1.00 20.36 ? 60  PHE A CD1 1 
ATOM   450  C CD2 . PHE A 1 60  ? 3.477   7.400   -0.291  1.00 21.01 ? 60  PHE A CD2 1 
ATOM   451  C CE1 . PHE A 1 60  ? 1.765   5.253   -0.201  1.00 22.73 ? 60  PHE A CE1 1 
ATOM   452  C CE2 . PHE A 1 60  ? 2.978   6.961   0.925   1.00 20.82 ? 60  PHE A CE2 1 
ATOM   453  C CZ  . PHE A 1 60  ? 2.116   5.886   0.978   1.00 22.51 ? 60  PHE A CZ  1 
ATOM   454  N N   . HIS A 1 61  ? 5.774   5.876   -5.500  1.00 18.46 ? 61  HIS A N   1 
ATOM   455  C CA  . HIS A 1 61  ? 6.427   6.166   -6.768  1.00 18.14 ? 61  HIS A CA  1 
ATOM   456  C C   . HIS A 1 61  ? 5.448   6.602   -7.853  1.00 12.28 ? 61  HIS A C   1 
ATOM   457  O O   . HIS A 1 61  ? 5.870   7.188   -8.850  1.00 17.41 ? 61  HIS A O   1 
ATOM   458  C CB  . HIS A 1 61  ? 7.204   4.914   -7.258  1.00 17.62 ? 61  HIS A CB  1 
ATOM   459  C CG  . HIS A 1 61  ? 6.284   3.772   -7.563  1.00 16.76 ? 61  HIS A CG  1 
ATOM   460  N ND1 . HIS A 1 61  ? 5.876   2.867   -6.611  1.00 18.36 ? 61  HIS A ND1 1 
ATOM   461  C CD2 . HIS A 1 61  ? 5.676   3.393   -8.726  1.00 18.08 ? 61  HIS A CD2 1 
ATOM   462  C CE1 . HIS A 1 61  ? 5.067   1.983   -7.169  1.00 19.66 ? 61  HIS A CE1 1 
ATOM   463  N NE2 . HIS A 1 61  ? 4.931   2.277   -8.448  1.00 19.07 ? 61  HIS A NE2 1 
ATOM   464  N N   . ARG A 1 62  ? 4.174   6.325   -7.669  1.00 14.93 ? 62  ARG A N   1 
ATOM   465  C CA  . ARG A 1 62  ? 3.113   6.590   -8.628  1.00 16.52 ? 62  ARG A CA  1 
ATOM   466  C C   . ARG A 1 62  ? 1.882   7.158   -7.925  1.00 17.18 ? 62  ARG A C   1 
ATOM   467  O O   . ARG A 1 62  ? 1.247   6.488   -7.112  1.00 23.36 ? 62  ARG A O   1 
ATOM   468  C CB  . ARG A 1 62  ? 2.747   5.326   -9.413  1.00 16.53 ? 62  ARG A CB  1 
ATOM   469  C CG  . ARG A 1 62  ? 1.662   5.523   -10.457 1.00 18.98 ? 62  ARG A CG  1 
ATOM   470  C CD  . ARG A 1 62  ? 1.436   4.206   -11.199 1.00 24.50 ? 62  ARG A CD  1 
ATOM   471  N NE  . ARG A 1 62  ? 0.356   4.287   -12.169 1.00 26.01 ? 62  ARG A NE  1 
ATOM   472  C CZ  . ARG A 1 62  ? -0.695  3.489   -12.248 1.00 26.12 ? 62  ARG A CZ  1 
ATOM   473  N NH1 . ARG A 1 62  ? -0.881  2.482   -11.407 1.00 26.16 ? 62  ARG A NH1 1 
ATOM   474  N NH2 . ARG A 1 62  ? -1.595  3.708   -13.202 1.00 26.84 ? 62  ARG A NH2 1 
ATOM   475  N N   . ILE A 1 63  ? 1.597   8.413   -8.253  1.00 15.93 ? 63  ILE A N   1 
ATOM   476  C CA  . ILE A 1 63  ? 0.560   9.208   -7.599  1.00 15.30 ? 63  ILE A CA  1 
ATOM   477  C C   . ILE A 1 63  ? -0.217  9.920   -8.713  1.00 17.33 ? 63  ILE A C   1 
ATOM   478  O O   . ILE A 1 63  ? 0.339   10.734  -9.439  1.00 18.45 ? 63  ILE A O   1 
ATOM   479  C CB  . ILE A 1 63  ? 1.131   10.225  -6.602  1.00 15.74 ? 63  ILE A CB  1 
ATOM   480  C CG1 . ILE A 1 63  ? 2.084   9.642   -5.554  1.00 15.72 ? 63  ILE A CG1 1 
ATOM   481  C CG2 . ILE A 1 63  ? 0.052   11.014  -5.867  1.00 15.76 ? 63  ILE A CG2 1 
ATOM   482  C CD1 . ILE A 1 63  ? 2.883   10.681  -4.780  1.00 13.78 ? 63  ILE A CD1 1 
ATOM   483  N N   . ILE A 1 64  ? -1.480  9.569   -8.882  1.00 18.63 ? 64  ILE A N   1 
ATOM   484  C CA  . ILE A 1 64  ? -2.366  10.156  -9.882  1.00 19.58 ? 64  ILE A CA  1 
ATOM   485  C C   . ILE A 1 64  ? -3.534  10.885  -9.240  1.00 18.77 ? 64  ILE A C   1 
ATOM   486  O O   . ILE A 1 64  ? -4.349  10.308  -8.509  1.00 14.93 ? 64  ILE A O   1 
ATOM   487  C CB  . ILE A 1 64  ? -2.880  9.047   -10.805 1.00 17.58 ? 64  ILE A CB  1 
ATOM   488  C CG1 . ILE A 1 64  ? -1.733  8.294   -11.501 1.00 21.43 ? 64  ILE A CG1 1 
ATOM   489  C CG2 . ILE A 1 64  ? -3.879  9.589   -11.812 1.00 14.60 ? 64  ILE A CG2 1 
ATOM   490  C CD1 . ILE A 1 64  ? -2.247  7.114   -12.314 1.00 18.61 ? 64  ILE A CD1 1 
ATOM   491  N N   . PRO A 1 65  ? -3.656  12.197  -9.491  1.00 18.44 ? 65  PRO A N   1 
ATOM   492  C CA  . PRO A 1 65  ? -4.716  12.966  -8.844  1.00 17.67 ? 65  PRO A CA  1 
ATOM   493  C C   . PRO A 1 65  ? -6.090  12.388  -9.179  1.00 17.42 ? 65  PRO A C   1 
ATOM   494  O O   . PRO A 1 65  ? -6.280  12.003  -10.331 1.00 19.61 ? 65  PRO A O   1 
ATOM   495  C CB  . PRO A 1 65  ? -4.590  14.374  -9.437  1.00 16.14 ? 65  PRO A CB  1 
ATOM   496  C CG  . PRO A 1 65  ? -3.508  14.333  -10.440 1.00 18.80 ? 65  PRO A CG  1 
ATOM   497  C CD  . PRO A 1 65  ? -2.806  13.004  -10.377 1.00 17.64 ? 65  PRO A CD  1 
ATOM   498  N N   . ASN A 1 66  ? -6.981  12.363  -8.209  1.00 17.99 ? 66  ASN A N   1 
ATOM   499  C CA  . ASN A 1 66  ? -8.353  11.931  -8.322  1.00 18.65 ? 66  ASN A CA  1 
ATOM   500  C C   . ASN A 1 66  ? -8.455  10.446  -8.659  1.00 17.52 ? 66  ASN A C   1 
ATOM   501  O O   . ASN A 1 66  ? -9.407  10.055  -9.322  1.00 19.49 ? 66  ASN A O   1 
ATOM   502  C CB  . ASN A 1 66  ? -9.084  12.733  -9.408  1.00 23.39 ? 66  ASN A CB  1 
ATOM   503  C CG  . ASN A 1 66  ? -9.072  14.227  -9.082  1.00 25.23 ? 66  ASN A CG  1 
ATOM   504  O OD1 . ASN A 1 66  ? -9.817  14.674  -8.220  1.00 30.90 ? 66  ASN A OD1 1 
ATOM   505  N ND2 . ASN A 1 66  ? -8.209  14.950  -9.776  1.00 21.00 ? 66  ASN A ND2 1 
ATOM   506  N N   . PHE A 1 67  ? -7.456  9.704   -8.211  1.00 16.39 ? 67  PHE A N   1 
ATOM   507  C CA  . PHE A 1 67  ? -7.396  8.262   -8.466  1.00 17.75 ? 67  PHE A CA  1 
ATOM   508  C C   . PHE A 1 67  ? -6.841  7.584   -7.210  1.00 18.51 ? 67  PHE A C   1 
ATOM   509  O O   . PHE A 1 67  ? -7.641  7.061   -6.436  1.00 20.19 ? 67  PHE A O   1 
ATOM   510  C CB  . PHE A 1 67  ? -6.559  7.933   -9.686  1.00 18.09 ? 67  PHE A CB  1 
ATOM   511  C CG  . PHE A 1 67  ? -6.650  6.512   -10.213 1.00 21.00 ? 67  PHE A CG  1 
ATOM   512  C CD1 . PHE A 1 67  ? -7.441  5.513   -9.666  1.00 24.05 ? 67  PHE A CD1 1 
ATOM   513  C CD2 . PHE A 1 67  ? -5.894  6.183   -11.333 1.00 24.51 ? 67  PHE A CD2 1 
ATOM   514  C CE1 . PHE A 1 67  ? -7.499  4.220   -10.179 1.00 24.98 ? 67  PHE A CE1 1 
ATOM   515  C CE2 . PHE A 1 67  ? -5.937  4.898   -11.868 1.00 27.57 ? 67  PHE A CE2 1 
ATOM   516  C CZ  . PHE A 1 67  ? -6.739  3.921   -11.299 1.00 25.24 ? 67  PHE A CZ  1 
ATOM   517  N N   . MET A 1 68  ? -5.521  7.602   -7.062  1.00 16.93 ? 68  MET A N   1 
ATOM   518  C CA  . MET A 1 68  ? -4.942  6.859   -5.949  1.00 15.45 ? 68  MET A CA  1 
ATOM   519  C C   . MET A 1 68  ? -3.462  7.126   -5.792  1.00 13.31 ? 68  MET A C   1 
ATOM   520  O O   . MET A 1 68  ? -2.806  7.633   -6.705  1.00 19.64 ? 68  MET A O   1 
ATOM   521  C CB  . MET A 1 68  ? -5.175  5.348   -6.176  1.00 16.83 ? 68  MET A CB  1 
ATOM   522  C CG  . MET A 1 68  ? -4.632  4.836   -7.487  1.00 19.23 ? 68  MET A CG  1 
ATOM   523  S SD  . MET A 1 68  ? -2.871  4.481   -7.482  1.00 29.22 ? 68  MET A SD  1 
ATOM   524  C CE  . MET A 1 68  ? -2.322  5.252   -8.986  1.00 25.54 ? 68  MET A CE  1 
ATOM   525  N N   . ILE A 1 69  ? -2.941  6.751   -4.632  1.00 15.08 ? 69  ILE A N   1 
ATOM   526  C CA  . ILE A 1 69  ? -1.494  6.776   -4.434  1.00 16.38 ? 69  ILE A CA  1 
ATOM   527  C C   . ILE A 1 69  ? -0.987  5.337   -4.355  1.00 18.38 ? 69  ILE A C   1 
ATOM   528  O O   . ILE A 1 69  ? -1.608  4.516   -3.677  1.00 17.77 ? 69  ILE A O   1 
ATOM   529  C CB  . ILE A 1 69  ? -1.159  7.564   -3.168  1.00 19.49 ? 69  ILE A CB  1 
ATOM   530  C CG1 . ILE A 1 69  ? -1.716  6.989   -1.866  1.00 22.49 ? 69  ILE A CG1 1 
ATOM   531  C CG2 . ILE A 1 69  ? -1.650  9.008   -3.297  1.00 22.63 ? 69  ILE A CG2 1 
ATOM   532  C CD1 . ILE A 1 69  ? -1.193  7.662   -0.609  1.00 25.30 ? 69  ILE A CD1 1 
ATOM   533  N N   . GLN A 1 70  ? 0.111   5.041   -5.037  1.00 19.61 ? 70  GLN A N   1 
ATOM   534  C CA  . GLN A 1 70  ? 0.625   3.669   -5.034  1.00 19.20 ? 70  GLN A CA  1 
ATOM   535  C C   . GLN A 1 70  ? 2.080   3.574   -4.606  1.00 19.89 ? 70  GLN A C   1 
ATOM   536  O O   . GLN A 1 70  ? 2.930   4.369   -5.019  1.00 21.27 ? 70  GLN A O   1 
ATOM   537  C CB  . GLN A 1 70  ? 0.448   3.116   -6.444  1.00 21.90 ? 70  GLN A CB  1 
ATOM   538  C CG  . GLN A 1 70  ? 1.158   1.800   -6.705  1.00 25.72 ? 70  GLN A CG  1 
ATOM   539  C CD  . GLN A 1 70  ? 0.843   1.307   -8.111  1.00 28.74 ? 70  GLN A CD  1 
ATOM   540  O OE1 . GLN A 1 70  ? -0.095  1.783   -8.756  1.00 35.54 ? 70  GLN A OE1 1 
ATOM   541  N NE2 . GLN A 1 70  ? 1.623   0.349   -8.583  1.00 23.37 ? 70  GLN A NE2 1 
ATOM   542  N N   . GLY A 1 71  ? 2.385   2.590   -3.759  1.00 17.87 ? 71  GLY A N   1 
ATOM   543  C CA  . GLY A 1 71  ? 3.717   2.296   -3.297  1.00 16.00 ? 71  GLY A CA  1 
ATOM   544  C C   . GLY A 1 71  ? 3.984   0.812   -3.115  1.00 19.01 ? 71  GLY A C   1 
ATOM   545  O O   . GLY A 1 71  ? 3.291   -0.031  -3.686  1.00 20.00 ? 71  GLY A O   1 
ATOM   546  N N   . GLY A 1 72  ? 5.012   0.488   -2.317  1.00 18.37 ? 72  GLY A N   1 
ATOM   547  C CA  . GLY A 1 72  ? 5.320   -0.909  -2.067  1.00 18.47 ? 72  GLY A CA  1 
ATOM   548  C C   . GLY A 1 72  ? 6.447   -1.456  -2.912  1.00 18.40 ? 72  GLY A C   1 
ATOM   549  O O   . GLY A 1 72  ? 6.849   -2.624  -2.751  1.00 18.82 ? 72  GLY A O   1 
ATOM   550  N N   . ASP A 1 73  ? 7.004   -0.654  -3.826  1.00 15.70 ? 73  ASP A N   1 
ATOM   551  C CA  . ASP A 1 73  ? 8.140   -1.182  -4.584  1.00 17.21 ? 73  ASP A CA  1 
ATOM   552  C C   . ASP A 1 73  ? 9.440   -0.820  -3.881  1.00 20.34 ? 73  ASP A C   1 
ATOM   553  O O   . ASP A 1 73  ? 10.159  0.102   -4.270  1.00 22.03 ? 73  ASP A O   1 
ATOM   554  C CB  . ASP A 1 73  ? 8.159   -0.700  -6.030  1.00 17.22 ? 73  ASP A CB  1 
ATOM   555  C CG  . ASP A 1 73  ? 9.282   -1.301  -6.858  1.00 21.44 ? 73  ASP A CG  1 
ATOM   556  O OD1 . ASP A 1 73  ? 10.142  -2.018  -6.300  1.00 21.19 ? 73  ASP A OD1 1 
ATOM   557  O OD2 . ASP A 1 73  ? 9.327   -1.036  -8.090  1.00 21.33 ? 73  ASP A OD2 1 
ATOM   558  N N   . PHE A 1 74  ? 9.755   -1.620  -2.857  1.00 19.38 ? 74  PHE A N   1 
ATOM   559  C CA  . PHE A 1 74  ? 10.999  -1.474  -2.124  1.00 17.02 ? 74  PHE A CA  1 
ATOM   560  C C   . PHE A 1 74  ? 12.136  -2.238  -2.780  1.00 18.49 ? 74  PHE A C   1 
ATOM   561  O O   . PHE A 1 74  ? 13.249  -2.353  -2.251  1.00 22.72 ? 74  PHE A O   1 
ATOM   562  C CB  . PHE A 1 74  ? 10.789  -1.909  -0.670  1.00 20.04 ? 74  PHE A CB  1 
ATOM   563  C CG  . PHE A 1 74  ? 10.080  -3.239  -0.480  1.00 20.16 ? 74  PHE A CG  1 
ATOM   564  C CD1 . PHE A 1 74  ? 10.720  -4.441  -0.780  1.00 20.39 ? 74  PHE A CD1 1 
ATOM   565  C CD2 . PHE A 1 74  ? 8.784   -3.276  -0.002  1.00 20.09 ? 74  PHE A CD2 1 
ATOM   566  C CE1 . PHE A 1 74  ? 10.052  -5.646  -0.608  1.00 19.57 ? 74  PHE A CE1 1 
ATOM   567  C CE2 . PHE A 1 74  ? 8.113   -4.479  0.173   1.00 23.12 ? 74  PHE A CE2 1 
ATOM   568  C CZ  . PHE A 1 74  ? 8.762   -5.675  -0.131  1.00 20.46 ? 74  PHE A CZ  1 
ATOM   569  N N   . THR A 1 75  ? 11.967  -2.802  -3.976  1.00 18.32 ? 75  THR A N   1 
ATOM   570  C CA  . THR A 1 75  ? 13.184  -3.351  -4.583  1.00 21.17 ? 75  THR A CA  1 
ATOM   571  C C   . THR A 1 75  ? 13.600  -2.545  -5.804  1.00 23.68 ? 75  THR A C   1 
ATOM   572  O O   . THR A 1 75  ? 14.811  -2.438  -6.042  1.00 33.41 ? 75  THR A O   1 
ATOM   573  C CB  . THR A 1 75  ? 13.065  -4.832  -5.002  1.00 18.40 ? 75  THR A CB  1 
ATOM   574  O OG1 . THR A 1 75  ? 12.136  -4.909  -6.093  1.00 21.21 ? 75  THR A OG1 1 
ATOM   575  C CG2 . THR A 1 75  ? 12.532  -5.643  -3.844  1.00 16.46 ? 75  THR A CG2 1 
ATOM   576  N N   . ARG A 1 76  ? 12.687  -1.989  -6.593  1.00 26.01 ? 76  ARG A N   1 
ATOM   577  C CA  . ARG A 1 76  ? 13.152  -1.245  -7.774  1.00 28.56 ? 76  ARG A CA  1 
ATOM   578  C C   . ARG A 1 76  ? 12.754  0.224   -7.651  1.00 27.95 ? 76  ARG A C   1 
ATOM   579  O O   . ARG A 1 76  ? 13.347  1.082   -8.296  1.00 28.99 ? 76  ARG A O   1 
ATOM   580  C CB  . ARG A 1 76  ? 12.605  -1.843  -9.055  1.00 31.07 ? 76  ARG A CB  1 
ATOM   581  C CG  . ARG A 1 76  ? 13.245  -3.048  -9.681  1.00 39.90 ? 76  ARG A CG  1 
ATOM   582  C CD  . ARG A 1 76  ? 14.084  -3.918  -8.764  1.00 50.53 ? 76  ARG A CD  1 
ATOM   583  N NE  . ARG A 1 76  ? 13.374  -5.106  -8.315  1.00 56.89 ? 76  ARG A NE  1 
ATOM   584  C CZ  . ARG A 1 76  ? 13.803  -6.276  -7.873  1.00 58.61 ? 76  ARG A CZ  1 
ATOM   585  N NH1 . ARG A 1 76  ? 15.100  -6.554  -7.765  1.00 59.40 ? 76  ARG A NH1 1 
ATOM   586  N NH2 . ARG A 1 76  ? 12.903  -7.201  -7.518  1.00 53.22 ? 76  ARG A NH2 1 
ATOM   587  N N   . GLY A 1 77  ? 11.748  0.500   -6.837  1.00 26.55 ? 77  GLY A N   1 
ATOM   588  C CA  . GLY A 1 77  ? 11.235  1.820   -6.565  1.00 27.28 ? 77  GLY A CA  1 
ATOM   589  C C   . GLY A 1 77  ? 10.549  2.458   -7.754  1.00 28.52 ? 77  GLY A C   1 
ATOM   590  O O   . GLY A 1 77  ? 10.357  3.680   -7.771  1.00 30.76 ? 77  GLY A O   1 
ATOM   591  N N   . ASN A 1 78  ? 10.162  1.669   -8.756  1.00 27.48 ? 78  ASN A N   1 
ATOM   592  C CA  . ASN A 1 78  ? 9.633   2.304   -9.969  1.00 26.27 ? 78  ASN A CA  1 
ATOM   593  C C   . ASN A 1 78  ? 8.395   1.625   -10.519 1.00 24.52 ? 78  ASN A C   1 
ATOM   594  O O   . ASN A 1 78  ? 7.870   1.919   -11.597 1.00 24.03 ? 78  ASN A O   1 
ATOM   595  C CB  . ASN A 1 78  ? 10.755  2.327   -11.003 1.00 28.88 ? 78  ASN A CB  1 
ATOM   596  C CG  . ASN A 1 78  ? 11.258  0.964   -11.414 1.00 29.37 ? 78  ASN A CG  1 
ATOM   597  O OD1 . ASN A 1 78  ? 10.657  -0.071  -11.156 1.00 26.95 ? 78  ASN A OD1 1 
ATOM   598  N ND2 . ASN A 1 78  ? 12.402  0.945   -12.094 1.00 36.28 ? 78  ASN A ND2 1 
ATOM   599  N N   . GLY A 1 79  ? 7.835   0.666   -9.777  1.00 21.62 ? 79  GLY A N   1 
ATOM   600  C CA  . GLY A 1 79  ? 6.660   -0.010  -10.303 1.00 22.76 ? 79  GLY A CA  1 
ATOM   601  C C   . GLY A 1 79  ? 6.978   -1.372  -10.883 1.00 23.76 ? 79  GLY A C   1 
ATOM   602  O O   . GLY A 1 79  ? 6.081   -2.185  -11.125 1.00 31.06 ? 79  GLY A O   1 
ATOM   603  N N   . THR A 1 80  ? 8.261   -1.629  -11.112 1.00 23.27 ? 80  THR A N   1 
ATOM   604  C CA  . THR A 1 80  ? 8.631   -2.894  -11.748 1.00 25.12 ? 80  THR A CA  1 
ATOM   605  C C   . THR A 1 80  ? 9.034   -3.938  -10.720 1.00 25.64 ? 80  THR A C   1 
ATOM   606  O O   . THR A 1 80  ? 9.181   -5.111  -11.075 1.00 31.49 ? 80  THR A O   1 
ATOM   607  C CB  . THR A 1 80  ? 9.785   -2.716  -12.758 1.00 23.34 ? 80  THR A CB  1 
ATOM   608  O OG1 . THR A 1 80  ? 10.968  -2.281  -12.072 1.00 28.71 ? 80  THR A OG1 1 
ATOM   609  C CG2 . THR A 1 80  ? 9.401   -1.658  -13.782 1.00 22.74 ? 80  THR A CG2 1 
ATOM   610  N N   . GLY A 1 81  ? 9.209   -3.544  -9.457  1.00 23.18 ? 81  GLY A N   1 
ATOM   611  C CA  . GLY A 1 81  ? 9.670   -4.504  -8.465  1.00 17.84 ? 81  GLY A CA  1 
ATOM   612  C C   . GLY A 1 81  ? 8.686   -4.768  -7.343  1.00 17.42 ? 81  GLY A C   1 
ATOM   613  O O   . GLY A 1 81  ? 7.475   -4.802  -7.522  1.00 20.75 ? 81  GLY A O   1 
ATOM   614  N N   . GLY A 1 82  ? 9.222   -4.978  -6.138  1.00 18.57 ? 82  GLY A N   1 
ATOM   615  C CA  . GLY A 1 82  ? 8.405   -5.404  -5.013  1.00 19.90 ? 82  GLY A CA  1 
ATOM   616  C C   . GLY A 1 82  ? 8.453   -6.918  -4.849  1.00 24.03 ? 82  GLY A C   1 
ATOM   617  O O   . GLY A 1 82  ? 8.830   -7.633  -5.778  1.00 22.87 ? 82  GLY A O   1 
ATOM   618  N N   . GLU A 1 83  ? 8.068   -7.412  -3.674  1.00 23.43 ? 83  GLU A N   1 
ATOM   619  C CA  . GLU A 1 83  ? 8.053   -8.854  -3.412  1.00 22.42 ? 83  GLU A CA  1 
ATOM   620  C C   . GLU A 1 83  ? 7.175   -9.136  -2.208  1.00 19.76 ? 83  GLU A C   1 
ATOM   621  O O   . GLU A 1 83  ? 7.339   -8.473  -1.175  1.00 21.81 ? 83  GLU A O   1 
ATOM   622  C CB  . GLU A 1 83  ? 9.482   -9.362  -3.202  1.00 22.04 ? 83  GLU A CB  1 
ATOM   623  C CG  . GLU A 1 83  ? 9.572   -10.665 -2.431  1.00 21.91 ? 83  GLU A CG  1 
ATOM   624  C CD  . GLU A 1 83  ? 10.996  -11.096 -2.139  1.00 22.40 ? 83  GLU A CD  1 
ATOM   625  O OE1 . GLU A 1 83  ? 11.965  -10.374 -2.439  1.00 21.80 ? 83  GLU A OE1 1 
ATOM   626  O OE2 . GLU A 1 83  ? 11.171  -12.200 -1.573  1.00 26.63 ? 83  GLU A OE2 1 
ATOM   627  N N   . SER A 1 84  ? 6.241   -10.088 -2.283  1.00 13.23 ? 84  SER A N   1 
ATOM   628  C CA  . SER A 1 84  ? 5.490   -10.409 -1.082  1.00 12.13 ? 84  SER A CA  1 
ATOM   629  C C   . SER A 1 84  ? 6.353   -11.185 -0.094  1.00 14.34 ? 84  SER A C   1 
ATOM   630  O O   . SER A 1 84  ? 7.452   -11.655 -0.429  1.00 19.10 ? 84  SER A O   1 
ATOM   631  C CB  . SER A 1 84  ? 4.229   -11.223 -1.396  1.00 15.56 ? 84  SER A CB  1 
ATOM   632  O OG  . SER A 1 84  ? 4.579   -12.529 -1.812  1.00 23.46 ? 84  SER A OG  1 
ATOM   633  N N   . ILE A 1 85  ? 5.841   -11.348 1.118   1.00 13.86 ? 85  ILE A N   1 
ATOM   634  C CA  . ILE A 1 85  ? 6.602   -12.153 2.087   1.00 18.07 ? 85  ILE A CA  1 
ATOM   635  C C   . ILE A 1 85  ? 6.606   -13.620 1.638   1.00 19.31 ? 85  ILE A C   1 
ATOM   636  O O   . ILE A 1 85  ? 7.440   -14.387 2.101   1.00 20.96 ? 85  ILE A O   1 
ATOM   637  C CB  . ILE A 1 85  ? 6.052   -12.074 3.518   1.00 18.58 ? 85  ILE A CB  1 
ATOM   638  C CG1 . ILE A 1 85  ? 4.649   -12.644 3.686   1.00 15.69 ? 85  ILE A CG1 1 
ATOM   639  C CG2 . ILE A 1 85  ? 6.133   -10.643 4.033   1.00 16.35 ? 85  ILE A CG2 1 
ATOM   640  C CD1 . ILE A 1 85  ? 4.057   -12.614 5.068   1.00 17.16 ? 85  ILE A CD1 1 
ATOM   641  N N   . TYR A 1 86  ? 5.684   -13.984 0.753   1.00 18.25 ? 86  TYR A N   1 
ATOM   642  C CA  . TYR A 1 86  ? 5.568   -15.377 0.309   1.00 21.97 ? 86  TYR A CA  1 
ATOM   643  C C   . TYR A 1 86  ? 6.622   -15.716 -0.708  1.00 26.54 ? 86  TYR A C   1 
ATOM   644  O O   . TYR A 1 86  ? 6.915   -16.896 -0.908  1.00 28.05 ? 86  TYR A O   1 
ATOM   645  C CB  . TYR A 1 86  ? 4.153   -15.670 -0.213  1.00 20.24 ? 86  TYR A CB  1 
ATOM   646  C CG  . TYR A 1 86  ? 3.151   -15.248 0.847   1.00 18.62 ? 86  TYR A CG  1 
ATOM   647  C CD1 . TYR A 1 86  ? 3.163   -15.837 2.104   1.00 17.82 ? 86  TYR A CD1 1 
ATOM   648  C CD2 . TYR A 1 86  ? 2.223   -14.250 0.583   1.00 16.13 ? 86  TYR A CD2 1 
ATOM   649  C CE1 . TYR A 1 86  ? 2.264   -15.468 3.092   1.00 18.04 ? 86  TYR A CE1 1 
ATOM   650  C CE2 . TYR A 1 86  ? 1.325   -13.873 1.575   1.00 15.88 ? 86  TYR A CE2 1 
ATOM   651  C CZ  . TYR A 1 86  ? 1.345   -14.467 2.808   1.00 18.58 ? 86  TYR A CZ  1 
ATOM   652  O OH  . TYR A 1 86  ? 0.452   -14.089 3.772   1.00 19.37 ? 86  TYR A OH  1 
ATOM   653  N N   . GLY A 1 87  ? 7.277   -14.742 -1.343  1.00 30.09 ? 87  GLY A N   1 
ATOM   654  C CA  . GLY A 1 87  ? 8.425   -15.205 -2.106  1.00 37.85 ? 87  GLY A CA  1 
ATOM   655  C C   . GLY A 1 87  ? 8.506   -14.682 -3.518  1.00 47.52 ? 87  GLY A C   1 
ATOM   656  O O   . GLY A 1 87  ? 9.522   -14.967 -4.164  1.00 56.59 ? 87  GLY A O   1 
ATOM   657  N N   . GLU A 1 88  ? 7.491   -13.950 -3.954  1.00 52.24 ? 88  GLU A N   1 
ATOM   658  C CA  . GLU A 1 88  ? 7.511   -13.125 -5.153  1.00 57.26 ? 88  GLU A CA  1 
ATOM   659  C C   . GLU A 1 88  ? 6.108   -12.681 -5.601  1.00 54.38 ? 88  GLU A C   1 
ATOM   660  O O   . GLU A 1 88  ? 5.920   -11.455 -5.646  1.00 46.17 ? 88  GLU A O   1 
ATOM   661  C CB  . GLU A 1 88  ? 8.210   -13.799 -6.338  1.00 65.24 ? 88  GLU A CB  1 
ATOM   662  C CG  . GLU A 1 88  ? 8.708   -12.809 -7.385  1.00 72.50 ? 88  GLU A CG  1 
ATOM   663  C CD  . GLU A 1 88  ? 9.969   -13.279 -8.090  1.00 78.57 ? 88  GLU A CD  1 
ATOM   664  O OE1 . GLU A 1 88  ? 11.078  -13.012 -7.570  1.00 87.61 ? 88  GLU A OE1 1 
ATOM   665  O OE2 . GLU A 1 88  ? 9.853   -13.911 -9.166  1.00 82.59 ? 88  GLU A OE2 1 
ATOM   666  N N   . LYS A 1 89  ? 5.218   -13.630 -5.909  1.00 49.17 ? 89  LYS A N   1 
ATOM   667  C CA  . LYS A 1 89  ? 3.840   -13.365 -6.322  1.00 44.28 ? 89  LYS A CA  1 
ATOM   668  C C   . LYS A 1 89  ? 2.889   -14.387 -5.704  1.00 37.20 ? 89  LYS A C   1 
ATOM   669  O O   . LYS A 1 89  ? 3.282   -15.533 -5.487  1.00 45.39 ? 89  LYS A O   1 
ATOM   670  C CB  . LYS A 1 89  ? 3.662   -13.359 -7.845  1.00 46.95 ? 89  LYS A CB  1 
ATOM   671  C CG  . LYS A 1 89  ? 4.177   -12.120 -8.564  1.00 49.07 ? 89  LYS A CG  1 
ATOM   672  C CD  . LYS A 1 89  ? 4.057   -10.854 -7.724  1.00 50.70 ? 89  LYS A CD  1 
ATOM   673  C CE  . LYS A 1 89  ? 4.864   -9.693  -8.289  1.00 51.48 ? 89  LYS A CE  1 
ATOM   674  N NZ  . LYS A 1 89  ? 5.837   -9.131  -7.312  1.00 47.03 ? 89  LYS A NZ  1 
ATOM   675  N N   . PHE A 1 90  ? 1.659   -13.982 -5.417  1.00 27.20 ? 90  PHE A N   1 
ATOM   676  C CA  . PHE A 1 90  ? 0.667   -14.901 -4.857  1.00 27.86 ? 90  PHE A CA  1 
ATOM   677  C C   . PHE A 1 90  ? -0.696  -14.610 -5.487  1.00 28.88 ? 90  PHE A C   1 
ATOM   678  O O   . PHE A 1 90  ? -0.904  -13.549 -6.071  1.00 28.08 ? 90  PHE A O   1 
ATOM   679  C CB  . PHE A 1 90  ? 0.636   -14.852 -3.343  1.00 26.53 ? 90  PHE A CB  1 
ATOM   680  C CG  . PHE A 1 90  ? 0.166   -13.607 -2.630  1.00 24.03 ? 90  PHE A CG  1 
ATOM   681  C CD1 . PHE A 1 90  ? 1.011   -12.495 -2.561  1.00 19.83 ? 90  PHE A CD1 1 
ATOM   682  C CD2 . PHE A 1 90  ? -1.080  -13.563 -2.033  1.00 22.48 ? 90  PHE A CD2 1 
ATOM   683  C CE1 . PHE A 1 90  ? 0.546   -11.374 -1.884  1.00 20.03 ? 90  PHE A CE1 1 
ATOM   684  C CE2 . PHE A 1 90  ? -1.528  -12.431 -1.360  1.00 21.94 ? 90  PHE A CE2 1 
ATOM   685  C CZ  . PHE A 1 90  ? -0.693  -11.324 -1.278  1.00 20.01 ? 90  PHE A CZ  1 
ATOM   686  N N   . PRO A 1 91  ? -1.623  -15.550 -5.435  1.00 30.42 ? 91  PRO A N   1 
ATOM   687  C CA  . PRO A 1 91  ? -2.919  -15.405 -6.088  1.00 28.80 ? 91  PRO A CA  1 
ATOM   688  C C   . PRO A 1 91  ? -3.885  -14.495 -5.340  1.00 26.00 ? 91  PRO A C   1 
ATOM   689  O O   . PRO A 1 91  ? -3.736  -14.244 -4.155  1.00 26.58 ? 91  PRO A O   1 
ATOM   690  C CB  . PRO A 1 91  ? -3.512  -16.823 -6.046  1.00 33.36 ? 91  PRO A CB  1 
ATOM   691  C CG  . PRO A 1 91  ? -2.345  -17.713 -5.740  1.00 33.89 ? 91  PRO A CG  1 
ATOM   692  C CD  . PRO A 1 91  ? -1.507  -16.883 -4.791  1.00 35.13 ? 91  PRO A CD  1 
ATOM   693  N N   . ASP A 1 92  ? -4.863  -14.040 -6.117  1.00 23.09 ? 92  ASP A N   1 
ATOM   694  C CA  . ASP A 1 92  ? -5.964  -13.271 -5.579  1.00 24.81 ? 92  ASP A CA  1 
ATOM   695  C C   . ASP A 1 92  ? -6.722  -14.167 -4.608  1.00 26.37 ? 92  ASP A C   1 
ATOM   696  O O   . ASP A 1 92  ? -7.165  -15.241 -5.026  1.00 27.88 ? 92  ASP A O   1 
ATOM   697  C CB  . ASP A 1 92  ? -6.885  -12.774 -6.694  1.00 27.67 ? 92  ASP A CB  1 
ATOM   698  C CG  . ASP A 1 92  ? -6.155  -11.944 -7.727  1.00 31.69 ? 92  ASP A CG  1 
ATOM   699  O OD1 . ASP A 1 92  ? -5.383  -11.036 -7.329  1.00 27.70 ? 92  ASP A OD1 1 
ATOM   700  O OD2 . ASP A 1 92  ? -6.352  -12.202 -8.940  1.00 32.28 ? 92  ASP A OD2 1 
ATOM   701  N N   . GLU A 1 93  ? -6.844  -13.741 -3.372  1.00 25.78 ? 93  GLU A N   1 
ATOM   702  C CA  . GLU A 1 93  ? -7.412  -14.481 -2.256  1.00 25.83 ? 93  GLU A CA  1 
ATOM   703  C C   . GLU A 1 93  ? -8.931  -14.527 -2.338  1.00 30.30 ? 93  GLU A C   1 
ATOM   704  O O   . GLU A 1 93  ? -9.559  -15.570 -2.161  1.00 29.37 ? 93  GLU A O   1 
ATOM   705  C CB  . GLU A 1 93  ? -6.942  -13.856 -0.941  1.00 24.46 ? 93  GLU A CB  1 
ATOM   706  C CG  . GLU A 1 93  ? -7.492  -14.482 0.334   1.00 24.47 ? 93  GLU A CG  1 
ATOM   707  C CD  . GLU A 1 93  ? -6.644  -14.108 1.537   1.00 26.60 ? 93  GLU A CD  1 
ATOM   708  O OE1 . GLU A 1 93  ? -5.981  -13.046 1.490   1.00 26.07 ? 93  GLU A OE1 1 
ATOM   709  O OE2 . GLU A 1 93  ? -6.628  -14.849 2.543   1.00 23.79 ? 93  GLU A OE2 1 
ATOM   710  N N   . ASN A 1 94  ? -9.539  -13.382 -2.607  1.00 33.07 ? 94  ASN A N   1 
ATOM   711  C CA  . ASN A 1 94  ? -10.956 -13.217 -2.883  1.00 33.50 ? 94  ASN A CA  1 
ATOM   712  C C   . ASN A 1 94  ? -11.219 -11.741 -3.242  1.00 34.45 ? 94  ASN A C   1 
ATOM   713  O O   . ASN A 1 94  ? -10.304 -10.926 -3.112  1.00 27.76 ? 94  ASN A O   1 
ATOM   714  C CB  . ASN A 1 94  ? -11.849 -13.666 -1.743  1.00 32.91 ? 94  ASN A CB  1 
ATOM   715  C CG  . ASN A 1 94  ? -11.866 -12.781 -0.520  1.00 34.36 ? 94  ASN A CG  1 
ATOM   716  O OD1 . ASN A 1 94  ? -12.180 -11.587 -0.556  1.00 31.10 ? 94  ASN A OD1 1 
ATOM   717  N ND2 . ASN A 1 94  ? -11.524 -13.390 0.609   1.00 32.68 ? 94  ASN A ND2 1 
ATOM   718  N N   . PHE A 1 95  ? -12.445 -11.485 -3.681  1.00 32.16 ? 95  PHE A N   1 
ATOM   719  C CA  . PHE A 1 95  ? -12.877 -10.154 -4.102  1.00 28.17 ? 95  PHE A CA  1 
ATOM   720  C C   . PHE A 1 95  ? -14.090 -9.706  -3.313  1.00 28.48 ? 95  PHE A C   1 
ATOM   721  O O   . PHE A 1 95  ? -14.913 -8.927  -3.778  1.00 32.57 ? 95  PHE A O   1 
ATOM   722  C CB  . PHE A 1 95  ? -13.161 -10.166 -5.604  1.00 25.29 ? 95  PHE A CB  1 
ATOM   723  C CG  . PHE A 1 95  ? -11.894 -10.275 -6.430  1.00 24.15 ? 95  PHE A CG  1 
ATOM   724  C CD1 . PHE A 1 95  ? -10.948 -9.263  -6.418  1.00 24.88 ? 95  PHE A CD1 1 
ATOM   725  C CD2 . PHE A 1 95  ? -11.651 -11.386 -7.208  1.00 23.32 ? 95  PHE A CD2 1 
ATOM   726  C CE1 . PHE A 1 95  ? -9.795  -9.353  -7.165  1.00 23.56 ? 95  PHE A CE1 1 
ATOM   727  C CE2 . PHE A 1 95  ? -10.501 -11.479 -7.953  1.00 24.53 ? 95  PHE A CE2 1 
ATOM   728  C CZ  . PHE A 1 95  ? -9.554  -10.469 -7.941  1.00 25.03 ? 95  PHE A CZ  1 
ATOM   729  N N   . LYS A 1 96  ? -14.204 -10.218 -2.092  1.00 29.35 ? 96  LYS A N   1 
ATOM   730  C CA  . LYS A 1 96  ? -15.310 -9.919  -1.191  1.00 33.13 ? 96  LYS A CA  1 
ATOM   731  C C   . LYS A 1 96  ? -15.463 -8.418  -0.974  1.00 32.23 ? 96  LYS A C   1 
ATOM   732  O O   . LYS A 1 96  ? -16.535 -7.815  -1.052  1.00 34.55 ? 96  LYS A O   1 
ATOM   733  C CB  . LYS A 1 96  ? -15.049 -10.630 0.133   1.00 40.23 ? 96  LYS A CB  1 
ATOM   734  C CG  . LYS A 1 96  ? -16.162 -11.405 0.793   1.00 46.60 ? 96  LYS A CG  1 
ATOM   735  C CD  . LYS A 1 96  ? -16.232 -11.130 2.298   1.00 49.80 ? 96  LYS A CD  1 
ATOM   736  C CE  . LYS A 1 96  ? -17.282 -10.081 2.646   1.00 48.39 ? 96  LYS A CE  1 
ATOM   737  N NZ  . LYS A 1 96  ? -16.723 -8.806  3.162   1.00 39.54 ? 96  LYS A NZ  1 
ATOM   738  N N   . GLU A 1 97  ? -14.355 -7.739  -0.671  1.00 26.37 ? 97  GLU A N   1 
ATOM   739  C CA  . GLU A 1 97  ? -14.434 -6.316  -0.368  1.00 24.45 ? 97  GLU A CA  1 
ATOM   740  C C   . GLU A 1 97  ? -14.321 -5.486  -1.634  1.00 21.14 ? 97  GLU A C   1 
ATOM   741  O O   . GLU A 1 97  ? -13.615 -5.796  -2.583  1.00 19.72 ? 97  GLU A O   1 
ATOM   742  C CB  . GLU A 1 97  ? -13.342 -5.943  0.635   1.00 25.35 ? 97  GLU A CB  1 
ATOM   743  C CG  . GLU A 1 97  ? -13.546 -6.521  2.025   1.00 29.19 ? 97  GLU A CG  1 
ATOM   744  C CD  . GLU A 1 97  ? -14.646 -5.850  2.822   1.00 34.07 ? 97  GLU A CD  1 
ATOM   745  O OE1 . GLU A 1 97  ? -14.920 -4.649  2.594   1.00 39.58 ? 97  GLU A OE1 1 
ATOM   746  O OE2 . GLU A 1 97  ? -15.247 -6.518  3.689   1.00 38.00 ? 97  GLU A OE2 1 
ATOM   747  N N   . LYS A 1 98  ? -15.059 -4.374  -1.681  1.00 24.38 ? 98  LYS A N   1 
ATOM   748  C CA  . LYS A 1 98  ? -15.097 -3.578  -2.905  1.00 26.70 ? 98  LYS A CA  1 
ATOM   749  C C   . LYS A 1 98  ? -14.470 -2.195  -2.753  1.00 24.75 ? 98  LYS A C   1 
ATOM   750  O O   . LYS A 1 98  ? -14.258 -1.679  -1.657  1.00 23.16 ? 98  LYS A O   1 
ATOM   751  C CB  . LYS A 1 98  ? -16.552 -3.424  -3.355  1.00 29.81 ? 98  LYS A CB  1 
ATOM   752  C CG  . LYS A 1 98  ? -17.278 -4.699  -3.712  1.00 34.03 ? 98  LYS A CG  1 
ATOM   753  C CD  . LYS A 1 98  ? -16.358 -5.799  -4.208  1.00 40.25 ? 98  LYS A CD  1 
ATOM   754  C CE  . LYS A 1 98  ? -16.563 -6.083  -5.687  1.00 45.36 ? 98  LYS A CE  1 
ATOM   755  N NZ  . LYS A 1 98  ? -16.401 -7.520  -6.038  1.00 49.84 ? 98  LYS A NZ  1 
ATOM   756  N N   . HIS A 1 99  ? -14.170 -1.576  -3.890  1.00 24.29 ? 99  HIS A N   1 
ATOM   757  C CA  . HIS A 1 99  ? -13.582 -0.242  -3.874  1.00 23.65 ? 99  HIS A CA  1 
ATOM   758  C C   . HIS A 1 99  ? -14.670 0.809   -3.712  1.00 21.49 ? 99  HIS A C   1 
ATOM   759  O O   . HIS A 1 99  ? -15.254 1.190   -4.731  1.00 27.25 ? 99  HIS A O   1 
ATOM   760  C CB  . HIS A 1 99  ? -12.839 0.030   -5.182  1.00 20.13 ? 99  HIS A CB  1 
ATOM   761  C CG  . HIS A 1 99  ? -11.635 -0.839  -5.340  1.00 24.05 ? 99  HIS A CG  1 
ATOM   762  N ND1 . HIS A 1 99  ? -11.746 -2.126  -5.844  1.00 25.13 ? 99  HIS A ND1 1 
ATOM   763  C CD2 . HIS A 1 99  ? -10.330 -0.629  -5.076  1.00 24.55 ? 99  HIS A CD2 1 
ATOM   764  C CE1 . HIS A 1 99  ? -10.534 -2.655  -5.877  1.00 28.30 ? 99  HIS A CE1 1 
ATOM   765  N NE2 . HIS A 1 99  ? -9.652  -1.778  -5.422  1.00 26.28 ? 99  HIS A NE2 1 
ATOM   766  N N   . THR A 1 100 ? -14.914 1.235   -2.487  1.00 24.36 ? 100 THR A N   1 
ATOM   767  C CA  . THR A 1 100 ? -16.097 2.041   -2.195  1.00 29.91 ? 100 THR A CA  1 
ATOM   768  C C   . THR A 1 100 ? -15.883 3.549   -2.094  1.00 30.23 ? 100 THR A C   1 
ATOM   769  O O   . THR A 1 100 ? -16.866 4.313   -2.049  1.00 29.60 ? 100 THR A O   1 
ATOM   770  C CB  . THR A 1 100 ? -16.706 1.557   -0.850  1.00 32.82 ? 100 THR A CB  1 
ATOM   771  O OG1 . THR A 1 100 ? -15.645 1.497   0.118   1.00 39.26 ? 100 THR A OG1 1 
ATOM   772  C CG2 . THR A 1 100 ? -17.307 0.164   -0.960  1.00 31.59 ? 100 THR A CG2 1 
ATOM   773  N N   . GLY A 1 101 ? -14.648 4.029   -2.026  1.00 27.79 ? 101 GLY A N   1 
ATOM   774  C CA  . GLY A 1 101 ? -14.390 5.438   -1.800  1.00 27.27 ? 101 GLY A CA  1 
ATOM   775  C C   . GLY A 1 101 ? -12.971 5.714   -1.372  1.00 26.33 ? 101 GLY A C   1 
ATOM   776  O O   . GLY A 1 101 ? -12.127 4.818   -1.332  1.00 20.98 ? 101 GLY A O   1 
ATOM   777  N N   . PRO A 1 102 ? -12.650 6.967   -1.053  1.00 25.65 ? 102 PRO A N   1 
ATOM   778  C CA  . PRO A 1 102 ? -11.299 7.302   -0.604  1.00 20.48 ? 102 PRO A CA  1 
ATOM   779  C C   . PRO A 1 102 ? -10.894 6.513   0.635   1.00 17.84 ? 102 PRO A C   1 
ATOM   780  O O   . PRO A 1 102 ? -11.764 6.262   1.466   1.00 25.79 ? 102 PRO A O   1 
ATOM   781  C CB  . PRO A 1 102 ? -11.435 8.784   -0.222  1.00 22.02 ? 102 PRO A CB  1 
ATOM   782  C CG  . PRO A 1 102 ? -12.498 9.247   -1.171  1.00 26.73 ? 102 PRO A CG  1 
ATOM   783  C CD  . PRO A 1 102 ? -13.530 8.148   -1.110  1.00 26.14 ? 102 PRO A CD  1 
ATOM   784  N N   . GLY A 1 103 ? -9.638  6.144   0.789   1.00 18.11 ? 103 GLY A N   1 
ATOM   785  C CA  . GLY A 1 103 ? -9.164  5.471   1.992   1.00 18.85 ? 103 GLY A CA  1 
ATOM   786  C C   . GLY A 1 103 ? -9.056  3.966   1.775   1.00 19.43 ? 103 GLY A C   1 
ATOM   787  O O   . GLY A 1 103 ? -8.385  3.307   2.568   1.00 19.99 ? 103 GLY A O   1 
ATOM   788  N N   . VAL A 1 104 ? -9.717  3.476   0.723   1.00 19.69 ? 104 VAL A N   1 
ATOM   789  C CA  . VAL A 1 104 ? -9.690  2.043   0.415   1.00 23.84 ? 104 VAL A CA  1 
ATOM   790  C C   . VAL A 1 104 ? -8.247  1.612   0.127   1.00 25.72 ? 104 VAL A C   1 
ATOM   791  O O   . VAL A 1 104 ? -7.558  2.255   -0.671  1.00 22.27 ? 104 VAL A O   1 
ATOM   792  C CB  . VAL A 1 104 ? -10.592 1.643   -0.766  1.00 22.71 ? 104 VAL A CB  1 
ATOM   793  C CG1 . VAL A 1 104 ? -10.154 0.298   -1.330  1.00 24.42 ? 104 VAL A CG1 1 
ATOM   794  C CG2 . VAL A 1 104 ? -12.061 1.573   -0.371  1.00 23.94 ? 104 VAL A CG2 1 
ATOM   795  N N   . LEU A 1 105 ? -7.831  0.533   0.787   1.00 20.99 ? 105 LEU A N   1 
ATOM   796  C CA  . LEU A 1 105 ? -6.515  -0.073  0.602   1.00 21.04 ? 105 LEU A CA  1 
ATOM   797  C C   . LEU A 1 105 ? -6.601  -1.344  -0.234  1.00 22.75 ? 105 LEU A C   1 
ATOM   798  O O   . LEU A 1 105 ? -7.304  -2.310  0.095   1.00 20.95 ? 105 LEU A O   1 
ATOM   799  C CB  . LEU A 1 105 ? -5.959  -0.300  2.003   1.00 22.58 ? 105 LEU A CB  1 
ATOM   800  C CG  . LEU A 1 105 ? -4.567  -0.832  2.263   1.00 28.80 ? 105 LEU A CG  1 
ATOM   801  C CD1 . LEU A 1 105 ? -3.488  -0.139  1.439   1.00 30.16 ? 105 LEU A CD1 1 
ATOM   802  C CD2 . LEU A 1 105 ? -4.284  -0.706  3.768   1.00 25.41 ? 105 LEU A CD2 1 
ATOM   803  N N   . SER A 1 106 ? -5.888  -1.379  -1.356  1.00 23.00 ? 106 SER A N   1 
ATOM   804  C CA  . SER A 1 106 ? -6.012  -2.468  -2.328  1.00 24.87 ? 106 SER A CA  1 
ATOM   805  C C   . SER A 1 106 ? -4.669  -2.838  -2.928  1.00 24.05 ? 106 SER A C   1 
ATOM   806  O O   . SER A 1 106 ? -3.711  -2.048  -2.953  1.00 18.47 ? 106 SER A O   1 
ATOM   807  C CB  . SER A 1 106 ? -7.029  -1.983  -3.368  1.00 24.13 ? 106 SER A CB  1 
ATOM   808  O OG  . SER A 1 106 ? -7.388  -2.917  -4.347  1.00 22.26 ? 106 SER A OG  1 
ATOM   809  N N   . MET A 1 107 ? -4.529  -4.057  -3.456  1.00 22.09 ? 107 MET A N   1 
ATOM   810  C CA  . MET A 1 107 ? -3.287  -4.531  -4.023  1.00 18.15 ? 107 MET A CA  1 
ATOM   811  C C   . MET A 1 107 ? -3.109  -4.133  -5.479  1.00 18.89 ? 107 MET A C   1 
ATOM   812  O O   . MET A 1 107 ? -4.017  -4.372  -6.280  1.00 19.51 ? 107 MET A O   1 
ATOM   813  C CB  . MET A 1 107 ? -3.188  -6.077  -4.027  1.00 19.80 ? 107 MET A CB  1 
ATOM   814  C CG  . MET A 1 107 ? -3.178  -6.660  -2.613  1.00 17.65 ? 107 MET A CG  1 
ATOM   815  S SD  . MET A 1 107 ? -1.667  -6.167  -1.787  1.00 19.97 ? 107 MET A SD  1 
ATOM   816  C CE  . MET A 1 107 ? -0.386  -6.940  -2.737  1.00 15.81 ? 107 MET A CE  1 
ATOM   817  N N   . ALA A 1 108 ? -1.933  -3.593  -5.789  1.00 18.46 ? 108 ALA A N   1 
ATOM   818  C CA  . ALA A 1 108 ? -1.569  -3.396  -7.190  1.00 22.99 ? 108 ALA A CA  1 
ATOM   819  C C   . ALA A 1 108 ? -1.250  -4.760  -7.808  1.00 24.80 ? 108 ALA A C   1 
ATOM   820  O O   . ALA A 1 108 ? -0.867  -5.696  -7.097  1.00 21.15 ? 108 ALA A O   1 
ATOM   821  C CB  . ALA A 1 108 ? -0.393  -2.450  -7.312  1.00 17.47 ? 108 ALA A CB  1 
ATOM   822  N N   . ASN A 1 109 ? -1.398  -4.922  -9.117  1.00 23.55 ? 109 ASN A N   1 
ATOM   823  C CA  . ASN A 1 109 ? -1.051  -6.233  -9.698  1.00 25.16 ? 109 ASN A CA  1 
ATOM   824  C C   . ASN A 1 109 ? -0.804  -6.057  -11.189 1.00 27.23 ? 109 ASN A C   1 
ATOM   825  O O   . ASN A 1 109 ? -0.974  -4.940  -11.700 1.00 27.21 ? 109 ASN A O   1 
ATOM   826  C CB  . ASN A 1 109 ? -2.128  -7.265  -9.399  1.00 24.56 ? 109 ASN A CB  1 
ATOM   827  C CG  . ASN A 1 109 ? -3.492  -6.989  -9.982  1.00 21.05 ? 109 ASN A CG  1 
ATOM   828  O OD1 . ASN A 1 109 ? -3.601  -6.625  -11.159 1.00 25.39 ? 109 ASN A OD1 1 
ATOM   829  N ND2 . ASN A 1 109 ? -4.562  -7.147  -9.209  1.00 21.88 ? 109 ASN A ND2 1 
ATOM   830  N N   . ALA A 1 110 ? -0.405  -7.126  -11.869 1.00 24.53 ? 110 ALA A N   1 
ATOM   831  C CA  . ALA A 1 110 ? -0.188  -7.059  -13.311 1.00 22.33 ? 110 ALA A CA  1 
ATOM   832  C C   . ALA A 1 110 ? -1.064  -8.070  -14.038 1.00 23.23 ? 110 ALA A C   1 
ATOM   833  O O   . ALA A 1 110 ? -0.563  -8.662  -14.989 1.00 30.27 ? 110 ALA A O   1 
ATOM   834  C CB  . ALA A 1 110 ? 1.256   -7.331  -13.670 1.00 27.69 ? 110 ALA A CB  1 
ATOM   835  N N   . GLY A 1 111 ? -2.297  -8.235  -13.593 1.00 24.81 ? 111 GLY A N   1 
ATOM   836  C CA  . GLY A 1 111 ? -3.169  -9.268  -14.162 1.00 26.82 ? 111 GLY A CA  1 
ATOM   837  C C   . GLY A 1 111 ? -3.548  -10.225 -13.039 1.00 28.09 ? 111 GLY A C   1 
ATOM   838  O O   . GLY A 1 111 ? -3.074  -9.997  -11.920 1.00 24.63 ? 111 GLY A O   1 
ATOM   839  N N   . PRO A 1 112 ? -4.339  -11.240 -13.336 1.00 29.34 ? 112 PRO A N   1 
ATOM   840  C CA  . PRO A 1 112 ? -4.807  -12.187 -12.317 1.00 28.91 ? 112 PRO A CA  1 
ATOM   841  C C   . PRO A 1 112 ? -3.662  -12.928 -11.630 1.00 26.60 ? 112 PRO A C   1 
ATOM   842  O O   . PRO A 1 112 ? -2.660  -13.347 -12.205 1.00 24.73 ? 112 PRO A O   1 
ATOM   843  C CB  . PRO A 1 112 ? -5.680  -13.178 -13.100 1.00 30.40 ? 112 PRO A CB  1 
ATOM   844  C CG  . PRO A 1 112 ? -6.055  -12.448 -14.347 1.00 28.93 ? 112 PRO A CG  1 
ATOM   845  C CD  . PRO A 1 112 ? -4.855  -11.601 -14.675 1.00 29.46 ? 112 PRO A CD  1 
ATOM   846  N N   . ASN A 1 113 ? -3.852  -13.044 -10.317 1.00 27.05 ? 113 ASN A N   1 
ATOM   847  C CA  . ASN A 1 113 ? -2.911  -13.734 -9.448  1.00 28.33 ? 113 ASN A CA  1 
ATOM   848  C C   . ASN A 1 113 ? -1.481  -13.237 -9.545  1.00 31.79 ? 113 ASN A C   1 
ATOM   849  O O   . ASN A 1 113 ? -0.552  -14.047 -9.685  1.00 37.38 ? 113 ASN A O   1 
ATOM   850  C CB  . ASN A 1 113 ? -3.019  -15.244 -9.775  1.00 26.35 ? 113 ASN A CB  1 
ATOM   851  C CG  . ASN A 1 113 ? -4.439  -15.720 -9.514  1.00 27.52 ? 113 ASN A CG  1 
ATOM   852  O OD1 . ASN A 1 113 ? -5.017  -15.543 -8.438  1.00 28.20 ? 113 ASN A OD1 1 
ATOM   853  N ND2 . ASN A 1 113 ? -5.050  -16.339 -10.529 1.00 35.15 ? 113 ASN A ND2 1 
ATOM   854  N N   . THR A 1 114 ? -1.226  -11.924 -9.442  1.00 28.27 ? 114 THR A N   1 
ATOM   855  C CA  . THR A 1 114 ? 0.149   -11.428 -9.469  1.00 26.00 ? 114 THR A CA  1 
ATOM   856  C C   . THR A 1 114 ? 0.469   -10.483 -8.308  1.00 23.38 ? 114 THR A C   1 
ATOM   857  O O   . THR A 1 114 ? 1.298   -9.582  -8.469  1.00 24.68 ? 114 THR A O   1 
ATOM   858  C CB  . THR A 1 114 ? 0.453   -10.677 -10.780 1.00 29.45 ? 114 THR A CB  1 
ATOM   859  O OG1 . THR A 1 114 ? -0.619  -9.767  -11.073 1.00 25.43 ? 114 THR A OG1 1 
ATOM   860  C CG2 . THR A 1 114 ? 0.549   -11.677 -11.929 1.00 31.19 ? 114 THR A CG2 1 
ATOM   861  N N   . ASN A 1 115 ? -0.154  -10.694 -7.154  1.00 21.17 ? 115 ASN A N   1 
ATOM   862  C CA  . ASN A 1 115 ? 0.088   -9.814  -6.018  1.00 21.25 ? 115 ASN A CA  1 
ATOM   863  C C   . ASN A 1 115 ? 1.505   -9.953  -5.489  1.00 23.82 ? 115 ASN A C   1 
ATOM   864  O O   . ASN A 1 115 ? 2.026   -11.067 -5.347  1.00 24.82 ? 115 ASN A O   1 
ATOM   865  C CB  . ASN A 1 115 ? -0.924  -10.107 -4.917  1.00 23.68 ? 115 ASN A CB  1 
ATOM   866  C CG  . ASN A 1 115 ? -2.362  -10.009 -5.368  1.00 27.32 ? 115 ASN A CG  1 
ATOM   867  O OD1 . ASN A 1 115 ? -2.963  -8.935  -5.377  1.00 30.13 ? 115 ASN A OD1 1 
ATOM   868  N ND2 . ASN A 1 115 ? -2.976  -11.132 -5.726  1.00 25.08 ? 115 ASN A ND2 1 
ATOM   869  N N   . GLY A 1 116 ? 2.150   -8.826  -5.199  1.00 19.45 ? 116 GLY A N   1 
ATOM   870  C CA  . GLY A 1 116 ? 3.520   -8.800  -4.693  1.00 17.35 ? 116 GLY A CA  1 
ATOM   871  C C   . GLY A 1 116 ? 3.492   -7.999  -3.384  1.00 19.33 ? 116 GLY A C   1 
ATOM   872  O O   . GLY A 1 116 ? 2.848   -8.441  -2.423  1.00 17.52 ? 116 GLY A O   1 
ATOM   873  N N   . SER A 1 117 ? 4.147   -6.849  -3.366  1.00 20.33 ? 117 SER A N   1 
ATOM   874  C CA  . SER A 1 117 ? 4.149   -5.917  -2.244  1.00 17.25 ? 117 SER A CA  1 
ATOM   875  C C   . SER A 1 117 ? 3.532   -4.563  -2.606  1.00 17.17 ? 117 SER A C   1 
ATOM   876  O O   . SER A 1 117 ? 3.234   -3.781  -1.700  1.00 20.70 ? 117 SER A O   1 
ATOM   877  C CB  . SER A 1 117 ? 5.555   -5.631  -1.715  1.00 14.81 ? 117 SER A CB  1 
ATOM   878  O OG  . SER A 1 117 ? 6.467   -5.319  -2.759  1.00 16.38 ? 117 SER A OG  1 
ATOM   879  N N   . GLN A 1 118 ? 3.377   -4.297  -3.891  1.00 17.18 ? 118 GLN A N   1 
ATOM   880  C CA  . GLN A 1 118 ? 2.793   -3.014  -4.311  1.00 22.69 ? 118 GLN A CA  1 
ATOM   881  C C   . GLN A 1 118 ? 1.294   -2.970  -4.038  1.00 22.41 ? 118 GLN A C   1 
ATOM   882  O O   . GLN A 1 118 ? 0.565   -3.949  -4.200  1.00 19.95 ? 118 GLN A O   1 
ATOM   883  C CB  . GLN A 1 118 ? 3.070   -2.727  -5.786  1.00 18.80 ? 118 GLN A CB  1 
ATOM   884  C CG  . GLN A 1 118 ? 4.542   -2.411  -6.039  1.00 19.54 ? 118 GLN A CG  1 
ATOM   885  C CD  . GLN A 1 118 ? 4.771   -2.029  -7.489  1.00 20.74 ? 118 GLN A CD  1 
ATOM   886  O OE1 . GLN A 1 118 ? 4.131   -1.106  -7.991  1.00 20.95 ? 118 GLN A OE1 1 
ATOM   887  N NE2 . GLN A 1 118 ? 5.656   -2.729  -8.186  1.00 23.93 ? 118 GLN A NE2 1 
ATOM   888  N N   . PHE A 1 119 ? 0.857   -1.794  -3.601  1.00 20.12 ? 119 PHE A N   1 
ATOM   889  C CA  . PHE A 1 119 ? -0.489  -1.563  -3.095  1.00 18.12 ? 119 PHE A CA  1 
ATOM   890  C C   . PHE A 1 119 ? -0.943  -0.148  -3.459  1.00 20.94 ? 119 PHE A C   1 
ATOM   891  O O   . PHE A 1 119 ? -0.111  0.703   -3.810  1.00 20.07 ? 119 PHE A O   1 
ATOM   892  C CB  . PHE A 1 119 ? -0.520  -1.724  -1.574  1.00 17.75 ? 119 PHE A CB  1 
ATOM   893  C CG  . PHE A 1 119 ? 0.287   -0.655  -0.847  1.00 17.53 ? 119 PHE A CG  1 
ATOM   894  C CD1 . PHE A 1 119 ? 1.651   -0.833  -0.715  1.00 13.73 ? 119 PHE A CD1 1 
ATOM   895  C CD2 . PHE A 1 119 ? -0.300  0.494   -0.309  1.00 18.25 ? 119 PHE A CD2 1 
ATOM   896  C CE1 . PHE A 1 119 ? 2.431   0.100   -0.073  1.00 20.26 ? 119 PHE A CE1 1 
ATOM   897  C CE2 . PHE A 1 119 ? 0.503   1.433   0.323   1.00 16.84 ? 119 PHE A CE2 1 
ATOM   898  C CZ  . PHE A 1 119 ? 1.868   1.250   0.447   1.00 16.37 ? 119 PHE A CZ  1 
ATOM   899  N N   . PHE A 1 120 ? -2.228  0.170   -3.327  1.00 21.08 ? 120 PHE A N   1 
ATOM   900  C CA  . PHE A 1 120 ? -2.567  1.585   -3.528  1.00 19.10 ? 120 PHE A CA  1 
ATOM   901  C C   . PHE A 1 120 ? -3.605  1.977   -2.489  1.00 18.78 ? 120 PHE A C   1 
ATOM   902  O O   . PHE A 1 120 ? -4.350  1.137   -1.991  1.00 19.45 ? 120 PHE A O   1 
ATOM   903  C CB  . PHE A 1 120 ? -3.080  1.902   -4.922  1.00 21.44 ? 120 PHE A CB  1 
ATOM   904  C CG  . PHE A 1 120 ? -4.254  1.101   -5.448  1.00 20.45 ? 120 PHE A CG  1 
ATOM   905  C CD1 . PHE A 1 120 ? -4.050  -0.193  -5.931  1.00 22.76 ? 120 PHE A CD1 1 
ATOM   906  C CD2 . PHE A 1 120 ? -5.535  1.614   -5.468  1.00 18.22 ? 120 PHE A CD2 1 
ATOM   907  C CE1 . PHE A 1 120 ? -5.129  -0.923  -6.407  1.00 20.31 ? 120 PHE A CE1 1 
ATOM   908  C CE2 . PHE A 1 120 ? -6.632  0.899   -5.947  1.00 19.46 ? 120 PHE A CE2 1 
ATOM   909  C CZ  . PHE A 1 120 ? -6.405  -0.378  -6.432  1.00 22.40 ? 120 PHE A CZ  1 
ATOM   910  N N   . LEU A 1 121 ? -3.602  3.276   -2.207  1.00 17.50 ? 121 LEU A N   1 
ATOM   911  C CA  . LEU A 1 121 ? -4.591  3.895   -1.340  1.00 13.62 ? 121 LEU A CA  1 
ATOM   912  C C   . LEU A 1 121 ? -5.472  4.745   -2.252  1.00 16.04 ? 121 LEU A C   1 
ATOM   913  O O   . LEU A 1 121 ? -4.933  5.628   -2.927  1.00 17.14 ? 121 LEU A O   1 
ATOM   914  C CB  . LEU A 1 121 ? -3.912  4.717   -0.260  1.00 17.97 ? 121 LEU A CB  1 
ATOM   915  C CG  . LEU A 1 121 ? -3.380  3.973   0.960   1.00 22.12 ? 121 LEU A CG  1 
ATOM   916  C CD1 . LEU A 1 121 ? -2.469  4.872   1.777   1.00 31.03 ? 121 LEU A CD1 1 
ATOM   917  C CD2 . LEU A 1 121 ? -4.515  3.439   1.829   1.00 24.05 ? 121 LEU A CD2 1 
ATOM   918  N N   . CYS A 1 122 ? -6.763  4.466   -2.335  1.00 17.35 ? 122 CYS A N   1 
ATOM   919  C CA  . CYS A 1 122 ? -7.630  5.186   -3.244  1.00 19.41 ? 122 CYS A CA  1 
ATOM   920  C C   . CYS A 1 122 ? -7.972  6.571   -2.704  1.00 21.75 ? 122 CYS A C   1 
ATOM   921  O O   . CYS A 1 122 ? -8.187  6.727   -1.503  1.00 23.18 ? 122 CYS A O   1 
ATOM   922  C CB  . CYS A 1 122 ? -8.967  4.460   -3.451  1.00 17.49 ? 122 CYS A CB  1 
ATOM   923  S SG  . CYS A 1 122 ? -8.753  2.805   -4.156  1.00 21.52 ? 122 CYS A SG  1 
ATOM   924  N N   . THR A 1 123 ? -8.041  7.522   -3.640  1.00 24.55 ? 123 THR A N   1 
ATOM   925  C CA  . THR A 1 123 ? -8.436  8.869   -3.215  1.00 22.82 ? 123 THR A CA  1 
ATOM   926  C C   . THR A 1 123 ? -9.841  9.167   -3.723  1.00 23.29 ? 123 THR A C   1 
ATOM   927  O O   . THR A 1 123 ? -10.389 10.237  -3.440  1.00 23.31 ? 123 THR A O   1 
ATOM   928  C CB  . THR A 1 123 ? -7.415  9.916   -3.691  1.00 18.21 ? 123 THR A CB  1 
ATOM   929  O OG1 . THR A 1 123 ? -7.304  9.871   -5.115  1.00 18.33 ? 123 THR A OG1 1 
ATOM   930  C CG2 . THR A 1 123 ? -6.016  9.619   -3.152  1.00 17.76 ? 123 THR A CG2 1 
ATOM   931  N N   . VAL A 1 124 ? -10.415 8.220   -4.454  1.00 19.62 ? 124 VAL A N   1 
ATOM   932  C CA  . VAL A 1 124 ? -11.782 8.288   -4.947  1.00 21.04 ? 124 VAL A CA  1 
ATOM   933  C C   . VAL A 1 124 ? -12.416 6.895   -4.892  1.00 22.42 ? 124 VAL A C   1 
ATOM   934  O O   . VAL A 1 124 ? -11.708 5.933   -4.612  1.00 19.27 ? 124 VAL A O   1 
ATOM   935  C CB  . VAL A 1 124 ? -11.908 8.785   -6.397  1.00 22.75 ? 124 VAL A CB  1 
ATOM   936  C CG1 . VAL A 1 124 ? -11.338 10.194  -6.556  1.00 20.53 ? 124 VAL A CG1 1 
ATOM   937  C CG2 . VAL A 1 124 ? -11.205 7.873   -7.389  1.00 20.35 ? 124 VAL A CG2 1 
ATOM   938  N N   . LYS A 1 125 ? -13.710 6.790   -5.178  1.00 21.96 ? 125 LYS A N   1 
ATOM   939  C CA  . LYS A 1 125 ? -14.316 5.474   -5.390  1.00 22.68 ? 125 LYS A CA  1 
ATOM   940  C C   . LYS A 1 125 ? -13.876 4.940   -6.740  1.00 21.33 ? 125 LYS A C   1 
ATOM   941  O O   . LYS A 1 125 ? -14.052 5.541   -7.794  1.00 23.11 ? 125 LYS A O   1 
ATOM   942  C CB  . LYS A 1 125 ? -15.831 5.549   -5.306  1.00 24.13 ? 125 LYS A CB  1 
ATOM   943  C CG  . LYS A 1 125 ? -16.560 4.253   -5.635  1.00 24.46 ? 125 LYS A CG  1 
ATOM   944  C CD  . LYS A 1 125 ? -18.008 4.383   -5.184  1.00 31.77 ? 125 LYS A CD  1 
ATOM   945  C CE  . LYS A 1 125 ? -18.818 3.129   -5.481  1.00 36.63 ? 125 LYS A CE  1 
ATOM   946  N NZ  . LYS A 1 125 ? -19.999 3.052   -4.559  1.00 47.07 ? 125 LYS A NZ  1 
ATOM   947  N N   . THR A 1 126 ? -13.227 3.774   -6.751  1.00 23.48 ? 126 THR A N   1 
ATOM   948  C CA  . THR A 1 126 ? -12.684 3.256   -7.996  1.00 24.34 ? 126 THR A CA  1 
ATOM   949  C C   . THR A 1 126 ? -13.397 1.956   -8.355  1.00 29.71 ? 126 THR A C   1 
ATOM   950  O O   . THR A 1 126 ? -12.719 0.943   -8.568  1.00 36.89 ? 126 THR A O   1 
ATOM   951  C CB  . THR A 1 126 ? -11.170 2.995   -7.911  1.00 23.30 ? 126 THR A CB  1 
ATOM   952  O OG1 . THR A 1 126 ? -10.889 2.025   -6.887  1.00 25.23 ? 126 THR A OG1 1 
ATOM   953  C CG2 . THR A 1 126 ? -10.370 4.220   -7.485  1.00 23.55 ? 126 THR A CG2 1 
ATOM   954  N N   . GLU A 1 127 ? -14.722 1.982   -8.418  1.00 29.20 ? 127 GLU A N   1 
ATOM   955  C CA  . GLU A 1 127 ? -15.557 0.789   -8.540  1.00 30.17 ? 127 GLU A CA  1 
ATOM   956  C C   . GLU A 1 127 ? -15.170 -0.034  -9.753  1.00 28.04 ? 127 GLU A C   1 
ATOM   957  O O   . GLU A 1 127 ? -15.377 -1.250  -9.823  1.00 31.08 ? 127 GLU A O   1 
ATOM   958  C CB  . GLU A 1 127 ? -17.051 1.141   -8.598  1.00 34.56 ? 127 GLU A CB  1 
ATOM   959  C CG  . GLU A 1 127 ? -17.483 1.748   -9.916  1.00 41.68 ? 127 GLU A CG  1 
ATOM   960  C CD  . GLU A 1 127 ? -17.242 3.237   -10.099 1.00 46.95 ? 127 GLU A CD  1 
ATOM   961  O OE1 . GLU A 1 127 ? -16.559 3.922   -9.298  1.00 36.85 ? 127 GLU A OE1 1 
ATOM   962  O OE2 . GLU A 1 127 ? -17.755 3.777   -11.117 1.00 53.39 ? 127 GLU A OE2 1 
ATOM   963  N N   . TRP A 1 128 ? -14.544 0.576   -10.749 1.00 25.46 ? 128 TRP A N   1 
ATOM   964  C CA  . TRP A 1 128 ? -14.150 -0.160  -11.939 1.00 28.31 ? 128 TRP A CA  1 
ATOM   965  C C   . TRP A 1 128 ? -13.045 -1.162  -11.638 1.00 29.79 ? 128 TRP A C   1 
ATOM   966  O O   . TRP A 1 128 ? -12.658 -1.939  -12.511 1.00 26.36 ? 128 TRP A O   1 
ATOM   967  C CB  . TRP A 1 128 ? -13.691 0.790   -13.039 1.00 29.42 ? 128 TRP A CB  1 
ATOM   968  C CG  . TRP A 1 128 ? -12.508 1.662   -12.750 1.00 29.34 ? 128 TRP A CG  1 
ATOM   969  C CD1 . TRP A 1 128 ? -11.190 1.413   -13.004 1.00 27.73 ? 128 TRP A CD1 1 
ATOM   970  C CD2 . TRP A 1 128 ? -12.537 2.962   -12.144 1.00 27.12 ? 128 TRP A CD2 1 
ATOM   971  N NE1 . TRP A 1 128 ? -10.385 2.457   -12.600 1.00 26.19 ? 128 TRP A NE1 1 
ATOM   972  C CE2 . TRP A 1 128 ? -11.206 3.420   -12.067 1.00 27.83 ? 128 TRP A CE2 1 
ATOM   973  C CE3 . TRP A 1 128 ? -13.575 3.774   -11.663 1.00 26.86 ? 128 TRP A CE3 1 
ATOM   974  C CZ2 . TRP A 1 128 ? -10.875 4.668   -11.521 1.00 27.74 ? 128 TRP A CZ2 1 
ATOM   975  C CZ3 . TRP A 1 128 ? -13.231 5.004   -11.125 1.00 24.71 ? 128 TRP A CZ3 1 
ATOM   976  C CH2 . TRP A 1 128 ? -11.905 5.439   -11.057 1.00 22.31 ? 128 TRP A CH2 1 
ATOM   977  N N   . LEU A 1 129 ? -12.499 -1.168  -10.427 1.00 29.82 ? 129 LEU A N   1 
ATOM   978  C CA  . LEU A 1 129 ? -11.412 -2.093  -10.115 1.00 28.27 ? 129 LEU A CA  1 
ATOM   979  C C   . LEU A 1 129 ? -11.942 -3.328  -9.380  1.00 27.08 ? 129 LEU A C   1 
ATOM   980  O O   . LEU A 1 129 ? -11.157 -4.243  -9.108  1.00 26.63 ? 129 LEU A O   1 
ATOM   981  C CB  . LEU A 1 129 ? -10.354 -1.386  -9.275  1.00 25.22 ? 129 LEU A CB  1 
ATOM   982  C CG  . LEU A 1 129 ? -9.579  -0.226  -9.909  1.00 24.90 ? 129 LEU A CG  1 
ATOM   983  C CD1 . LEU A 1 129 ? -8.472  0.232   -8.955  1.00 18.77 ? 129 LEU A CD1 1 
ATOM   984  C CD2 . LEU A 1 129 ? -8.994  -0.579  -11.263 1.00 20.89 ? 129 LEU A CD2 1 
ATOM   985  N N   . ASP A 1 130 ? -13.223 -3.314  -9.058  1.00 27.67 ? 130 ASP A N   1 
ATOM   986  C CA  . ASP A 1 130 ? -13.916 -4.375  -8.349  1.00 29.72 ? 130 ASP A CA  1 
ATOM   987  C C   . ASP A 1 130 ? -13.751 -5.678  -9.133  1.00 30.37 ? 130 ASP A C   1 
ATOM   988  O O   . ASP A 1 130 ? -14.007 -5.669  -10.332 1.00 23.86 ? 130 ASP A O   1 
ATOM   989  C CB  . ASP A 1 130 ? -15.403 -4.085  -8.139  1.00 29.43 ? 130 ASP A CB  1 
ATOM   990  C CG  . ASP A 1 130 ? -15.671 -3.085  -7.032  1.00 31.43 ? 130 ASP A CG  1 
ATOM   991  O OD1 . ASP A 1 130 ? -14.761 -2.806  -6.212  1.00 27.42 ? 130 ASP A OD1 1 
ATOM   992  O OD2 . ASP A 1 130 ? -16.806 -2.565  -6.960  1.00 32.14 ? 130 ASP A OD2 1 
ATOM   993  N N   . GLY A 1 131 ? -13.315 -6.724  -8.434  1.00 31.76 ? 131 GLY A N   1 
ATOM   994  C CA  . GLY A 1 131 ? -13.124 -8.041  -9.009  1.00 28.39 ? 131 GLY A CA  1 
ATOM   995  C C   . GLY A 1 131 ? -11.813 -8.203  -9.732  1.00 27.94 ? 131 GLY A C   1 
ATOM   996  O O   . GLY A 1 131 ? -11.536 -9.257  -10.306 1.00 30.53 ? 131 GLY A O   1 
ATOM   997  N N   . LYS A 1 132 ? -10.978 -7.160  -9.712  1.00 24.48 ? 132 LYS A N   1 
ATOM   998  C CA  . LYS A 1 132 ? -9.703  -7.224  -10.394 1.00 23.41 ? 132 LYS A CA  1 
ATOM   999  C C   . LYS A 1 132 ? -8.537  -6.947  -9.451  1.00 24.30 ? 132 LYS A C   1 
ATOM   1000 O O   . LYS A 1 132 ? -7.419  -7.417  -9.640  1.00 22.34 ? 132 LYS A O   1 
ATOM   1001 C CB  . LYS A 1 132 ? -9.695  -6.212  -11.537 1.00 31.07 ? 132 LYS A CB  1 
ATOM   1002 C CG  . LYS A 1 132 ? -10.583 -6.606  -12.706 1.00 36.74 ? 132 LYS A CG  1 
ATOM   1003 C CD  . LYS A 1 132 ? -11.871 -5.792  -12.704 1.00 42.76 ? 132 LYS A CD  1 
ATOM   1004 C CE  . LYS A 1 132 ? -12.062 -5.232  -14.117 1.00 47.63 ? 132 LYS A CE  1 
ATOM   1005 N NZ  . LYS A 1 132 ? -10.740 -5.250  -14.824 1.00 62.76 ? 132 LYS A NZ  1 
ATOM   1006 N N   . HIS A 1 133 ? -8.787  -6.154  -8.417  1.00 23.59 ? 133 HIS A N   1 
ATOM   1007 C CA  . HIS A 1 133 ? -7.752  -5.905  -7.421  1.00 23.15 ? 133 HIS A CA  1 
ATOM   1008 C C   . HIS A 1 133 ? -8.326  -6.321  -6.082  1.00 23.95 ? 133 HIS A C   1 
ATOM   1009 O O   . HIS A 1 133 ? -9.503  -6.106  -5.775  1.00 27.34 ? 133 HIS A O   1 
ATOM   1010 C CB  . HIS A 1 133 ? -7.295  -4.438  -7.402  1.00 22.00 ? 133 HIS A CB  1 
ATOM   1011 C CG  . HIS A 1 133 ? -6.618  -4.062  -8.681  1.00 18.19 ? 133 HIS A CG  1 
ATOM   1012 N ND1 . HIS A 1 133 ? -5.260  -4.053  -8.847  1.00 18.97 ? 133 HIS A ND1 1 
ATOM   1013 C CD2 . HIS A 1 133 ? -7.143  -3.722  -9.878  1.00 18.81 ? 133 HIS A CD2 1 
ATOM   1014 C CE1 . HIS A 1 133 ? -4.965  -3.703  -10.083 1.00 20.46 ? 133 HIS A CE1 1 
ATOM   1015 N NE2 . HIS A 1 133 ? -6.096  -3.489  -10.728 1.00 18.18 ? 133 HIS A NE2 1 
ATOM   1016 N N   . VAL A 1 134 ? -7.507  -6.965  -5.254  1.00 24.72 ? 134 VAL A N   1 
ATOM   1017 C CA  . VAL A 1 134 ? -8.050  -7.412  -3.983  1.00 20.99 ? 134 VAL A CA  1 
ATOM   1018 C C   . VAL A 1 134 ? -7.950  -6.306  -2.923  1.00 20.91 ? 134 VAL A C   1 
ATOM   1019 O O   . VAL A 1 134 ? -6.842  -5.844  -2.645  1.00 23.23 ? 134 VAL A O   1 
ATOM   1020 C CB  . VAL A 1 134 ? -7.334  -8.666  -3.446  1.00 25.58 ? 134 VAL A CB  1 
ATOM   1021 C CG1 . VAL A 1 134 ? -7.798  -8.940  -2.022  1.00 26.53 ? 134 VAL A CG1 1 
ATOM   1022 C CG2 . VAL A 1 134 ? -7.585  -9.868  -4.352  1.00 31.47 ? 134 VAL A CG2 1 
ATOM   1023 N N   . VAL A 1 135 ? -9.106  -5.954  -2.389  1.00 20.97 ? 135 VAL A N   1 
ATOM   1024 C CA  . VAL A 1 135 ? -9.260  -4.986  -1.305  1.00 23.59 ? 135 VAL A CA  1 
ATOM   1025 C C   . VAL A 1 135 ? -9.034  -5.669  0.039   1.00 25.81 ? 135 VAL A C   1 
ATOM   1026 O O   . VAL A 1 135 ? -9.576  -6.748  0.301   1.00 27.29 ? 135 VAL A O   1 
ATOM   1027 C CB  . VAL A 1 135 ? -10.651 -4.325  -1.337  1.00 21.23 ? 135 VAL A CB  1 
ATOM   1028 C CG1 . VAL A 1 135 ? -10.882 -3.423  -0.138  1.00 22.90 ? 135 VAL A CG1 1 
ATOM   1029 C CG2 . VAL A 1 135 ? -10.806 -3.527  -2.625  1.00 20.99 ? 135 VAL A CG2 1 
ATOM   1030 N N   . PHE A 1 136 ? -8.217  -5.057  0.899   1.00 22.59 ? 136 PHE A N   1 
ATOM   1031 C CA  . PHE A 1 136 ? -7.854  -5.747  2.136   1.00 21.23 ? 136 PHE A CA  1 
ATOM   1032 C C   . PHE A 1 136 ? -7.757  -4.841  3.340   1.00 20.39 ? 136 PHE A C   1 
ATOM   1033 O O   . PHE A 1 136 ? -7.270  -5.211  4.408   1.00 21.49 ? 136 PHE A O   1 
ATOM   1034 C CB  . PHE A 1 136 ? -6.519  -6.438  1.874   1.00 22.22 ? 136 PHE A CB  1 
ATOM   1035 C CG  . PHE A 1 136 ? -5.335  -5.519  1.619   1.00 21.47 ? 136 PHE A CG  1 
ATOM   1036 C CD1 . PHE A 1 136 ? -5.069  -5.063  0.348   1.00 18.95 ? 136 PHE A CD1 1 
ATOM   1037 C CD2 . PHE A 1 136 ? -4.499  -5.130  2.652   1.00 20.30 ? 136 PHE A CD2 1 
ATOM   1038 C CE1 . PHE A 1 136 ? -3.989  -4.240  0.084   1.00 21.85 ? 136 PHE A CE1 1 
ATOM   1039 C CE2 . PHE A 1 136 ? -3.408  -4.312  2.400   1.00 20.75 ? 136 PHE A CE2 1 
ATOM   1040 C CZ  . PHE A 1 136 ? -3.143  -3.862  1.122   1.00 21.74 ? 136 PHE A CZ  1 
ATOM   1041 N N   . GLY A 1 137 ? -8.222  -3.597  3.203   1.00 20.42 ? 137 GLY A N   1 
ATOM   1042 C CA  . GLY A 1 137 ? -8.171  -2.678  4.328   1.00 20.24 ? 137 GLY A CA  1 
ATOM   1043 C C   . GLY A 1 137 ? -8.730  -1.306  3.972   1.00 19.87 ? 137 GLY A C   1 
ATOM   1044 O O   . GLY A 1 137 ? -9.284  -1.074  2.900   1.00 22.67 ? 137 GLY A O   1 
ATOM   1045 N N   . ARG A 1 138 ? -8.573  -0.386  4.921   1.00 22.98 ? 138 ARG A N   1 
ATOM   1046 C CA  . ARG A 1 138 ? -9.011  0.989   4.720   1.00 24.49 ? 138 ARG A CA  1 
ATOM   1047 C C   . ARG A 1 138 ? -8.254  1.938   5.638   1.00 22.16 ? 138 ARG A C   1 
ATOM   1048 O O   . ARG A 1 138 ? -7.780  1.545   6.708   1.00 19.91 ? 138 ARG A O   1 
ATOM   1049 C CB  . ARG A 1 138 ? -10.527 1.056   4.959   1.00 24.07 ? 138 ARG A CB  1 
ATOM   1050 C CG  . ARG A 1 138 ? -10.914 0.533   6.335   1.00 25.26 ? 138 ARG A CG  1 
ATOM   1051 C CD  . ARG A 1 138 ? -12.354 0.878   6.679   1.00 31.60 ? 138 ARG A CD  1 
ATOM   1052 N NE  . ARG A 1 138 ? -12.755 0.256   7.936   1.00 36.10 ? 138 ARG A NE  1 
ATOM   1053 C CZ  . ARG A 1 138 ? -13.538 0.784   8.862   1.00 42.61 ? 138 ARG A CZ  1 
ATOM   1054 N NH1 . ARG A 1 138 ? -14.048 1.997   8.711   1.00 51.65 ? 138 ARG A NH1 1 
ATOM   1055 N NH2 . ARG A 1 138 ? -13.829 0.109   9.971   1.00 51.99 ? 138 ARG A NH2 1 
ATOM   1056 N N   . VAL A 1 139 ? -8.131  3.213   5.245   1.00 21.35 ? 139 VAL A N   1 
ATOM   1057 C CA  . VAL A 1 139 ? -7.536  4.191   6.160   1.00 19.73 ? 139 VAL A CA  1 
ATOM   1058 C C   . VAL A 1 139 ? -8.506  4.543   7.279   1.00 19.83 ? 139 VAL A C   1 
ATOM   1059 O O   . VAL A 1 139 ? -9.683  4.792   7.001   1.00 23.77 ? 139 VAL A O   1 
ATOM   1060 C CB  . VAL A 1 139 ? -7.149  5.454   5.364   1.00 21.65 ? 139 VAL A CB  1 
ATOM   1061 C CG1 . VAL A 1 139 ? -6.744  6.591   6.286   1.00 23.87 ? 139 VAL A CG1 1 
ATOM   1062 C CG2 . VAL A 1 139 ? -6.017  5.156   4.399   1.00 18.71 ? 139 VAL A CG2 1 
ATOM   1063 N N   . VAL A 1 140 ? -8.129  4.590   8.550   1.00 21.29 ? 140 VAL A N   1 
ATOM   1064 C CA  . VAL A 1 140 ? -9.090  5.029   9.571   1.00 24.19 ? 140 VAL A CA  1 
ATOM   1065 C C   . VAL A 1 140 ? -8.598  6.294   10.253  1.00 23.89 ? 140 VAL A C   1 
ATOM   1066 O O   . VAL A 1 140 ? -9.381  6.941   10.960  1.00 25.38 ? 140 VAL A O   1 
ATOM   1067 C CB  . VAL A 1 140 ? -9.379  3.928   10.608  1.00 25.84 ? 140 VAL A CB  1 
ATOM   1068 C CG1 . VAL A 1 140 ? -10.013 2.718   9.933   1.00 21.87 ? 140 VAL A CG1 1 
ATOM   1069 C CG2 . VAL A 1 140 ? -8.115  3.499   11.339  1.00 23.10 ? 140 VAL A CG2 1 
ATOM   1070 N N   . GLU A 1 141 ? -7.338  6.690   10.073  1.00 23.51 ? 141 GLU A N   1 
ATOM   1071 C CA  . GLU A 1 141 ? -6.887  8.008   10.527  1.00 25.87 ? 141 GLU A CA  1 
ATOM   1072 C C   . GLU A 1 141 ? -5.881  8.605   9.544   1.00 22.76 ? 141 GLU A C   1 
ATOM   1073 O O   . GLU A 1 141 ? -5.191  7.843   8.858   1.00 20.63 ? 141 GLU A O   1 
ATOM   1074 C CB  . GLU A 1 141 ? -6.204  7.995   11.890  1.00 29.75 ? 141 GLU A CB  1 
ATOM   1075 C CG  . GLU A 1 141 ? -6.992  7.437   13.054  1.00 34.18 ? 141 GLU A CG  1 
ATOM   1076 C CD  . GLU A 1 141 ? -6.179  7.364   14.340  1.00 38.43 ? 141 GLU A CD  1 
ATOM   1077 O OE1 . GLU A 1 141 ? -5.418  8.316   14.632  1.00 35.04 ? 141 GLU A OE1 1 
ATOM   1078 O OE2 . GLU A 1 141 ? -6.305  6.349   15.070  1.00 50.16 ? 141 GLU A OE2 1 
ATOM   1079 N N   . GLY A 1 142 ? -5.764  9.928   9.471   1.00 19.24 ? 142 GLY A N   1 
ATOM   1080 C CA  . GLY A 1 142 ? -4.768  10.503  8.571   1.00 17.42 ? 142 GLY A CA  1 
ATOM   1081 C C   . GLY A 1 142 ? -5.228  10.571  7.135   1.00 15.05 ? 142 GLY A C   1 
ATOM   1082 O O   . GLY A 1 142 ? -4.410  10.642  6.222   1.00 17.05 ? 142 GLY A O   1 
ATOM   1083 N N   . LEU A 1 143 ? -6.513  10.571  6.805   1.00 15.30 ? 143 LEU A N   1 
ATOM   1084 C CA  . LEU A 1 143 ? -6.890  10.763  5.412   1.00 14.31 ? 143 LEU A CA  1 
ATOM   1085 C C   . LEU A 1 143 ? -6.386  12.100  4.880   1.00 18.34 ? 143 LEU A C   1 
ATOM   1086 O O   . LEU A 1 143 ? -6.132  12.195  3.676   1.00 20.41 ? 143 LEU A O   1 
ATOM   1087 C CB  . LEU A 1 143 ? -8.398  10.669  5.204   1.00 16.66 ? 143 LEU A CB  1 
ATOM   1088 C CG  . LEU A 1 143 ? -8.876  10.507  3.770   1.00 18.82 ? 143 LEU A CG  1 
ATOM   1089 C CD1 . LEU A 1 143 ? -8.294  9.241   3.147   1.00 18.62 ? 143 LEU A CD1 1 
ATOM   1090 C CD2 . LEU A 1 143 ? -10.401 10.506  3.723   1.00 25.37 ? 143 LEU A CD2 1 
ATOM   1091 N N   . ASP A 1 144 ? -6.207  13.087  5.747   1.00 18.57 ? 144 ASP A N   1 
ATOM   1092 C CA  . ASP A 1 144 ? -5.615  14.361  5.327   1.00 17.42 ? 144 ASP A CA  1 
ATOM   1093 C C   . ASP A 1 144 ? -4.190  14.179  4.830   1.00 18.42 ? 144 ASP A C   1 
ATOM   1094 O O   . ASP A 1 144 ? -3.716  14.823  3.897   1.00 14.88 ? 144 ASP A O   1 
ATOM   1095 C CB  . ASP A 1 144 ? -5.702  15.359  6.489   1.00 17.59 ? 144 ASP A CB  1 
ATOM   1096 C CG  . ASP A 1 144 ? -5.061  14.883  7.774   1.00 18.49 ? 144 ASP A CG  1 
ATOM   1097 O OD1 . ASP A 1 144 ? -5.505  13.843  8.323   1.00 23.20 ? 144 ASP A OD1 1 
ATOM   1098 O OD2 . ASP A 1 144 ? -4.103  15.519  8.253   1.00 21.28 ? 144 ASP A OD2 1 
ATOM   1099 N N   . VAL A 1 145 ? -3.432  13.247  5.421   1.00 17.21 ? 145 VAL A N   1 
ATOM   1100 C CA  . VAL A 1 145 ? -2.065  12.992  4.991   1.00 18.81 ? 145 VAL A CA  1 
ATOM   1101 C C   . VAL A 1 145 ? -2.076  12.319  3.624   1.00 17.04 ? 145 VAL A C   1 
ATOM   1102 O O   . VAL A 1 145 ? -1.206  12.596  2.812   1.00 11.30 ? 145 VAL A O   1 
ATOM   1103 C CB  . VAL A 1 145 ? -1.314  12.124  6.021   1.00 21.89 ? 145 VAL A CB  1 
ATOM   1104 C CG1 . VAL A 1 145 ? 0.129   11.886  5.577   1.00 17.85 ? 145 VAL A CG1 1 
ATOM   1105 C CG2 . VAL A 1 145 ? -1.407  12.771  7.409   1.00 16.99 ? 145 VAL A CG2 1 
ATOM   1106 N N   . VAL A 1 146 ? -3.079  11.470  3.375   1.00 19.97 ? 146 VAL A N   1 
ATOM   1107 C CA  . VAL A 1 146 ? -3.275  10.901  2.036   1.00 19.55 ? 146 VAL A CA  1 
ATOM   1108 C C   . VAL A 1 146 ? -3.542  11.986  0.985   1.00 17.40 ? 146 VAL A C   1 
ATOM   1109 O O   . VAL A 1 146 ? -2.998  11.923  -0.121  1.00 14.50 ? 146 VAL A O   1 
ATOM   1110 C CB  . VAL A 1 146 ? -4.410  9.855   2.025   1.00 16.81 ? 146 VAL A CB  1 
ATOM   1111 C CG1 . VAL A 1 146 ? -4.772  9.457   0.600   1.00 16.88 ? 146 VAL A CG1 1 
ATOM   1112 C CG2 . VAL A 1 146 ? -3.994  8.641   2.839   1.00 19.49 ? 146 VAL A CG2 1 
ATOM   1113 N N   . LYS A 1 147 ? -4.345  12.991  1.325   1.00 17.08 ? 147 LYS A N   1 
ATOM   1114 C CA  . LYS A 1 147 ? -4.600  14.124  0.423   1.00 18.22 ? 147 LYS A CA  1 
ATOM   1115 C C   . LYS A 1 147 ? -3.358  14.960  0.137   1.00 12.98 ? 147 LYS A C   1 
ATOM   1116 O O   . LYS A 1 147 ? -3.150  15.392  -0.995  1.00 14.97 ? 147 LYS A O   1 
ATOM   1117 C CB  . LYS A 1 147 ? -5.705  15.013  1.006   1.00 17.97 ? 147 LYS A CB  1 
ATOM   1118 C CG  . LYS A 1 147 ? -7.034  14.280  1.141   1.00 18.40 ? 147 LYS A CG  1 
ATOM   1119 C CD  . LYS A 1 147 ? -7.539  13.756  -0.195  1.00 17.16 ? 147 LYS A CD  1 
ATOM   1120 C CE  . LYS A 1 147 ? -7.829  14.904  -1.152  1.00 20.11 ? 147 LYS A CE  1 
ATOM   1121 N NZ  . LYS A 1 147 ? -8.516  14.449  -2.390  1.00 18.52 ? 147 LYS A NZ  1 
ATOM   1122 N N   . ALA A 1 148 ? -2.524  15.171  1.149   1.00 14.91 ? 148 ALA A N   1 
ATOM   1123 C CA  . ALA A 1 148 ? -1.259  15.870  1.015   1.00 15.96 ? 148 ALA A CA  1 
ATOM   1124 C C   . ALA A 1 148 ? -0.335  15.164  0.029   1.00 19.07 ? 148 ALA A C   1 
ATOM   1125 O O   . ALA A 1 148 ? 0.264   15.776  -0.865  1.00 19.74 ? 148 ALA A O   1 
ATOM   1126 C CB  . ALA A 1 148 ? -0.542  15.996  2.357   1.00 14.96 ? 148 ALA A CB  1 
ATOM   1127 N N   . VAL A 1 149 ? -0.198  13.839  0.167   1.00 17.20 ? 149 VAL A N   1 
ATOM   1128 C CA  . VAL A 1 149 ? 0.577   13.099  -0.850  1.00 16.16 ? 149 VAL A CA  1 
ATOM   1129 C C   . VAL A 1 149 ? -0.069  13.261  -2.217  1.00 10.66 ? 149 VAL A C   1 
ATOM   1130 O O   . VAL A 1 149 ? 0.582   13.502  -3.242  1.00 13.35 ? 149 VAL A O   1 
ATOM   1131 C CB  . VAL A 1 149 ? 0.678   11.610  -0.420  1.00 16.77 ? 149 VAL A CB  1 
ATOM   1132 C CG1 . VAL A 1 149 ? 1.382   10.783  -1.472  1.00 15.10 ? 149 VAL A CG1 1 
ATOM   1133 C CG2 . VAL A 1 149 ? 1.396   11.506  0.925   1.00 16.78 ? 149 VAL A CG2 1 
ATOM   1134 N N   . GLU A 1 150 ? -1.395  13.104  -2.275  1.00 14.09 ? 150 GLU A N   1 
ATOM   1135 C CA  . GLU A 1 150 ? -2.099  13.185  -3.555  1.00 13.85 ? 150 GLU A CA  1 
ATOM   1136 C C   . GLU A 1 150 ? -1.807  14.502  -4.278  1.00 15.87 ? 150 GLU A C   1 
ATOM   1137 O O   . GLU A 1 150 ? -1.677  14.580  -5.505  1.00 15.19 ? 150 GLU A O   1 
ATOM   1138 C CB  . GLU A 1 150 ? -3.603  13.039  -3.351  1.00 14.72 ? 150 GLU A CB  1 
ATOM   1139 C CG  . GLU A 1 150 ? -4.395  13.142  -4.654  1.00 14.30 ? 150 GLU A CG  1 
ATOM   1140 C CD  . GLU A 1 150 ? -5.884  13.024  -4.438  1.00 13.32 ? 150 GLU A CD  1 
ATOM   1141 O OE1 . GLU A 1 150 ? -6.285  12.987  -3.259  1.00 16.00 ? 150 GLU A OE1 1 
ATOM   1142 O OE2 . GLU A 1 150 ? -6.608  12.968  -5.447  1.00 17.89 ? 150 GLU A OE2 1 
ATOM   1143 N N   . SER A 1 151 ? -1.658  15.575  -3.499  1.00 16.19 ? 151 SER A N   1 
ATOM   1144 C CA  . SER A 1 151 ? -1.433  16.873  -4.140  1.00 14.92 ? 151 SER A CA  1 
ATOM   1145 C C   . SER A 1 151 ? -0.088  16.944  -4.838  1.00 15.56 ? 151 SER A C   1 
ATOM   1146 O O   . SER A 1 151 ? 0.144   17.885  -5.625  1.00 16.57 ? 151 SER A O   1 
ATOM   1147 C CB  . SER A 1 151 ? -1.595  18.014  -3.135  1.00 16.29 ? 151 SER A CB  1 
ATOM   1148 O OG  . SER A 1 151 ? -0.473  18.198  -2.298  1.00 22.50 ? 151 SER A OG  1 
ATOM   1149 N N   . ASN A 1 152 ? 0.782   15.975  -4.610  1.00 14.19 ? 152 ASN A N   1 
ATOM   1150 C CA  . ASN A 1 152 ? 2.091   15.927  -5.229  1.00 15.39 ? 152 ASN A CA  1 
ATOM   1151 C C   . ASN A 1 152 ? 2.137   14.968  -6.412  1.00 14.83 ? 152 ASN A C   1 
ATOM   1152 O O   . ASN A 1 152 ? 3.195   14.781  -7.017  1.00 17.79 ? 152 ASN A O   1 
ATOM   1153 C CB  . ASN A 1 152 ? 3.132   15.528  -4.175  1.00 20.48 ? 152 ASN A CB  1 
ATOM   1154 C CG  . ASN A 1 152 ? 3.442   16.691  -3.232  1.00 21.35 ? 152 ASN A CG  1 
ATOM   1155 O OD1 . ASN A 1 152 ? 4.330   17.497  -3.530  1.00 21.55 ? 152 ASN A OD1 1 
ATOM   1156 N ND2 . ASN A 1 152 ? 2.706   16.748  -2.127  1.00 16.50 ? 152 ASN A ND2 1 
ATOM   1157 N N   . GLY A 1 153 ? 1.021   14.370  -6.787  1.00 16.48 ? 153 GLY A N   1 
ATOM   1158 C CA  . GLY A 1 153 ? 0.935   13.495  -7.956  1.00 14.25 ? 153 GLY A CA  1 
ATOM   1159 C C   . GLY A 1 153 ? 0.782   14.276  -9.244  1.00 14.99 ? 153 GLY A C   1 
ATOM   1160 O O   . GLY A 1 153 ? 0.601   15.494  -9.272  1.00 20.30 ? 153 GLY A O   1 
ATOM   1161 N N   . SER A 1 154 ? 0.809   13.578  -10.371 1.00 13.70 ? 154 SER A N   1 
ATOM   1162 C CA  . SER A 1 154 ? 0.512   14.202  -11.656 1.00 15.41 ? 154 SER A CA  1 
ATOM   1163 C C   . SER A 1 154 ? -0.312  13.248  -12.517 1.00 18.02 ? 154 SER A C   1 
ATOM   1164 O O   . SER A 1 154 ? -0.300  12.042  -12.194 1.00 22.84 ? 154 SER A O   1 
ATOM   1165 C CB  . SER A 1 154 ? 1.816   14.555  -12.377 1.00 16.72 ? 154 SER A CB  1 
ATOM   1166 O OG  . SER A 1 154 ? 2.539   13.337  -12.570 1.00 16.61 ? 154 SER A OG  1 
ATOM   1167 N N   . GLN A 1 155 ? -0.983  13.719  -13.560 1.00 16.87 ? 155 GLN A N   1 
ATOM   1168 C CA  . GLN A 1 155 ? -1.689  12.817  -14.470 1.00 17.24 ? 155 GLN A CA  1 
ATOM   1169 C C   . GLN A 1 155 ? -0.736  11.724  -14.940 1.00 21.68 ? 155 GLN A C   1 
ATOM   1170 O O   . GLN A 1 155 ? -1.075  10.556  -15.092 1.00 21.79 ? 155 GLN A O   1 
ATOM   1171 C CB  . GLN A 1 155 ? -2.251  13.573  -15.678 1.00 14.23 ? 155 GLN A CB  1 
ATOM   1172 C CG  . GLN A 1 155 ? -3.433  14.452  -15.281 1.00 13.63 ? 155 GLN A CG  1 
ATOM   1173 C CD  . GLN A 1 155 ? -3.815  15.410  -16.397 1.00 17.06 ? 155 GLN A CD  1 
ATOM   1174 O OE1 . GLN A 1 155 ? -3.060  15.620  -17.347 1.00 22.29 ? 155 GLN A OE1 1 
ATOM   1175 N NE2 . GLN A 1 155 ? -5.003  16.002  -16.316 1.00 14.54 ? 155 GLN A NE2 1 
ATOM   1176 N N   . SER A 1 156 ? 0.518   12.107  -15.180 1.00 20.37 ? 156 SER A N   1 
ATOM   1177 C CA  . SER A 1 156 ? 1.517   11.164  -15.653 1.00 19.51 ? 156 SER A CA  1 
ATOM   1178 C C   . SER A 1 156 ? 1.896   10.110  -14.620 1.00 20.05 ? 156 SER A C   1 
ATOM   1179 O O   . SER A 1 156 ? 2.582   9.150   -15.009 1.00 18.27 ? 156 SER A O   1 
ATOM   1180 C CB  . SER A 1 156 ? 2.781   11.924  -16.092 1.00 18.38 ? 156 SER A CB  1 
ATOM   1181 O OG  . SER A 1 156 ? 3.602   12.297  -14.997 1.00 16.94 ? 156 SER A OG  1 
ATOM   1182 N N   . GLY A 1 157 ? 1.489   10.241  -13.370 1.00 15.82 ? 157 GLY A N   1 
ATOM   1183 C CA  . GLY A 1 157 ? 1.870   9.400   -12.249 1.00 14.42 ? 157 GLY A CA  1 
ATOM   1184 C C   . GLY A 1 157 ? 3.139   9.775   -11.528 1.00 14.76 ? 157 GLY A C   1 
ATOM   1185 O O   . GLY A 1 157 ? 3.408   9.408   -10.377 1.00 16.44 ? 157 GLY A O   1 
ATOM   1186 N N   . LYS A 1 158 ? 4.006   10.556  -12.168 1.00 17.22 ? 158 LYS A N   1 
ATOM   1187 C CA  . LYS A 1 158 ? 5.255   10.996  -11.569 1.00 19.68 ? 158 LYS A CA  1 
ATOM   1188 C C   . LYS A 1 158 ? 4.975   11.954  -10.421 1.00 20.50 ? 158 LYS A C   1 
ATOM   1189 O O   . LYS A 1 158 ? 4.212   12.912  -10.634 1.00 18.94 ? 158 LYS A O   1 
ATOM   1190 C CB  . LYS A 1 158 ? 6.122   11.689  -12.615 1.00 25.12 ? 158 LYS A CB  1 
ATOM   1191 C CG  . LYS A 1 158 ? 7.078   10.810  -13.391 1.00 35.56 ? 158 LYS A CG  1 
ATOM   1192 C CD  . LYS A 1 158 ? 6.424   9.606   -14.041 1.00 41.02 ? 158 LYS A CD  1 
ATOM   1193 C CE  . LYS A 1 158 ? 7.312   8.370   -13.944 1.00 45.49 ? 158 LYS A CE  1 
ATOM   1194 N NZ  . LYS A 1 158 ? 7.301   7.597   -15.226 1.00 50.00 ? 158 LYS A NZ  1 
ATOM   1195 N N   . PRO A 1 159 ? 5.524   11.735  -9.235  1.00 19.12 ? 159 PRO A N   1 
ATOM   1196 C CA  . PRO A 1 159 ? 5.375   12.716  -8.151  1.00 15.68 ? 159 PRO A CA  1 
ATOM   1197 C C   . PRO A 1 159 ? 6.241   13.949  -8.390  1.00 14.90 ? 159 PRO A C   1 
ATOM   1198 O O   . PRO A 1 159 ? 7.299   13.933  -9.021  1.00 19.03 ? 159 PRO A O   1 
ATOM   1199 C CB  . PRO A 1 159 ? 5.875   11.996  -6.895  1.00 15.44 ? 159 PRO A CB  1 
ATOM   1200 C CG  . PRO A 1 159 ? 5.847   10.557  -7.292  1.00 20.01 ? 159 PRO A CG  1 
ATOM   1201 C CD  . PRO A 1 159 ? 6.277   10.568  -8.749  1.00 21.00 ? 159 PRO A CD  1 
ATOM   1202 N N   . VAL A 1 160 ? 5.766   15.068  -7.847  1.00 16.23 ? 160 VAL A N   1 
ATOM   1203 C CA  . VAL A 1 160 ? 6.553   16.292  -7.985  1.00 17.73 ? 160 VAL A CA  1 
ATOM   1204 C C   . VAL A 1 160 ? 7.622   16.326  -6.903  1.00 19.59 ? 160 VAL A C   1 
ATOM   1205 O O   . VAL A 1 160 ? 8.658   16.952  -7.117  1.00 23.58 ? 160 VAL A O   1 
ATOM   1206 C CB  . VAL A 1 160 ? 5.649   17.535  -7.916  1.00 25.85 ? 160 VAL A CB  1 
ATOM   1207 C CG1 . VAL A 1 160 ? 4.398   17.323  -8.758  1.00 33.56 ? 160 VAL A CG1 1 
ATOM   1208 C CG2 . VAL A 1 160 ? 5.258   17.871  -6.496  1.00 29.47 ? 160 VAL A CG2 1 
ATOM   1209 N N   . LYS A 1 161 ? 7.375   15.664  -5.784  1.00 19.63 ? 161 LYS A N   1 
ATOM   1210 C CA  . LYS A 1 161 ? 8.277   15.589  -4.648  1.00 22.81 ? 161 LYS A CA  1 
ATOM   1211 C C   . LYS A 1 161 ? 8.347   14.174  -4.082  1.00 21.57 ? 161 LYS A C   1 
ATOM   1212 O O   . LYS A 1 161 ? 7.373   13.438  -4.219  1.00 17.81 ? 161 LYS A O   1 
ATOM   1213 C CB  . LYS A 1 161 ? 7.782   16.488  -3.508  1.00 27.26 ? 161 LYS A CB  1 
ATOM   1214 C CG  . LYS A 1 161 ? 7.848   17.984  -3.778  1.00 28.89 ? 161 LYS A CG  1 
ATOM   1215 C CD  . LYS A 1 161 ? 7.410   18.755  -2.539  1.00 27.75 ? 161 LYS A CD  1 
ATOM   1216 C CE  . LYS A 1 161 ? 7.564   20.254  -2.803  1.00 31.06 ? 161 LYS A CE  1 
ATOM   1217 N NZ  . LYS A 1 161 ? 7.498   21.001  -1.512  1.00 41.21 ? 161 LYS A NZ  1 
ATOM   1218 N N   . ASP A 1 162 ? 9.440   13.791  -3.441  1.00 22.09 ? 162 ASP A N   1 
ATOM   1219 C CA  . ASP A 1 162 ? 9.545   12.479  -2.808  1.00 18.79 ? 162 ASP A CA  1 
ATOM   1220 C C   . ASP A 1 162 ? 8.584   12.334  -1.653  1.00 17.68 ? 162 ASP A C   1 
ATOM   1221 O O   . ASP A 1 162 ? 8.693   13.057  -0.661  1.00 19.84 ? 162 ASP A O   1 
ATOM   1222 C CB  . ASP A 1 162 ? 10.987  12.249  -2.334  1.00 22.97 ? 162 ASP A CB  1 
ATOM   1223 C CG  . ASP A 1 162 ? 11.833  11.804  -3.516  1.00 27.62 ? 162 ASP A CG  1 
ATOM   1224 O OD1 . ASP A 1 162 ? 11.255  11.583  -4.610  1.00 34.73 ? 162 ASP A OD1 1 
ATOM   1225 O OD2 . ASP A 1 162 ? 13.058  11.675  -3.375  1.00 36.35 ? 162 ASP A OD2 1 
ATOM   1226 N N   . CYS A 1 163 ? 7.640   11.397  -1.780  1.00 16.77 ? 163 CYS A N   1 
ATOM   1227 C CA  . CYS A 1 163 ? 6.654   11.106  -0.747  1.00 15.82 ? 163 CYS A CA  1 
ATOM   1228 C C   . CYS A 1 163 ? 6.978   9.758   -0.106  1.00 18.14 ? 163 CYS A C   1 
ATOM   1229 O O   . CYS A 1 163 ? 6.714   8.722   -0.727  1.00 17.51 ? 163 CYS A O   1 
ATOM   1230 C CB  . CYS A 1 163 ? 5.245   11.123  -1.365  1.00 17.11 ? 163 CYS A CB  1 
ATOM   1231 S SG  . CYS A 1 163 ? 4.813   12.804  -1.950  1.00 18.97 ? 163 CYS A SG  1 
ATOM   1232 N N   . MET A 1 164 ? 7.575   9.819   1.068   1.00 17.73 ? 164 MET A N   1 
ATOM   1233 C CA  . MET A 1 164 ? 8.321   8.692   1.600   1.00 20.56 ? 164 MET A CA  1 
ATOM   1234 C C   . MET A 1 164 ? 7.617   8.058   2.788   1.00 21.36 ? 164 MET A C   1 
ATOM   1235 O O   . MET A 1 164 ? 7.082   8.795   3.623   1.00 18.69 ? 164 MET A O   1 
ATOM   1236 C CB  . MET A 1 164 ? 9.743   9.126   2.010   1.00 22.66 ? 164 MET A CB  1 
ATOM   1237 C CG  . MET A 1 164 ? 10.710  7.953   1.958   1.00 32.79 ? 164 MET A CG  1 
ATOM   1238 S SD  . MET A 1 164 ? 12.346  8.187   2.672   1.00 38.96 ? 164 MET A SD  1 
ATOM   1239 C CE  . MET A 1 164 ? 13.355  8.265   1.189   1.00 72.88 ? 164 MET A CE  1 
ATOM   1240 N N   . ILE A 1 165 ? 7.628   6.729   2.876   1.00 16.78 ? 165 ILE A N   1 
ATOM   1241 C CA  . ILE A 1 165 ? 7.202   6.105   4.138   1.00 17.71 ? 165 ILE A CA  1 
ATOM   1242 C C   . ILE A 1 165 ? 8.410   6.062   5.071   1.00 19.02 ? 165 ILE A C   1 
ATOM   1243 O O   . ILE A 1 165 ? 9.224   5.133   5.045   1.00 18.97 ? 165 ILE A O   1 
ATOM   1244 C CB  . ILE A 1 165 ? 6.593   4.723   3.931   1.00 17.62 ? 165 ILE A CB  1 
ATOM   1245 C CG1 . ILE A 1 165 ? 5.323   4.759   3.068   1.00 17.00 ? 165 ILE A CG1 1 
ATOM   1246 C CG2 . ILE A 1 165 ? 6.324   4.022   5.262   1.00 12.52 ? 165 ILE A CG2 1 
ATOM   1247 C CD1 . ILE A 1 165 ? 4.848   3.387   2.618   1.00 17.87 ? 165 ILE A CD1 1 
ATOM   1248 N N   . ALA A 1 166 ? 8.538   7.128   5.865   1.00 17.71 ? 166 ALA A N   1 
ATOM   1249 C CA  . ALA A 1 166 ? 9.712   7.353   6.711   1.00 20.88 ? 166 ALA A CA  1 
ATOM   1250 C C   . ALA A 1 166 ? 9.732   6.419   7.912   1.00 16.67 ? 166 ALA A C   1 
ATOM   1251 O O   . ALA A 1 166 ? 10.810  6.054   8.393   1.00 21.09 ? 166 ALA A O   1 
ATOM   1252 C CB  . ALA A 1 166 ? 9.818   8.815   7.194   1.00 20.36 ? 166 ALA A CB  1 
ATOM   1253 N N   . ASP A 1 167 ? 8.576   6.039   8.420   1.00 14.81 ? 167 ASP A N   1 
ATOM   1254 C CA  . ASP A 1 167 ? 8.507   4.986   9.426   1.00 19.32 ? 167 ASP A CA  1 
ATOM   1255 C C   . ASP A 1 167 ? 7.203   4.220   9.198   1.00 20.12 ? 167 ASP A C   1 
ATOM   1256 O O   . ASP A 1 167 ? 6.281   4.708   8.544   1.00 16.88 ? 167 ASP A O   1 
ATOM   1257 C CB  . ASP A 1 167 ? 8.588   5.504   10.858  1.00 17.09 ? 167 ASP A CB  1 
ATOM   1258 C CG  . ASP A 1 167 ? 9.053   4.484   11.874  1.00 22.18 ? 167 ASP A CG  1 
ATOM   1259 O OD1 . ASP A 1 167 ? 9.301   3.306   11.520  1.00 20.78 ? 167 ASP A OD1 1 
ATOM   1260 O OD2 . ASP A 1 167 ? 9.163   4.856   13.063  1.00 24.31 ? 167 ASP A OD2 1 
ATOM   1261 N N   . CYS A 1 168 ? 7.139   3.009   9.758   1.00 17.92 ? 168 CYS A N   1 
ATOM   1262 C CA  . CYS A 1 168 ? 5.896   2.254   9.657   1.00 17.18 ? 168 CYS A CA  1 
ATOM   1263 C C   . CYS A 1 168 ? 5.904   1.128   10.686  1.00 18.14 ? 168 CYS A C   1 
ATOM   1264 O O   . CYS A 1 168 ? 6.954   0.865   11.269  1.00 21.92 ? 168 CYS A O   1 
ATOM   1265 C CB  . CYS A 1 168 ? 5.673   1.642   8.272   1.00 14.01 ? 168 CYS A CB  1 
ATOM   1266 S SG  . CYS A 1 168 ? 7.046   0.634   7.662   1.00 18.10 ? 168 CYS A SG  1 
ATOM   1267 N N   . GLY A 1 169 ? 4.749   0.501   10.869  1.00 17.73 ? 169 GLY A N   1 
ATOM   1268 C CA  . GLY A 1 169 ? 4.760   -0.542  11.901  1.00 22.53 ? 169 GLY A CA  1 
ATOM   1269 C C   . GLY A 1 169 ? 3.342   -0.924  12.280  1.00 22.51 ? 169 GLY A C   1 
ATOM   1270 O O   . GLY A 1 169 ? 2.398   -0.447  11.646  1.00 19.05 ? 169 GLY A O   1 
ATOM   1271 N N   . GLN A 1 170 ? 3.228   -1.778  13.286  1.00 20.64 ? 170 GLN A N   1 
ATOM   1272 C CA  . GLN A 1 170 ? 1.938   -2.278  13.736  1.00 21.13 ? 170 GLN A CA  1 
ATOM   1273 C C   . GLN A 1 170 ? 1.587   -1.649  15.080  1.00 20.43 ? 170 GLN A C   1 
ATOM   1274 O O   . GLN A 1 170 ? 2.504   -1.460  15.869  1.00 25.86 ? 170 GLN A O   1 
ATOM   1275 C CB  . GLN A 1 170 ? 1.921   -3.808  13.894  1.00 21.91 ? 170 GLN A CB  1 
ATOM   1276 C CG  . GLN A 1 170 ? 0.583   -4.355  14.375  1.00 21.23 ? 170 GLN A CG  1 
ATOM   1277 C CD  . GLN A 1 170 ? 0.535   -5.870  14.288  1.00 25.06 ? 170 GLN A CD  1 
ATOM   1278 O OE1 . GLN A 1 170 ? 1.559   -6.465  13.935  1.00 24.51 ? 170 GLN A OE1 1 
ATOM   1279 N NE2 . GLN A 1 170 ? -0.600  -6.477  14.604  1.00 24.46 ? 170 GLN A NE2 1 
ATOM   1280 N N   . LEU A 1 171 ? 0.314   -1.370  15.268  1.00 22.65 ? 171 LEU A N   1 
ATOM   1281 C CA  . LEU A 1 171 ? -0.225  -0.781  16.473  1.00 27.51 ? 171 LEU A CA  1 
ATOM   1282 C C   . LEU A 1 171 ? -0.990  -1.824  17.286  1.00 34.00 ? 171 LEU A C   1 
ATOM   1283 O O   . LEU A 1 171 ? -0.585  -2.060  18.421  1.00 40.25 ? 171 LEU A O   1 
ATOM   1284 C CB  . LEU A 1 171 ? -1.174  0.388   16.180  1.00 24.69 ? 171 LEU A CB  1 
ATOM   1285 C CG  . LEU A 1 171 ? -0.594  1.567   15.407  1.00 25.35 ? 171 LEU A CG  1 
ATOM   1286 C CD1 . LEU A 1 171 ? -1.704  2.479   14.901  1.00 30.25 ? 171 LEU A CD1 1 
ATOM   1287 C CD2 . LEU A 1 171 ? 0.400   2.342   16.257  1.00 22.32 ? 171 LEU A CD2 1 
ATOM   1288 N N   . LYS A 1 172 ? -2.059  -2.401  16.756  1.00 45.18 ? 172 LYS A N   1 
ATOM   1289 C CA  . LYS A 1 172 ? -2.938  -3.227  17.593  1.00 60.42 ? 172 LYS A CA  1 
ATOM   1290 C C   . LYS A 1 172 ? -3.677  -4.349  16.877  1.00 71.65 ? 172 LYS A C   1 
ATOM   1291 O O   . LYS A 1 172 ? -4.458  -4.099  15.935  1.00 75.36 ? 172 LYS A O   1 
ATOM   1292 C CB  . LYS A 1 172 ? -3.968  -2.324  18.300  1.00 59.13 ? 172 LYS A CB  1 
ATOM   1293 C CG  . LYS A 1 172 ? -3.523  -1.925  19.698  1.00 58.98 ? 172 LYS A CG  1 
ATOM   1294 C CD  . LYS A 1 172 ? -2.519  -2.916  20.256  1.00 60.11 ? 172 LYS A CD  1 
ATOM   1295 C CE  . LYS A 1 172 ? -1.452  -2.209  21.079  1.00 63.58 ? 172 LYS A CE  1 
ATOM   1296 N NZ  . LYS A 1 172 ? -1.883  -0.841  21.496  1.00 72.31 ? 172 LYS A NZ  1 
HETATM 1297 O O   . HOH B 2 .   ? -15.753 -5.359  5.605   1.00 41.68 ? 201 HOH A O   1 
HETATM 1298 O O   . HOH B 2 .   ? -9.896  -10.320 -11.514 1.00 54.00 ? 202 HOH A O   1 
HETATM 1299 O O   . HOH B 2 .   ? -4.251  -8.318  13.978  1.00 51.52 ? 203 HOH A O   1 
HETATM 1300 O O   . HOH B 2 .   ? -8.232  -3.449  14.882  1.00 45.91 ? 204 HOH A O   1 
HETATM 1301 O O   . HOH B 2 .   ? 7.753   7.377   13.528  1.00 29.71 ? 205 HOH A O   1 
HETATM 1302 O O   . HOH B 2 .   ? 14.923  12.139  -4.820  1.00 46.44 ? 206 HOH A O   1 
HETATM 1303 O O   . HOH B 2 .   ? 12.530  -13.227 4.361   1.00 58.99 ? 207 HOH A O   1 
HETATM 1304 O O   . HOH B 2 .   ? -7.003  -9.679  -10.420 1.00 36.73 ? 208 HOH A O   1 
HETATM 1305 O O   . HOH B 2 .   ? 12.873  -7.905  -1.160  1.00 37.30 ? 209 HOH A O   1 
HETATM 1306 O O   . HOH B 2 .   ? -5.035  -8.107  -6.449  1.00 22.69 ? 210 HOH A O   1 
HETATM 1307 O O   . HOH B 2 .   ? -9.599  -14.793 8.663   1.00 37.95 ? 211 HOH A O   1 
HETATM 1308 O O   . HOH B 2 .   ? -8.674  16.315  -4.047  1.00 31.42 ? 212 HOH A O   1 
HETATM 1309 O O   . HOH B 2 .   ? -12.002 -0.418  2.853   1.00 33.40 ? 213 HOH A O   1 
HETATM 1310 O O   . HOH B 2 .   ? 11.591  0.286   1.949   1.00 28.90 ? 214 HOH A O   1 
HETATM 1311 O O   . HOH B 2 .   ? 1.340   -10.028 -15.914 1.00 52.05 ? 215 HOH A O   1 
HETATM 1312 O O   . HOH B 2 .   ? -2.002  -13.327 -14.645 1.00 34.67 ? 216 HOH A O   1 
HETATM 1313 O O   . HOH B 2 .   ? 1.029   -11.901 9.083   1.00 27.80 ? 217 HOH A O   1 
HETATM 1314 O O   . HOH B 2 .   ? -2.935  10.756  11.766  1.00 27.64 ? 218 HOH A O   1 
HETATM 1315 O O   . HOH B 2 .   ? 10.208  -13.703 0.254   1.00 27.75 ? 219 HOH A O   1 
HETATM 1316 O O   . HOH B 2 .   ? 12.564  -6.580  6.948   1.00 20.05 ? 220 HOH A O   1 
HETATM 1317 O O   . HOH B 2 .   ? 9.359   10.506  -5.949  1.00 29.76 ? 221 HOH A O   1 
HETATM 1318 O O   . HOH B 2 .   ? 8.742   -8.471  6.479   1.00 17.73 ? 222 HOH A O   1 
HETATM 1319 O O   . HOH B 2 .   ? -2.763  -19.459 -1.610  1.00 57.62 ? 223 HOH A O   1 
HETATM 1320 O O   . HOH B 2 .   ? -6.790  -2.984  -13.154 1.00 37.21 ? 224 HOH A O   1 
HETATM 1321 O O   . HOH B 2 .   ? 0.971   20.024  -1.166  1.00 31.30 ? 225 HOH A O   1 
HETATM 1322 O O   . HOH B 2 .   ? -7.694  -14.034 -10.184 1.00 33.64 ? 226 HOH A O   1 
HETATM 1323 O O   . HOH B 2 .   ? -3.370  -16.163 -2.456  1.00 45.75 ? 227 HOH A O   1 
HETATM 1324 O O   . HOH B 2 .   ? 1.444   -18.158 -2.033  1.00 23.19 ? 228 HOH A O   1 
HETATM 1325 O O   . HOH B 2 .   ? -2.272  16.810  6.907   1.00 36.20 ? 229 HOH A O   1 
HETATM 1326 O O   . HOH B 2 .   ? -7.383  17.316  -9.015  1.00 32.22 ? 230 HOH A O   1 
HETATM 1327 O O   . HOH B 2 .   ? -3.106  9.181   13.753  1.00 42.49 ? 231 HOH A O   1 
HETATM 1328 O O   . HOH B 2 .   ? 7.214   19.260  1.623   1.00 40.91 ? 232 HOH A O   1 
HETATM 1329 O O   . HOH B 2 .   ? -6.911  -16.919 -7.231  1.00 48.02 ? 233 HOH A O   1 
HETATM 1330 O O   . HOH B 2 .   ? 4.206   -17.376 -3.840  1.00 62.08 ? 234 HOH A O   1 
HETATM 1331 O O   . HOH B 2 .   ? -2.990  14.500  10.430  1.00 31.37 ? 235 HOH A O   1 
HETATM 1332 O O   . HOH B 2 .   ? 6.112   -8.498  14.473  1.00 39.39 ? 236 HOH A O   1 
HETATM 1333 O O   . HOH B 2 .   ? 5.898   13.333  -15.826 1.00 30.49 ? 237 HOH A O   1 
HETATM 1334 O O   . HOH B 2 .   ? -10.540 12.092  -1.543  1.00 28.98 ? 238 HOH A O   1 
HETATM 1335 O O   . HOH B 2 .   ? -11.388 -7.277  -2.792  1.00 23.52 ? 239 HOH A O   1 
HETATM 1336 O O   . HOH B 2 .   ? -9.225  12.731  -4.956  1.00 16.42 ? 240 HOH A O   1 
HETATM 1337 O O   . HOH B 2 .   ? -0.897  -7.679  0.896   1.00 18.03 ? 241 HOH A O   1 
HETATM 1338 O O   . HOH B 2 .   ? -1.621  16.086  -7.896  1.00 14.78 ? 242 HOH A O   1 
HETATM 1339 O O   . HOH B 2 .   ? 8.814   3.230   15.166  1.00 46.12 ? 243 HOH A O   1 
HETATM 1340 O O   . HOH B 2 .   ? -4.362  17.398  3.518   1.00 26.30 ? 244 HOH A O   1 
HETATM 1341 O O   . HOH B 2 .   ? -7.828  4.144   14.887  1.00 45.25 ? 245 HOH A O   1 
HETATM 1342 O O   . HOH B 2 .   ? -17.404 -0.430  -5.440  1.00 33.68 ? 246 HOH A O   1 
HETATM 1343 O O   . HOH B 2 .   ? -3.209  -10.155 -9.032  1.00 19.40 ? 247 HOH A O   1 
HETATM 1344 O O   . HOH B 2 .   ? 13.282  14.251  7.283   1.00 50.27 ? 248 HOH A O   1 
HETATM 1345 O O   . HOH B 2 .   ? 1.103   6.219   -13.890 1.00 27.88 ? 249 HOH A O   1 
HETATM 1346 O O   . HOH B 2 .   ? 8.477   7.805   -9.141  1.00 33.08 ? 250 HOH A O   1 
HETATM 1347 O O   . HOH B 2 .   ? 4.293   -12.307 13.760  1.00 35.41 ? 251 HOH A O   1 
HETATM 1348 O O   . HOH B 2 .   ? -4.810  -11.757 -2.684  1.00 27.09 ? 252 HOH A O   1 
HETATM 1349 O O   . HOH B 2 .   ? 13.794  -3.140  0.608   1.00 32.51 ? 253 HOH A O   1 
HETATM 1350 O O   . HOH B 2 .   ? 5.398   -13.055 9.564   1.00 22.57 ? 254 HOH A O   1 
HETATM 1351 O O   . HOH B 2 .   ? -11.980 10.091  -10.204 1.00 22.57 ? 255 HOH A O   1 
HETATM 1352 O O   . HOH B 2 .   ? 7.410   9.818   -4.161  1.00 20.46 ? 256 HOH A O   1 
HETATM 1353 O O   . HOH B 2 .   ? -6.054  12.595  10.692  1.00 39.78 ? 257 HOH A O   1 
HETATM 1354 O O   . HOH B 2 .   ? 5.874   2.598   -0.807  1.00 18.25 ? 258 HOH A O   1 
HETATM 1355 O O   . HOH B 2 .   ? 1.454   -6.215  -5.632  1.00 19.15 ? 259 HOH A O   1 
HETATM 1356 O O   . HOH B 2 .   ? 10.553  1.110   12.569  1.00 32.49 ? 260 HOH A O   1 
HETATM 1357 O O   . HOH B 2 .   ? -4.924  -11.335 12.418  1.00 46.44 ? 261 HOH A O   1 
HETATM 1358 O O   . HOH B 2 .   ? 7.290   2.183   -4.209  1.00 17.06 ? 262 HOH A O   1 
HETATM 1359 O O   . HOH B 2 .   ? 8.999   -0.962  11.146  1.00 24.83 ? 263 HOH A O   1 
HETATM 1360 O O   . HOH B 2 .   ? -3.380  -12.476 8.640   1.00 31.47 ? 264 HOH A O   1 
HETATM 1361 O O   . HOH B 2 .   ? -2.549  -4.267  -13.860 1.00 38.54 ? 265 HOH A O   1 
HETATM 1362 O O   . HOH B 2 .   ? -0.810  12.485  11.857  1.00 36.74 ? 266 HOH A O   1 
HETATM 1363 O O   . HOH B 2 .   ? 13.526  -0.973  4.705   1.00 30.99 ? 267 HOH A O   1 
HETATM 1364 O O   . HOH B 2 .   ? 10.153  12.841  1.681   1.00 20.24 ? 268 HOH A O   1 
HETATM 1365 O O   . HOH B 2 .   ? -17.634 6.474   -9.067  1.00 43.38 ? 269 HOH A O   1 
HETATM 1366 O O   . HOH B 2 .   ? 13.006  5.930   6.693   1.00 32.40 ? 270 HOH A O   1 
HETATM 1367 O O   . HOH B 2 .   ? -14.284 -13.410 -4.518  1.00 39.69 ? 271 HOH A O   1 
HETATM 1368 O O   . HOH B 2 .   ? 3.698   -7.077  15.623  1.00 38.99 ? 272 HOH A O   1 
HETATM 1369 O O   . HOH B 2 .   ? 9.931   2.999   -3.229  1.00 21.03 ? 273 HOH A O   1 
HETATM 1370 O O   . HOH B 2 .   ? 14.259  -2.416  7.058   1.00 25.45 ? 274 HOH A O   1 
HETATM 1371 O O   . HOH B 2 .   ? 5.515   6.653   -11.577 1.00 24.98 ? 275 HOH A O   1 
HETATM 1372 O O   . HOH B 2 .   ? -13.924 -2.224  1.073   1.00 29.15 ? 276 HOH A O   1 
HETATM 1373 O O   . HOH B 2 .   ? -12.306 -6.117  -5.698  1.00 22.88 ? 277 HOH A O   1 
HETATM 1374 O O   . HOH B 2 .   ? -8.694  10.160  8.535   1.00 24.38 ? 278 HOH A O   1 
HETATM 1375 O O   . HOH B 2 .   ? -12.501 4.174   7.815   1.00 53.45 ? 279 HOH A O   1 
HETATM 1376 O O   . HOH B 2 .   ? -5.804  -5.840  -12.729 1.00 31.88 ? 280 HOH A O   1 
HETATM 1377 O O   . HOH B 2 .   ? 7.129   4.626   -11.971 1.00 51.35 ? 281 HOH A O   1 
HETATM 1378 O O   . HOH B 2 .   ? -0.479  7.825   -15.612 1.00 20.92 ? 282 HOH A O   1 
HETATM 1379 O O   . HOH B 2 .   ? 16.547  -11.730 7.028   1.00 17.22 ? 283 HOH A O   1 
HETATM 1380 O O   . HOH B 2 .   ? -2.062  -10.437 9.981   1.00 28.60 ? 284 HOH A O   1 
HETATM 1381 O O   . HOH B 2 .   ? 2.947   8.570   -17.778 1.00 40.46 ? 285 HOH A O   1 
HETATM 1382 O O   . HOH B 2 .   ? 9.522   12.387  -8.119  1.00 34.33 ? 286 HOH A O   1 
HETATM 1383 O O   . HOH B 2 .   ? 13.355  -18.366 -3.626  1.00 38.34 ? 287 HOH A O   1 
HETATM 1384 O O   . HOH B 2 .   ? -8.962  -16.498 2.632   1.00 69.29 ? 288 HOH A O   1 
HETATM 1385 O O   . HOH B 2 .   ? 18.092  -13.251 -0.038  1.00 24.98 ? 289 HOH A O   1 
HETATM 1386 O O   . HOH B 2 .   ? 2.768   18.900  -0.245  1.00 25.93 ? 290 HOH A O   1 
HETATM 1387 O O   . HOH B 2 .   ? 9.639   15.319  -9.907  1.00 33.55 ? 291 HOH A O   1 
HETATM 1388 O O   . HOH B 2 .   ? 8.235   1.232   13.809  1.00 48.63 ? 292 HOH A O   1 
HETATM 1389 O O   . HOH B 2 .   ? 7.607   4.745   -15.222 1.00 64.75 ? 293 HOH A O   1 
HETATM 1390 O O   . HOH B 2 .   ? -11.500 -8.790  -0.409  1.00 20.57 ? 294 HOH A O   1 
HETATM 1391 O O   . HOH B 2 .   ? 9.184   -8.138  -8.598  1.00 74.22 ? 295 HOH A O   1 
HETATM 1392 O O   . HOH B 2 .   ? -14.380 -8.059  12.311  1.00 42.49 ? 296 HOH A O   1 
HETATM 1393 O O   . HOH B 2 .   ? 12.205  7.461   10.508  1.00 46.43 ? 297 HOH A O   1 
HETATM 1394 O O   . HOH B 2 .   ? 10.768  -6.633  12.435  1.00 34.29 ? 298 HOH A O   1 
HETATM 1395 O O   . HOH B 2 .   ? -13.347 -14.531 3.848   1.00 35.78 ? 299 HOH A O   1 
HETATM 1396 O O   . HOH B 2 .   ? -14.136 -14.598 8.746   1.00 58.68 ? 300 HOH A O   1 
HETATM 1397 O O   . HOH B 2 .   ? 4.106   11.086  11.885  1.00 39.78 ? 301 HOH A O   1 
HETATM 1398 O O   . HOH B 2 .   ? 18.585  -0.379  -3.929  1.00 65.93 ? 302 HOH A O   1 
HETATM 1399 O O   . HOH B 2 .   ? -1.833  5.491   -15.486 1.00 20.32 ? 303 HOH A O   1 
HETATM 1400 O O   . HOH B 2 .   ? -0.157  16.544  5.845   1.00 34.95 ? 304 HOH A O   1 
HETATM 1401 O O   . HOH B 2 .   ? 9.977   20.470  -0.078  1.00 53.62 ? 305 HOH A O   1 
HETATM 1402 O O   . HOH B 2 .   ? -19.167 -4.255  -7.216  1.00 53.47 ? 306 HOH A O   1 
HETATM 1403 O O   . HOH B 2 .   ? 15.051  -1.185  -0.163  1.00 72.40 ? 307 HOH A O   1 
HETATM 1404 O O   . HOH B 2 .   ? 4.282   18.535  4.322   1.00 29.01 ? 308 HOH A O   1 
HETATM 1405 O O   . HOH B 2 .   ? -5.462  11.230  14.867  1.00 45.71 ? 309 HOH A O   1 
HETATM 1406 O O   . HOH B 2 .   ? -12.122 7.018   9.940   1.00 56.38 ? 310 HOH A O   1 
HETATM 1407 O O   . HOH B 2 .   ? 13.047  4.799   -1.641  1.00 30.45 ? 311 HOH A O   1 
HETATM 1408 O O   . HOH B 2 .   ? 5.004   -6.091  -6.068  1.00 22.76 ? 312 HOH A O   1 
HETATM 1409 O O   . HOH B 2 .   ? -13.600 -11.346 -10.227 1.00 34.09 ? 313 HOH A O   1 
HETATM 1410 O O   . HOH B 2 .   ? 0.005   -16.473 -8.086  1.00 34.41 ? 314 HOH A O   1 
HETATM 1411 O O   . HOH B 2 .   ? 12.092  15.120  -3.156  1.00 39.87 ? 315 HOH A O   1 
HETATM 1412 O O   . HOH B 2 .   ? -11.008 -16.326 0.619   1.00 31.75 ? 316 HOH A O   1 
HETATM 1413 O O   . HOH B 2 .   ? -16.322 -0.589  2.138   1.00 45.47 ? 317 HOH A O   1 
HETATM 1414 O O   . HOH B 2 .   ? 5.283   -1.567  -13.941 1.00 64.77 ? 318 HOH A O   1 
HETATM 1415 O O   . HOH B 2 .   ? -12.128 3.024   -4.000  1.00 19.74 ? 319 HOH A O   1 
HETATM 1416 O O   . HOH B 2 .   ? -1.088  6.441   16.103  1.00 25.68 ? 320 HOH A O   1 
HETATM 1417 O O   . HOH B 2 .   ? -8.030  11.420  10.799  1.00 38.49 ? 321 HOH A O   1 
HETATM 1418 O O   . HOH B 2 .   ? -2.160  -2.207  -10.210 1.00 31.02 ? 322 HOH A O   1 
HETATM 1419 O O   . HOH B 2 .   ? -17.147 -3.704  0.414   1.00 34.38 ? 323 HOH A O   1 
HETATM 1420 O O   . HOH B 2 .   ? -7.659  1.786   -13.764 1.00 32.44 ? 324 HOH A O   1 
HETATM 1421 O O   . HOH B 2 .   ? -11.228 1.411   12.634  1.00 75.12 ? 325 HOH A O   1 
HETATM 1422 O O   . HOH B 2 .   ? 11.880  -3.515  11.646  1.00 30.66 ? 326 HOH A O   1 
HETATM 1423 O O   . HOH B 2 .   ? -15.258 9.407   -5.054  1.00 33.69 ? 327 HOH A O   1 
HETATM 1424 O O   . HOH B 2 .   ? -14.277 8.130   -9.379  1.00 39.39 ? 328 HOH A O   1 
HETATM 1425 O O   . HOH B 2 .   ? 18.942  -12.201 -5.166  1.00 50.22 ? 329 HOH A O   1 
HETATM 1426 O O   . HOH B 2 .   ? -7.911  -17.921 -3.777  1.00 59.54 ? 330 HOH A O   1 
HETATM 1427 O O   . HOH B 2 .   ? 3.866   1.530   -11.209 1.00 25.91 ? 331 HOH A O   1 
HETATM 1428 O O   . HOH B 2 .   ? -13.897 -2.679  12.271  1.00 42.16 ? 332 HOH A O   1 
HETATM 1429 O O   . HOH B 2 .   ? -16.544 2.928   10.225  1.00 87.49 ? 333 HOH A O   1 
HETATM 1430 O O   . HOH B 2 .   ? 10.506  17.531  9.172   1.00 38.80 ? 334 HOH A O   1 
HETATM 1431 O O   . HOH B 2 .   ? -1.384  -20.604 0.444   1.00 35.07 ? 335 HOH A O   1 
HETATM 1432 O O   . HOH B 2 .   ? -2.851  0.421   -8.969  1.00 32.21 ? 336 HOH A O   1 
HETATM 1433 O O   . HOH B 2 .   ? -2.981  -17.074 -12.694 1.00 54.97 ? 337 HOH A O   1 
HETATM 1434 O O   . HOH B 2 .   ? 13.379  10.390  -0.588  1.00 44.39 ? 338 HOH A O   1 
HETATM 1435 O O   . HOH B 2 .   ? 5.916   -2.743  14.504  1.00 26.27 ? 339 HOH A O   1 
HETATM 1436 O O   . HOH B 2 .   ? -3.890  1.836   -14.141 1.00 29.20 ? 340 HOH A O   1 
HETATM 1437 O O   . HOH B 2 .   ? -17.076 6.357   -12.741 1.00 44.96 ? 341 HOH A O   1 
HETATM 1438 O O   . HOH B 2 .   ? -17.737 7.316   -1.919  1.00 38.96 ? 342 HOH A O   1 
HETATM 1439 O O   . HOH B 2 .   ? -0.840  -9.601  14.746  1.00 41.04 ? 343 HOH A O   1 
HETATM 1440 O O   . HOH B 2 .   ? 8.075   -2.855  13.405  1.00 28.42 ? 344 HOH A O   1 
HETATM 1441 O O   . HOH B 2 .   ? 6.493   -16.495 -6.070  1.00 34.31 ? 345 HOH A O   1 
HETATM 1442 O O   . HOH B 2 .   ? 5.601   12.339  9.943   1.00 42.92 ? 346 HOH A O   1 
HETATM 1443 O O   . HOH B 2 .   ? 17.634  -15.468 -2.255  1.00 35.44 ? 347 HOH A O   1 
HETATM 1444 O O   . HOH B 2 .   ? 4.666   20.321  -0.246  1.00 63.21 ? 348 HOH A O   1 
HETATM 1445 O O   . HOH B 2 .   ? 12.388  -10.421 -5.593  1.00 53.77 ? 349 HOH A O   1 
HETATM 1446 O O   . HOH B 2 .   ? 1.628   -0.323  -11.701 1.00 41.43 ? 350 HOH A O   1 
HETATM 1447 O O   . HOH B 2 .   ? -3.916  -2.593  23.242  1.00 62.01 ? 351 HOH A O   1 
HETATM 1448 O O   . HOH B 2 .   ? 8.321   -7.034  -13.489 1.00 77.38 ? 352 HOH A O   1 
HETATM 1449 O O   . HOH B 2 .   ? -15.189 -7.763  -12.458 1.00 55.22 ? 353 HOH A O   1 
HETATM 1450 O O   . HOH B 2 .   ? 5.656   4.549   16.323  1.00 50.23 ? 354 HOH A O   1 
HETATM 1451 O O   . HOH B 2 .   ? 13.305  -1.550  2.192   1.00 40.85 ? 355 HOH A O   1 
HETATM 1452 O O   . HOH B 2 .   ? -4.708  -2.021  -13.244 1.00 57.38 ? 356 HOH A O   1 
HETATM 1453 O O   . HOH B 2 .   ? 14.360  4.154   -8.282  1.00 49.22 ? 357 HOH A O   1 
HETATM 1454 O O   . HOH B 2 .   ? -3.399  5.519   16.240  1.00 37.87 ? 358 HOH A O   1 
HETATM 1455 O O   . HOH B 2 .   ? 15.342  0.529   -4.838  1.00 44.62 ? 359 HOH A O   1 
HETATM 1456 O O   . HOH B 2 .   ? -3.563  -5.929  -15.544 1.00 52.84 ? 360 HOH A O   1 
HETATM 1457 O O   . HOH B 2 .   ? 11.111  13.703  -7.105  1.00 45.07 ? 361 HOH A O   1 
HETATM 1458 O O   . HOH B 2 .   ? 5.032   3.361   -12.394 1.00 44.77 ? 362 HOH A O   1 
HETATM 1459 O O   . HOH B 2 .   ? 3.012   4.460   18.141  1.00 56.38 ? 363 HOH A O   1 
HETATM 1460 O O   . HOH B 2 .   ? 10.425  -17.598 -2.408  1.00 48.68 ? 364 HOH A O   1 
HETATM 1461 O O   . HOH B 2 .   ? 12.270  5.921   12.853  1.00 53.77 ? 365 HOH A O   1 
HETATM 1462 O O   . HOH B 2 .   ? -15.610 -3.225  7.098   1.00 53.83 ? 366 HOH A O   1 
HETATM 1463 O O   . HOH B 2 .   ? -12.724 7.893   4.167   1.00 48.27 ? 367 HOH A O   1 
HETATM 1464 O O   . HOH B 2 .   ? -11.237 -6.061  14.806  1.00 53.37 ? 368 HOH A O   1 
HETATM 1465 O O   . HOH B 2 .   ? 12.271  5.793   -9.496  1.00 50.53 ? 369 HOH A O   1 
HETATM 1466 O O   . HOH B 2 .   ? -2.714  1.892   19.777  1.00 75.20 ? 370 HOH A O   1 
HETATM 1467 O O   . HOH B 2 .   ? -1.717  -11.041 -17.064 1.00 69.48 ? 371 HOH A O   1 
HETATM 1468 O O   . HOH B 2 .   ? -6.678  -8.818  -13.043 1.00 35.65 ? 372 HOH A O   1 
HETATM 1469 O O   . HOH B 2 .   ? 12.388  1.868   -2.403  1.00 36.10 ? 373 HOH A O   1 
HETATM 1470 O O   . HOH B 2 .   ? -10.699 7.480   5.168   1.00 45.26 ? 374 HOH A O   1 
HETATM 1471 O O   . HOH B 2 .   ? -11.911 4.117   4.115   1.00 51.07 ? 375 HOH A O   1 
HETATM 1472 O O   . HOH B 2 .   ? -3.618  0.440   -11.136 1.00 42.98 ? 376 HOH A O   1 
HETATM 1473 O O   . HOH B 2 .   ? 5.406   1.093   -13.850 1.00 66.93 ? 377 HOH A O   1 
HETATM 1474 O O   . HOH B 2 .   ? 9.766   5.907   -10.377 1.00 41.58 ? 378 HOH A O   1 
HETATM 1475 O O   . HOH B 2 .   ? 11.765  15.187  9.409   1.00 55.74 ? 379 HOH A O   1 
HETATM 1476 O O   . HOH B 2 .   ? -0.727  1.551   -15.839 1.00 40.99 ? 380 HOH A O   1 
HETATM 1477 O O   . HOH B 2 .   ? -11.328 -16.371 6.373   1.00 63.23 ? 381 HOH A O   1 
HETATM 1478 O O   . HOH B 2 .   ? -16.325 -9.523  7.460   1.00 85.44 ? 382 HOH A O   1 
HETATM 1479 O O   . HOH B 2 .   ? 3.473   19.703  7.516   1.00 55.85 ? 383 HOH A O   1 
HETATM 1480 O O   . HOH B 2 .   ? -12.983 4.135   11.362  1.00 55.37 ? 384 HOH A O   1 
HETATM 1481 O O   . HOH B 2 .   ? 4.007   6.145   -13.572 1.00 52.14 ? 385 HOH A O   1 
HETATM 1482 O O   . HOH B 2 .   ? 15.510  1.663   13.374  1.00 52.68 ? 386 HOH A O   1 
HETATM 1483 O O   . HOH B 2 .   ? -1.152  17.575  8.893   1.00 60.32 ? 387 HOH A O   1 
HETATM 1484 O O   . HOH B 2 .   ? 6.900   6.445   16.705  1.00 45.69 ? 388 HOH A O   1 
HETATM 1485 O O   . HOH B 2 .   ? 8.340   23.841  -3.682  1.00 61.17 ? 389 HOH A O   1 
HETATM 1486 O O   . HOH B 2 .   ? 5.854   0.055   15.839  1.00 38.86 ? 390 HOH A O   1 
HETATM 1487 O O   . HOH B 2 .   ? -9.612  -1.769  -15.405 1.00 45.70 ? 391 HOH A O   1 
HETATM 1488 O O   . HOH B 2 .   ? 1.413   9.758   15.956  1.00 48.37 ? 392 HOH A O   1 
HETATM 1489 O O   . HOH B 2 .   ? 2.198   -3.531  -10.372 1.00 50.23 ? 393 HOH A O   1 
HETATM 1490 O O   . HOH B 2 .   ? 15.224  17.263  2.944   1.00 48.65 ? 394 HOH A O   1 
HETATM 1491 O O   . HOH B 2 .   ? -2.062  -11.104 12.748  1.00 42.60 ? 395 HOH A O   1 
HETATM 1492 O O   . HOH B 2 .   ? -11.579 -17.010 -4.972  1.00 67.60 ? 396 HOH A O   1 
HETATM 1493 O O   . HOH B 2 .   ? -14.393 -5.237  12.977  1.00 40.51 ? 397 HOH A O   1 
HETATM 1494 O O   . HOH B 2 .   ? 12.696  12.415  0.727   1.00 27.18 ? 398 HOH A O   1 
HETATM 1495 O O   . HOH B 2 .   ? 13.195  0.987   -0.415  1.00 33.57 ? 399 HOH A O   1 
HETATM 1496 O O   . HOH B 2 .   ? -13.561 1.658   3.428   1.00 35.46 ? 400 HOH A O   1 
HETATM 1497 O O   . HOH B 2 .   ? 1.729   3.997   -15.755 1.00 48.65 ? 401 HOH A O   1 
HETATM 1498 O O   . HOH B 2 .   ? 2.876   -6.097  -7.963  1.00 39.59 ? 402 HOH A O   1 
HETATM 1499 O O   . HOH B 2 .   ? 13.396  15.173  -0.827  1.00 41.05 ? 403 HOH A O   1 
HETATM 1500 O O   . HOH B 2 .   ? -19.375 -0.675  -3.563  1.00 65.47 ? 404 HOH A O   1 
HETATM 1501 O O   . HOH B 2 .   ? 12.577  18.822  8.337   1.00 59.56 ? 405 HOH A O   1 
HETATM 1502 O O   . HOH B 2 .   ? -21.261 6.694   -3.839  1.00 56.32 ? 406 HOH A O   1 
HETATM 1503 O O   . HOH B 2 .   ? 14.832  3.238   6.183   1.00 44.10 ? 407 HOH A O   1 
HETATM 1504 O O   . HOH B 2 .   ? 2.359   11.412  13.802  1.00 54.54 ? 408 HOH A O   1 
HETATM 1505 O O   . HOH B 2 .   ? -4.822  -19.868 -8.730  1.00 61.97 ? 409 HOH A O   1 
HETATM 1506 O O   . HOH B 2 .   ? -12.109 13.687  -4.498  1.00 32.81 ? 410 HOH A O   1 
HETATM 1507 O O   . HOH B 2 .   ? 14.772  1.431   1.200   1.00 56.89 ? 411 HOH A O   1 
HETATM 1508 O O   . HOH B 2 .   ? 6.476   10.350  -18.034 1.00 58.62 ? 412 HOH A O   1 
HETATM 1509 O O   . HOH B 2 .   ? 1.788   18.546  8.734   1.00 66.73 ? 413 HOH A O   1 
HETATM 1510 O O   . HOH B 2 .   ? 8.968   20.963  -6.647  1.00 54.88 ? 414 HOH A O   1 
HETATM 1511 O O   . HOH B 2 .   ? 14.540  15.912  8.778   1.00 50.69 ? 415 HOH A O   1 
HETATM 1512 O O   . HOH B 2 .   ? -5.740  -17.870 -2.172  1.00 39.70 ? 416 HOH A O   1 
HETATM 1513 O O   . HOH B 2 .   ? -9.753  -9.258  -15.270 1.00 56.20 ? 417 HOH A O   1 
HETATM 1514 O O   . HOH B 2 .   ? -4.727  12.505  12.566  1.00 27.88 ? 418 HOH A O   1 
HETATM 1515 O O   . HOH B 2 .   ? 9.489   9.074   11.120  1.00 45.47 ? 419 HOH A O   1 
HETATM 1516 O O   . HOH B 2 .   ? -11.275 10.450  12.177  1.00 58.19 ? 420 HOH A O   1 
HETATM 1517 O O   . HOH B 2 .   ? -15.595 -14.120 1.147   1.00 37.45 ? 421 HOH A O   1 
HETATM 1518 O O   . HOH B 2 .   ? -4.519  5.942   -15.167 1.00 27.72 ? 422 HOH A O   1 
HETATM 1519 O O   . HOH B 2 .   ? -7.811  -16.830 9.229   1.00 44.10 ? 423 HOH A O   1 
HETATM 1520 O O   . HOH B 2 .   ? -0.866  9.202   15.843  1.00 56.19 ? 424 HOH A O   1 
HETATM 1521 O O   . HOH B 2 .   ? 13.312  11.711  6.518   1.00 46.80 ? 425 HOH A O   1 
HETATM 1522 O O   . HOH B 2 .   ? 5.422   -4.650  16.107  1.00 42.52 ? 426 HOH A O   1 
HETATM 1523 O O   . HOH B 2 .   ? 14.356  12.737  3.446   1.00 38.38 ? 427 HOH A O   1 
HETATM 1524 O O   . HOH B 2 .   ? 12.289  12.308  8.491   1.00 68.46 ? 428 HOH A O   1 
HETATM 1525 O O   . HOH B 2 .   ? 8.283   -9.680  15.266  1.00 32.17 ? 429 HOH A O   1 
HETATM 1526 O O   . HOH B 2 .   ? -15.326 -11.265 -8.169  1.00 67.38 ? 430 HOH A O   1 
HETATM 1527 O O   . HOH B 2 .   ? -10.523 -17.180 4.379   1.00 45.80 ? 431 HOH A O   1 
HETATM 1528 O O   . HOH B 2 .   ? -6.325  -16.339 -14.817 1.00 54.41 ? 432 HOH A O   1 
HETATM 1529 O O   . HOH B 2 .   ? 1.608   -13.702 14.033  1.00 52.93 ? 433 HOH A O   1 
HETATM 1530 O O   . HOH B 2 .   ? -1.755  5.099   18.059  1.00 63.61 ? 434 HOH A O   1 
HETATM 1531 O O   . HOH B 2 .   ? 15.863  14.016  -0.675  1.00 68.32 ? 435 HOH A O   1 
HETATM 1532 O O   . HOH B 2 .   ? 9.737   10.030  -9.853  1.00 37.47 ? 436 HOH A O   1 
HETATM 1533 O O   . HOH B 2 .   ? 9.334   -1.089  14.720  1.00 52.11 ? 437 HOH A O   1 
HETATM 1534 O O   . HOH B 2 .   ? 10.826  12.936  10.075  1.00 56.44 ? 438 HOH A O   1 
HETATM 1535 O O   . HOH B 2 .   ? -2.974  11.787  16.766  1.00 53.15 ? 439 HOH A O   1 
HETATM 1536 O O   . HOH B 2 .   ? -17.892 8.960   -5.853  1.00 68.80 ? 440 HOH A O   1 
HETATM 1537 O O   . HOH B 2 .   ? 8.434   11.440  10.547  1.00 47.68 ? 441 HOH A O   1 
HETATM 1538 O O   . HOH B 2 .   ? -5.695  -19.887 -6.463  1.00 46.46 ? 442 HOH A O   1 
HETATM 1539 O O   . HOH B 2 .   ? -12.217 -14.075 -10.862 1.00 47.65 ? 443 HOH A O   1 
HETATM 1540 O O   . HOH B 2 .   ? -10.949 -15.633 -8.123  1.00 52.90 ? 444 HOH A O   1 
HETATM 1541 O O   . HOH B 2 .   ? -14.725 -15.739 -2.729  1.00 45.89 ? 445 HOH A O   1 
HETATM 1542 O O   . HOH B 2 .   ? 14.126  -16.791 -6.568  1.00 54.08 ? 446 HOH A O   1 
HETATM 1543 O O   . HOH B 2 .   ? 11.679  17.016  11.214  1.00 60.87 ? 447 HOH A O   1 
HETATM 1544 O O   . HOH B 2 .   ? -16.660 -15.013 3.612   1.00 54.28 ? 448 HOH A O   1 
HETATM 1545 O O   . HOH B 2 .   ? -15.615 -18.604 -0.212  1.00 66.70 ? 449 HOH A O   1 
HETATM 1546 O O   . HOH B 2 .   ? -11.246 -16.581 -13.011 1.00 87.49 ? 450 HOH A O   1 
HETATM 1547 O O   . HOH B 2 .   ? -23.122 8.594   -1.258  1.00 61.31 ? 451 HOH A O   1 
HETATM 1548 O O   . HOH B 2 .   ? -18.108 -17.264 0.884   1.00 58.26 ? 452 HOH A O   1 
# 
loop_
_pdbx_poly_seq_scheme.asym_id 
_pdbx_poly_seq_scheme.entity_id 
_pdbx_poly_seq_scheme.seq_id 
_pdbx_poly_seq_scheme.mon_id 
_pdbx_poly_seq_scheme.ndb_seq_num 
_pdbx_poly_seq_scheme.pdb_seq_num 
_pdbx_poly_seq_scheme.auth_seq_num 
_pdbx_poly_seq_scheme.pdb_mon_id 
_pdbx_poly_seq_scheme.auth_mon_id 
_pdbx_poly_seq_scheme.pdb_strand_id 
_pdbx_poly_seq_scheme.pdb_ins_code 
_pdbx_poly_seq_scheme.hetero 
A 1 1   MET 1   1   1   MET MET A . n 
A 1 2   SER 2   2   2   SER SER A . n 
A 1 3   ARG 3   3   3   ARG ARG A . n 
A 1 4   SER 4   4   4   SER SER A . n 
A 1 5   LYS 5   5   5   LYS LYS A . n 
A 1 6   VAL 6   6   6   VAL VAL A . n 
A 1 7   PHE 7   7   7   PHE PHE A . n 
A 1 8   PHE 8   8   8   PHE PHE A . n 
A 1 9   ASP 9   9   9   ASP ASP A . n 
A 1 10  ILE 10  10  10  ILE ILE A . n 
A 1 11  THR 11  11  11  THR THR A . n 
A 1 12  ILE 12  12  12  ILE ILE A . n 
A 1 13  GLY 13  13  13  GLY GLY A . n 
A 1 14  GLY 14  14  14  GLY GLY A . n 
A 1 15  LYS 15  15  15  LYS LYS A . n 
A 1 16  ALA 16  16  16  ALA ALA A . n 
A 1 17  SER 17  17  17  SER SER A . n 
A 1 18  GLY 18  18  18  GLY GLY A . n 
A 1 19  ARG 19  19  19  ARG ARG A . n 
A 1 20  ILE 20  20  20  ILE ILE A . n 
A 1 21  VAL 21  21  21  VAL VAL A . n 
A 1 22  MET 22  22  22  MET MET A . n 
A 1 23  GLU 23  23  23  GLU GLU A . n 
A 1 24  LEU 24  24  24  LEU LEU A . n 
A 1 25  TYR 25  25  25  TYR TYR A . n 
A 1 26  ASP 26  26  26  ASP ASP A . n 
A 1 27  ASP 27  27  27  ASP ASP A . n 
A 1 28  VAL 28  28  28  VAL VAL A . n 
A 1 29  VAL 29  29  29  VAL VAL A . n 
A 1 30  PRO 30  30  30  PRO PRO A . n 
A 1 31  LYS 31  31  31  LYS LYS A . n 
A 1 32  THR 32  32  32  THR THR A . n 
A 1 33  ALA 33  33  33  ALA ALA A . n 
A 1 34  GLY 34  34  34  GLY GLY A . n 
A 1 35  ASN 35  35  35  ASN ASN A . n 
A 1 36  PHE 36  36  36  PHE PHE A . n 
A 1 37  ARG 37  37  37  ARG ARG A . n 
A 1 38  ALA 38  38  38  ALA ALA A . n 
A 1 39  LEU 39  39  39  LEU LEU A . n 
A 1 40  CYS 40  40  40  CYS CYS A . n 
A 1 41  THR 41  41  41  THR THR A . n 
A 1 42  GLY 42  42  42  GLY GLY A . n 
A 1 43  GLU 43  43  43  GLU GLU A . n 
A 1 44  ASN 44  44  44  ASN ASN A . n 
A 1 45  GLY 45  45  45  GLY GLY A . n 
A 1 46  ILE 46  46  46  ILE ILE A . n 
A 1 47  GLY 47  47  47  GLY GLY A . n 
A 1 48  LYS 48  48  48  LYS LYS A . n 
A 1 49  SER 49  49  49  SER SER A . n 
A 1 50  GLY 50  50  50  GLY GLY A . n 
A 1 51  LYS 51  51  51  LYS LYS A . n 
A 1 52  PRO 52  52  52  PRO PRO A . n 
A 1 53  LEU 53  53  53  LEU LEU A . n 
A 1 54  HIS 54  54  54  HIS HIS A . n 
A 1 55  PHE 55  55  55  PHE PHE A . n 
A 1 56  LYS 56  56  56  LYS LYS A . n 
A 1 57  GLY 57  57  57  GLY GLY A . n 
A 1 58  SER 58  58  58  SER SER A . n 
A 1 59  LYS 59  59  59  LYS LYS A . n 
A 1 60  PHE 60  60  60  PHE PHE A . n 
A 1 61  HIS 61  61  61  HIS HIS A . n 
A 1 62  ARG 62  62  62  ARG ARG A . n 
A 1 63  ILE 63  63  63  ILE ILE A . n 
A 1 64  ILE 64  64  64  ILE ILE A . n 
A 1 65  PRO 65  65  65  PRO PRO A . n 
A 1 66  ASN 66  66  66  ASN ASN A . n 
A 1 67  PHE 67  67  67  PHE PHE A . n 
A 1 68  MET 68  68  68  MET MET A . n 
A 1 69  ILE 69  69  69  ILE ILE A . n 
A 1 70  GLN 70  70  70  GLN GLN A . n 
A 1 71  GLY 71  71  71  GLY GLY A . n 
A 1 72  GLY 72  72  72  GLY GLY A . n 
A 1 73  ASP 73  73  73  ASP ASP A . n 
A 1 74  PHE 74  74  74  PHE PHE A . n 
A 1 75  THR 75  75  75  THR THR A . n 
A 1 76  ARG 76  76  76  ARG ARG A . n 
A 1 77  GLY 77  77  77  GLY GLY A . n 
A 1 78  ASN 78  78  78  ASN ASN A . n 
A 1 79  GLY 79  79  79  GLY GLY A . n 
A 1 80  THR 80  80  80  THR THR A . n 
A 1 81  GLY 81  81  81  GLY GLY A . n 
A 1 82  GLY 82  82  82  GLY GLY A . n 
A 1 83  GLU 83  83  83  GLU GLU A . n 
A 1 84  SER 84  84  84  SER SER A . n 
A 1 85  ILE 85  85  85  ILE ILE A . n 
A 1 86  TYR 86  86  86  TYR TYR A . n 
A 1 87  GLY 87  87  87  GLY GLY A . n 
A 1 88  GLU 88  88  88  GLU GLU A . n 
A 1 89  LYS 89  89  89  LYS LYS A . n 
A 1 90  PHE 90  90  90  PHE PHE A . n 
A 1 91  PRO 91  91  91  PRO PRO A . n 
A 1 92  ASP 92  92  92  ASP ASP A . n 
A 1 93  GLU 93  93  93  GLU GLU A . n 
A 1 94  ASN 94  94  94  ASN ASN A . n 
A 1 95  PHE 95  95  95  PHE PHE A . n 
A 1 96  LYS 96  96  96  LYS LYS A . n 
A 1 97  GLU 97  97  97  GLU GLU A . n 
A 1 98  LYS 98  98  98  LYS LYS A . n 
A 1 99  HIS 99  99  99  HIS HIS A . n 
A 1 100 THR 100 100 100 THR THR A . n 
A 1 101 GLY 101 101 101 GLY GLY A . n 
A 1 102 PRO 102 102 102 PRO PRO A . n 
A 1 103 GLY 103 103 103 GLY GLY A . n 
A 1 104 VAL 104 104 104 VAL VAL A . n 
A 1 105 LEU 105 105 105 LEU LEU A . n 
A 1 106 SER 106 106 106 SER SER A . n 
A 1 107 MET 107 107 107 MET MET A . n 
A 1 108 ALA 108 108 108 ALA ALA A . n 
A 1 109 ASN 109 109 109 ASN ASN A . n 
A 1 110 ALA 110 110 110 ALA ALA A . n 
A 1 111 GLY 111 111 111 GLY GLY A . n 
A 1 112 PRO 112 112 112 PRO PRO A . n 
A 1 113 ASN 113 113 113 ASN ASN A . n 
A 1 114 THR 114 114 114 THR THR A . n 
A 1 115 ASN 115 115 115 ASN ASN A . n 
A 1 116 GLY 116 116 116 GLY GLY A . n 
A 1 117 SER 117 117 117 SER SER A . n 
A 1 118 GLN 118 118 118 GLN GLN A . n 
A 1 119 PHE 119 119 119 PHE PHE A . n 
A 1 120 PHE 120 120 120 PHE PHE A . n 
A 1 121 LEU 121 121 121 LEU LEU A . n 
A 1 122 CYS 122 122 122 CYS CYS A . n 
A 1 123 THR 123 123 123 THR THR A . n 
A 1 124 VAL 124 124 124 VAL VAL A . n 
A 1 125 LYS 125 125 125 LYS LYS A . n 
A 1 126 THR 126 126 126 THR THR A . n 
A 1 127 GLU 127 127 127 GLU GLU A . n 
A 1 128 TRP 128 128 128 TRP TRP A . n 
A 1 129 LEU 129 129 129 LEU LEU A . n 
A 1 130 ASP 130 130 130 ASP ASP A . n 
A 1 131 GLY 131 131 131 GLY GLY A . n 
A 1 132 LYS 132 132 132 LYS LYS A . n 
A 1 133 HIS 133 133 133 HIS HIS A . n 
A 1 134 VAL 134 134 134 VAL VAL A . n 
A 1 135 VAL 135 135 135 VAL VAL A . n 
A 1 136 PHE 136 136 136 PHE PHE A . n 
A 1 137 GLY 137 137 137 GLY GLY A . n 
A 1 138 ARG 138 138 138 ARG ARG A . n 
A 1 139 VAL 139 139 139 VAL VAL A . n 
A 1 140 VAL 140 140 140 VAL VAL A . n 
A 1 141 GLU 141 141 141 GLU GLU A . n 
A 1 142 GLY 142 142 142 GLY GLY A . n 
A 1 143 LEU 143 143 143 LEU LEU A . n 
A 1 144 ASP 144 144 144 ASP ASP A . n 
A 1 145 VAL 145 145 145 VAL VAL A . n 
A 1 146 VAL 146 146 146 VAL VAL A . n 
A 1 147 LYS 147 147 147 LYS LYS A . n 
A 1 148 ALA 148 148 148 ALA ALA A . n 
A 1 149 VAL 149 149 149 VAL VAL A . n 
A 1 150 GLU 150 150 150 GLU GLU A . n 
A 1 151 SER 151 151 151 SER SER A . n 
A 1 152 ASN 152 152 152 ASN ASN A . n 
A 1 153 GLY 153 153 153 GLY GLY A . n 
A 1 154 SER 154 154 154 SER SER A . n 
A 1 155 GLN 155 155 155 GLN GLN A . n 
A 1 156 SER 156 156 156 SER SER A . n 
A 1 157 GLY 157 157 157 GLY GLY A . n 
A 1 158 LYS 158 158 158 LYS LYS A . n 
A 1 159 PRO 159 159 159 PRO PRO A . n 
A 1 160 VAL 160 160 160 VAL VAL A . n 
A 1 161 LYS 161 161 161 LYS LYS A . n 
A 1 162 ASP 162 162 162 ASP ASP A . n 
A 1 163 CYS 163 163 163 CYS CYS A . n 
A 1 164 MET 164 164 164 MET MET A . n 
A 1 165 ILE 165 165 165 ILE ILE A . n 
A 1 166 ALA 166 166 166 ALA ALA A . n 
A 1 167 ASP 167 167 167 ASP ASP A . n 
A 1 168 CYS 168 168 168 CYS CYS A . n 
A 1 169 GLY 169 169 169 GLY GLY A . n 
A 1 170 GLN 170 170 170 GLN GLN A . n 
A 1 171 LEU 171 171 171 LEU LEU A . n 
A 1 172 LYS 172 172 172 LYS LYS A . n 
A 1 173 ALA 173 173 ?   ?   ?   A . n 
# 
loop_
_pdbx_nonpoly_scheme.asym_id 
_pdbx_nonpoly_scheme.entity_id 
_pdbx_nonpoly_scheme.mon_id 
_pdbx_nonpoly_scheme.ndb_seq_num 
_pdbx_nonpoly_scheme.pdb_seq_num 
_pdbx_nonpoly_scheme.auth_seq_num 
_pdbx_nonpoly_scheme.pdb_mon_id 
_pdbx_nonpoly_scheme.auth_mon_id 
_pdbx_nonpoly_scheme.pdb_strand_id 
_pdbx_nonpoly_scheme.pdb_ins_code 
B 2 HOH 1   201 2163 HOH HOH A . 
B 2 HOH 2   202 2196 HOH HOH A . 
B 2 HOH 3   203 2011 HOH HOH A . 
B 2 HOH 4   204 2006 HOH HOH A . 
B 2 HOH 5   205 2024 HOH HOH A . 
B 2 HOH 6   206 2236 HOH HOH A . 
B 2 HOH 7   207 2090 HOH HOH A . 
B 2 HOH 8   208 2198 HOH HOH A . 
B 2 HOH 9   209 2099 HOH HOH A . 
B 2 HOH 10  210 2182 HOH HOH A . 
B 2 HOH 11  211 2001 HOH HOH A . 
B 2 HOH 12  212 2220 HOH HOH A . 
B 2 HOH 13  213 2062 HOH HOH A . 
B 2 HOH 14  214 2112 HOH HOH A . 
B 2 HOH 15  215 2174 HOH HOH A . 
B 2 HOH 16  216 2177 HOH HOH A . 
B 2 HOH 17  217 2079 HOH HOH A . 
B 2 HOH 18  218 2047 HOH HOH A . 
B 2 HOH 19  219 2151 HOH HOH A . 
B 2 HOH 20  220 2083 HOH HOH A . 
B 2 HOH 21  221 2239 HOH HOH A . 
B 2 HOH 22  222 2106 HOH HOH A . 
B 2 HOH 23  223 2072 HOH HOH A . 
B 2 HOH 24  224 2201 HOH HOH A . 
B 2 HOH 25  225 2222 HOH HOH A . 
B 2 HOH 26  226 2156 HOH HOH A . 
B 2 HOH 27  227 2155 HOH HOH A . 
B 2 HOH 28  228 2073 HOH HOH A . 
B 2 HOH 29  229 2216 HOH HOH A . 
B 2 HOH 30  230 2135 HOH HOH A . 
B 2 HOH 31  231 2212 HOH HOH A . 
B 2 HOH 32  232 2033 HOH HOH A . 
B 2 HOH 33  233 2179 HOH HOH A . 
B 2 HOH 34  234 2153 HOH HOH A . 
B 2 HOH 35  235 2217 HOH HOH A . 
B 2 HOH 36  236 2086 HOH HOH A . 
B 2 HOH 37  237 2227 HOH HOH A . 
B 2 HOH 38  238 2185 HOH HOH A . 
B 2 HOH 39  239 2203 HOH HOH A . 
B 2 HOH 40  240 2221 HOH HOH A . 
B 2 HOH 41  241 2077 HOH HOH A . 
B 2 HOH 42  242 2224 HOH HOH A . 
B 2 HOH 43  243 2243 HOH HOH A . 
B 2 HOH 44  244 2219 HOH HOH A . 
B 2 HOH 45  245 2209 HOH HOH A . 
B 2 HOH 46  246 2195 HOH HOH A . 
B 2 HOH 47  247 2181 HOH HOH A . 
B 2 HOH 48  248 2036 HOH HOH A . 
B 2 HOH 49  249 2129 HOH HOH A . 
B 2 HOH 50  250 2121 HOH HOH A . 
B 2 HOH 51  251 2087 HOH HOH A . 
B 2 HOH 52  252 2076 HOH HOH A . 
B 2 HOH 53  253 2105 HOH HOH A . 
B 2 HOH 54  254 2088 HOH HOH A . 
B 2 HOH 55  255 2134 HOH HOH A . 
B 2 HOH 56  256 2119 HOH HOH A . 
B 2 HOH 57  257 2218 HOH HOH A . 
B 2 HOH 58  258 2138 HOH HOH A . 
B 2 HOH 59  259 2183 HOH HOH A . 
B 2 HOH 60  260 2245 HOH HOH A . 
B 2 HOH 61  261 2063 HOH HOH A . 
B 2 HOH 62  262 2116 HOH HOH A . 
B 2 HOH 63  263 2247 HOH HOH A . 
B 2 HOH 64  264 2071 HOH HOH A . 
B 2 HOH 65  265 2171 HOH HOH A . 
B 2 HOH 66  266 2046 HOH HOH A . 
B 2 HOH 67  267 2113 HOH HOH A . 
B 2 HOH 68  268 2235 HOH HOH A . 
B 2 HOH 69  269 2191 HOH HOH A . 
B 2 HOH 70  270 2242 HOH HOH A . 
B 2 HOH 71  271 2162 HOH HOH A . 
B 2 HOH 72  272 2249 HOH HOH A . 
B 2 HOH 73  273 2117 HOH HOH A . 
B 2 HOH 74  274 2109 HOH HOH A . 
B 2 HOH 75  275 2123 HOH HOH A . 
B 2 HOH 76  276 2165 HOH HOH A . 
B 2 HOH 77  277 2202 HOH HOH A . 
B 2 HOH 78  278 2214 HOH HOH A . 
B 2 HOH 79  279 2205 HOH HOH A . 
B 2 HOH 80  280 2170 HOH HOH A . 
B 2 HOH 81  281 2145 HOH HOH A . 
B 2 HOH 82  282 2225 HOH HOH A . 
B 2 HOH 83  283 2091 HOH HOH A . 
B 2 HOH 84  284 2064 HOH HOH A . 
B 2 HOH 85  285 2228 HOH HOH A . 
B 2 HOH 86  286 2230 HOH HOH A . 
B 2 HOH 87  287 2097 HOH HOH A . 
B 2 HOH 88  288 2158 HOH HOH A . 
B 2 HOH 89  289 2094 HOH HOH A . 
B 2 HOH 90  290 2223 HOH HOH A . 
B 2 HOH 91  291 2231 HOH HOH A . 
B 2 HOH 92  292 2246 HOH HOH A . 
B 2 HOH 93  293 2229 HOH HOH A . 
B 2 HOH 94  294 2160 HOH HOH A . 
B 2 HOH 95  295 2149 HOH HOH A . 
B 2 HOH 96  296 2067 HOH HOH A . 
B 2 HOH 97  297 2241 HOH HOH A . 
B 2 HOH 98  298 2081 HOH HOH A . 
B 2 HOH 99  299 2070 HOH HOH A . 
B 2 HOH 100 300 2066 HOH HOH A . 
B 2 HOH 101 301 2023 HOH HOH A . 
B 2 HOH 102 302 2104 HOH HOH A . 
B 2 HOH 103 303 2130 HOH HOH A . 
B 2 HOH 104 304 2043 HOH HOH A . 
B 2 HOH 105 305 2232 HOH HOH A . 
B 2 HOH 106 306 2193 HOH HOH A . 
B 2 HOH 107 307 2103 HOH HOH A . 
B 2 HOH 108 308 2044 HOH HOH A . 
B 2 HOH 109 309 2211 HOH HOH A . 
B 2 HOH 110 310 2208 HOH HOH A . 
B 2 HOH 111 311 2115 HOH HOH A . 
B 2 HOH 112 312 2184 HOH HOH A . 
B 2 HOH 113 313 2197 HOH HOH A . 
B 2 HOH 114 314 2180 HOH HOH A . 
B 2 HOH 115 315 2240 HOH HOH A . 
B 2 HOH 116 316 2161 HOH HOH A . 
B 2 HOH 117 317 2166 HOH HOH A . 
B 2 HOH 118 318 2147 HOH HOH A . 
B 2 HOH 119 319 2186 HOH HOH A . 
B 2 HOH 120 320 2049 HOH HOH A . 
B 2 HOH 121 321 2213 HOH HOH A . 
B 2 HOH 122 322 2172 HOH HOH A . 
B 2 HOH 123 323 2164 HOH HOH A . 
B 2 HOH 124 324 2192 HOH HOH A . 
B 2 HOH 125 325 2057 HOH HOH A . 
B 2 HOH 126 326 2082 HOH HOH A . 
B 2 HOH 127 327 2188 HOH HOH A . 
B 2 HOH 128 328 2187 HOH HOH A . 
B 2 HOH 129 329 2096 HOH HOH A . 
B 2 HOH 130 330 2157 HOH HOH A . 
B 2 HOH 131 331 2122 HOH HOH A . 
B 2 HOH 132 332 2056 HOH HOH A . 
B 2 HOH 133 333 2206 HOH HOH A . 
B 2 HOH 134 334 2038 HOH HOH A . 
B 2 HOH 135 335 2074 HOH HOH A . 
B 2 HOH 136 336 2137 HOH HOH A . 
B 2 HOH 137 337 2178 HOH HOH A . 
B 2 HOH 138 338 2237 HOH HOH A . 
B 2 HOH 139 339 2250 HOH HOH A . 
B 2 HOH 140 340 2126 HOH HOH A . 
B 2 HOH 141 341 2190 HOH HOH A . 
B 2 HOH 142 342 2167 HOH HOH A . 
B 2 HOH 143 343 2248 HOH HOH A . 
B 2 HOH 144 344 2080 HOH HOH A . 
B 2 HOH 145 345 2154 HOH HOH A . 
B 2 HOH 146 346 2028 HOH HOH A . 
B 2 HOH 147 347 2095 HOH HOH A . 
B 2 HOH 148 348 2233 HOH HOH A . 
B 2 HOH 149 349 2150 HOH HOH A . 
B 2 HOH 150 350 2136 HOH HOH A . 
B 2 HOH 151 351 2252 HOH HOH A . 
B 2 HOH 152 352 2148 HOH HOH A . 
B 2 HOH 153 353 2194 HOH HOH A . 
B 2 HOH 154 354 2050 HOH HOH A . 
B 2 HOH 155 355 2110 HOH HOH A . 
B 2 HOH 156 356 2200 HOH HOH A . 
B 2 HOH 157 357 2141 HOH HOH A . 
B 2 HOH 158 358 2210 HOH HOH A . 
B 2 HOH 159 359 2140 HOH HOH A . 
B 2 HOH 160 360 2175 HOH HOH A . 
B 2 HOH 161 361 2238 HOH HOH A . 
B 2 HOH 162 362 2146 HOH HOH A . 
B 2 HOH 163 363 2048 HOH HOH A . 
B 2 HOH 164 364 2152 HOH HOH A . 
B 2 HOH 165 365 2244 HOH HOH A . 
B 2 HOH 166 366 2004 HOH HOH A . 
B 2 HOH 167 367 2169 HOH HOH A . 
B 2 HOH 168 368 2005 HOH HOH A . 
B 2 HOH 169 369 2143 HOH HOH A . 
B 2 HOH 170 370 2251 HOH HOH A . 
B 2 HOH 171 371 2173 HOH HOH A . 
B 2 HOH 172 372 2176 HOH HOH A . 
B 2 HOH 173 373 2139 HOH HOH A . 
B 2 HOH 174 374 2207 HOH HOH A . 
B 2 HOH 175 375 2168 HOH HOH A . 
B 2 HOH 176 376 2127 HOH HOH A . 
B 2 HOH 177 377 2144 HOH HOH A . 
B 2 HOH 178 378 2142 HOH HOH A . 
B 2 HOH 179 379 2037 HOH HOH A . 
B 2 HOH 180 380 2128 HOH HOH A . 
B 2 HOH 181 381 2068 HOH HOH A . 
B 2 HOH 182 382 2069 HOH HOH A . 
B 2 HOH 183 383 2039 HOH HOH A . 
B 2 HOH 184 384 2204 HOH HOH A . 
B 2 HOH 185 385 2226 HOH HOH A . 
B 2 HOH 186 386 2111 HOH HOH A . 
B 2 HOH 187 387 2215 HOH HOH A . 
B 2 HOH 188 388 2045 HOH HOH A . 
B 2 HOH 189 389 2234 HOH HOH A . 
B 2 HOH 190 390 2132 HOH HOH A . 
B 2 HOH 191 391 2022 HOH HOH A . 
B 2 HOH 192 392 2003 HOH HOH A . 
B 2 HOH 193 393 2065 HOH HOH A . 
B 2 HOH 194 394 2034 HOH HOH A . 
B 2 HOH 195 395 2027 HOH HOH A . 
B 2 HOH 196 396 2159 HOH HOH A . 
B 2 HOH 197 397 2025 HOH HOH A . 
B 2 HOH 198 398 2124 HOH HOH A . 
B 2 HOH 199 399 2052 HOH HOH A . 
B 2 HOH 200 400 2026 HOH HOH A . 
B 2 HOH 201 401 2059 HOH HOH A . 
B 2 HOH 202 402 2089 HOH HOH A . 
B 2 HOH 203 403 2125 HOH HOH A . 
B 2 HOH 204 404 2098 HOH HOH A . 
B 2 HOH 205 405 2016 HOH HOH A . 
B 2 HOH 206 406 2189 HOH HOH A . 
B 2 HOH 207 407 2102 HOH HOH A . 
B 2 HOH 208 408 2007 HOH HOH A . 
B 2 HOH 209 409 2041 HOH HOH A . 
B 2 HOH 210 410 2075 HOH HOH A . 
B 2 HOH 211 411 2053 HOH HOH A . 
B 2 HOH 212 412 2120 HOH HOH A . 
B 2 HOH 213 413 2017 HOH HOH A . 
B 2 HOH 214 414 2118 HOH HOH A . 
B 2 HOH 215 415 2085 HOH HOH A . 
B 2 HOH 216 416 2032 HOH HOH A . 
B 2 HOH 217 417 2199 HOH HOH A . 
B 2 HOH 218 418 2019 HOH HOH A . 
B 2 HOH 219 419 2008 HOH HOH A . 
B 2 HOH 220 420 2108 HOH HOH A . 
B 2 HOH 221 421 2030 HOH HOH A . 
B 2 HOH 222 422 2040 HOH HOH A . 
B 2 HOH 223 423 2002 HOH HOH A . 
B 2 HOH 224 424 2020 HOH HOH A . 
B 2 HOH 225 425 2013 HOH HOH A . 
B 2 HOH 226 426 2133 HOH HOH A . 
B 2 HOH 227 427 2060 HOH HOH A . 
B 2 HOH 228 428 2012 HOH HOH A . 
B 2 HOH 229 429 2114 HOH HOH A . 
B 2 HOH 230 430 2101 HOH HOH A . 
B 2 HOH 231 431 2029 HOH HOH A . 
B 2 HOH 232 432 2042 HOH HOH A . 
B 2 HOH 233 433 2018 HOH HOH A . 
B 2 HOH 234 434 2021 HOH HOH A . 
B 2 HOH 235 435 2061 HOH HOH A . 
B 2 HOH 236 436 2058 HOH HOH A . 
B 2 HOH 237 437 2131 HOH HOH A . 
B 2 HOH 238 438 2015 HOH HOH A . 
B 2 HOH 239 439 2107 HOH HOH A . 
B 2 HOH 240 440 2092 HOH HOH A . 
B 2 HOH 241 441 2009 HOH HOH A . 
B 2 HOH 242 442 2084 HOH HOH A . 
B 2 HOH 243 443 2100 HOH HOH A . 
B 2 HOH 244 444 2055 HOH HOH A . 
B 2 HOH 245 445 2078 HOH HOH A . 
B 2 HOH 246 446 2051 HOH HOH A . 
B 2 HOH 247 447 2014 HOH HOH A . 
B 2 HOH 248 448 2031 HOH HOH A . 
B 2 HOH 249 449 2035 HOH HOH A . 
B 2 HOH 250 450 2054 HOH HOH A . 
B 2 HOH 251 451 2093 HOH HOH A . 
B 2 HOH 252 452 2010 HOH HOH A . 
# 
_pdbx_struct_assembly.id                   1 
_pdbx_struct_assembly.details              software_defined_assembly 
_pdbx_struct_assembly.method_details       PQS 
_pdbx_struct_assembly.oligomeric_details   monomeric 
_pdbx_struct_assembly.oligomeric_count     1 
# 
_pdbx_struct_assembly_gen.assembly_id       1 
_pdbx_struct_assembly_gen.oper_expression   1 
_pdbx_struct_assembly_gen.asym_id_list      A,B 
# 
_pdbx_struct_oper_list.id                   1 
_pdbx_struct_oper_list.type                 'identity operation' 
_pdbx_struct_oper_list.name                 1_555 
_pdbx_struct_oper_list.symmetry_operation   x,y,z 
_pdbx_struct_oper_list.matrix[1][1]         1.0000000000 
_pdbx_struct_oper_list.matrix[1][2]         0.0000000000 
_pdbx_struct_oper_list.matrix[1][3]         0.0000000000 
_pdbx_struct_oper_list.vector[1]            0.0000000000 
_pdbx_struct_oper_list.matrix[2][1]         0.0000000000 
_pdbx_struct_oper_list.matrix[2][2]         1.0000000000 
_pdbx_struct_oper_list.matrix[2][3]         0.0000000000 
_pdbx_struct_oper_list.vector[2]            0.0000000000 
_pdbx_struct_oper_list.matrix[3][1]         0.0000000000 
_pdbx_struct_oper_list.matrix[3][2]         0.0000000000 
_pdbx_struct_oper_list.matrix[3][3]         1.0000000000 
_pdbx_struct_oper_list.vector[3]            0.0000000000 
# 
loop_
_pdbx_audit_revision_history.ordinal 
_pdbx_audit_revision_history.data_content_type 
_pdbx_audit_revision_history.major_revision 
_pdbx_audit_revision_history.minor_revision 
_pdbx_audit_revision_history.revision_date 
1 'Structure model' 1 0 2000-06-22 
2 'Structure model' 1 1 2011-05-07 
3 'Structure model' 1 2 2011-07-13 
4 'Structure model' 2 0 2017-07-05 
5 'Structure model' 2 1 2019-05-22 
6 'Structure model' 2 2 2023-12-06 
# 
_pdbx_audit_revision_details.ordinal             1 
_pdbx_audit_revision_details.revision_ordinal    1 
_pdbx_audit_revision_details.data_content_type   'Structure model' 
_pdbx_audit_revision_details.provider            repository 
_pdbx_audit_revision_details.type                'Initial release' 
_pdbx_audit_revision_details.description         ? 
_pdbx_audit_revision_details.details             ? 
# 
loop_
_pdbx_audit_revision_group.ordinal 
_pdbx_audit_revision_group.revision_ordinal 
_pdbx_audit_revision_group.data_content_type 
_pdbx_audit_revision_group.group 
1  2 'Structure model' 'Version format compliance' 
2  3 'Structure model' 'Version format compliance' 
3  4 'Structure model' Advisory                    
4  4 'Structure model' 'Atomic model'              
5  4 'Structure model' 'Data collection'           
6  4 'Structure model' 'Derived calculations'      
7  5 'Structure model' 'Data collection'           
8  5 'Structure model' 'Refinement description'    
9  6 'Structure model' 'Data collection'           
10 6 'Structure model' 'Database references'       
11 6 'Structure model' 'Refinement description'    
# 
loop_
_pdbx_audit_revision_category.ordinal 
_pdbx_audit_revision_category.revision_ordinal 
_pdbx_audit_revision_category.data_content_type 
_pdbx_audit_revision_category.category 
1  4 'Structure model' atom_site                     
2  4 'Structure model' diffrn_source                 
3  4 'Structure model' pdbx_distant_solvent_atoms    
4  4 'Structure model' pdbx_struct_sheet_hbond       
5  4 'Structure model' struct_conf                   
6  4 'Structure model' struct_sheet                  
7  4 'Structure model' struct_sheet_order            
8  4 'Structure model' struct_sheet_range            
9  5 'Structure model' refine                        
10 6 'Structure model' chem_comp_atom                
11 6 'Structure model' chem_comp_bond                
12 6 'Structure model' database_2                    
13 6 'Structure model' pdbx_initial_refinement_model 
# 
loop_
_pdbx_audit_revision_item.ordinal 
_pdbx_audit_revision_item.revision_ordinal 
_pdbx_audit_revision_item.data_content_type 
_pdbx_audit_revision_item.item 
1  4 'Structure model' '_atom_site.B_iso_or_equiv'                                   
2  4 'Structure model' '_atom_site.Cartn_x'                                          
3  4 'Structure model' '_atom_site.Cartn_y'                                          
4  4 'Structure model' '_atom_site.Cartn_z'                                          
5  4 'Structure model' '_atom_site.auth_seq_id'                                      
6  4 'Structure model' '_diffrn_source.type'                                         
7  4 'Structure model' '_pdbx_distant_solvent_atoms.auth_seq_id'                     
8  4 'Structure model' '_pdbx_distant_solvent_atoms.neighbor_macromolecule_distance' 
9  4 'Structure model' '_struct_conf.pdbx_PDB_helix_id'                              
10 4 'Structure model' '_struct_sheet.id'                                            
11 4 'Structure model' '_struct_sheet_range.sheet_id'                                
12 5 'Structure model' '_refine.pdbx_ls_cross_valid_method'                          
13 6 'Structure model' '_database_2.pdbx_DOI'                                        
14 6 'Structure model' '_database_2.pdbx_database_accession'                         
# 
loop_
_software.name 
_software.classification 
_software.version 
_software.citation_id 
_software.pdbx_ordinal 
SHELXL-97 refinement       . ? 1 
DENZO     'data reduction' . ? 2 
SCALEPACK 'data scaling'   . ? 3 
AMoRE     phasing          . ? 4 
# 
loop_
_pdbx_validate_torsion.id 
_pdbx_validate_torsion.PDB_model_num 
_pdbx_validate_torsion.auth_comp_id 
_pdbx_validate_torsion.auth_asym_id 
_pdbx_validate_torsion.auth_seq_id 
_pdbx_validate_torsion.PDB_ins_code 
_pdbx_validate_torsion.label_alt_id 
_pdbx_validate_torsion.phi 
_pdbx_validate_torsion.psi 
1 1 PHE A 67  ? ? -142.02 -81.28 
2 1 GLU A 88  ? ? 165.36  -60.06 
3 1 THR A 126 ? ? -115.65 54.03  
4 1 PHE A 136 ? ? -142.14 11.03  
5 1 LEU A 171 ? ? -106.32 -62.10 
# 
loop_
_pdbx_distant_solvent_atoms.id 
_pdbx_distant_solvent_atoms.PDB_model_num 
_pdbx_distant_solvent_atoms.auth_atom_id 
_pdbx_distant_solvent_atoms.label_alt_id 
_pdbx_distant_solvent_atoms.auth_asym_id 
_pdbx_distant_solvent_atoms.auth_comp_id 
_pdbx_distant_solvent_atoms.auth_seq_id 
_pdbx_distant_solvent_atoms.PDB_ins_code 
_pdbx_distant_solvent_atoms.neighbor_macromolecule_distance 
_pdbx_distant_solvent_atoms.neighbor_ligand_distance 
1 1 O ? A HOH 448 ? 6.04 . 
2 1 O ? A HOH 449 ? 6.68 . 
3 1 O ? A HOH 450 ? 6.68 . 
4 1 O ? A HOH 451 ? 7.17 . 
5 1 O ? A HOH 452 ? 7.64 . 
# 
_pdbx_unobs_or_zero_occ_residues.id               1 
_pdbx_unobs_or_zero_occ_residues.PDB_model_num    1 
_pdbx_unobs_or_zero_occ_residues.polymer_flag     Y 
_pdbx_unobs_or_zero_occ_residues.occupancy_flag   1 
_pdbx_unobs_or_zero_occ_residues.auth_asym_id     A 
_pdbx_unobs_or_zero_occ_residues.auth_comp_id     ALA 
_pdbx_unobs_or_zero_occ_residues.auth_seq_id      173 
_pdbx_unobs_or_zero_occ_residues.PDB_ins_code     ? 
_pdbx_unobs_or_zero_occ_residues.label_asym_id    A 
_pdbx_unobs_or_zero_occ_residues.label_comp_id    ALA 
_pdbx_unobs_or_zero_occ_residues.label_seq_id     173 
# 
loop_
_chem_comp_atom.comp_id 
_chem_comp_atom.atom_id 
_chem_comp_atom.type_symbol 
_chem_comp_atom.pdbx_aromatic_flag 
_chem_comp_atom.pdbx_stereo_config 
_chem_comp_atom.pdbx_ordinal 
ALA N    N N N 1   
ALA CA   C N S 2   
ALA C    C N N 3   
ALA O    O N N 4   
ALA CB   C N N 5   
ALA OXT  O N N 6   
ALA H    H N N 7   
ALA H2   H N N 8   
ALA HA   H N N 9   
ALA HB1  H N N 10  
ALA HB2  H N N 11  
ALA HB3  H N N 12  
ALA HXT  H N N 13  
ARG N    N N N 14  
ARG CA   C N S 15  
ARG C    C N N 16  
ARG O    O N N 17  
ARG CB   C N N 18  
ARG CG   C N N 19  
ARG CD   C N N 20  
ARG NE   N N N 21  
ARG CZ   C N N 22  
ARG NH1  N N N 23  
ARG NH2  N N N 24  
ARG OXT  O N N 25  
ARG H    H N N 26  
ARG H2   H N N 27  
ARG HA   H N N 28  
ARG HB2  H N N 29  
ARG HB3  H N N 30  
ARG HG2  H N N 31  
ARG HG3  H N N 32  
ARG HD2  H N N 33  
ARG HD3  H N N 34  
ARG HE   H N N 35  
ARG HH11 H N N 36  
ARG HH12 H N N 37  
ARG HH21 H N N 38  
ARG HH22 H N N 39  
ARG HXT  H N N 40  
ASN N    N N N 41  
ASN CA   C N S 42  
ASN C    C N N 43  
ASN O    O N N 44  
ASN CB   C N N 45  
ASN CG   C N N 46  
ASN OD1  O N N 47  
ASN ND2  N N N 48  
ASN OXT  O N N 49  
ASN H    H N N 50  
ASN H2   H N N 51  
ASN HA   H N N 52  
ASN HB2  H N N 53  
ASN HB3  H N N 54  
ASN HD21 H N N 55  
ASN HD22 H N N 56  
ASN HXT  H N N 57  
ASP N    N N N 58  
ASP CA   C N S 59  
ASP C    C N N 60  
ASP O    O N N 61  
ASP CB   C N N 62  
ASP CG   C N N 63  
ASP OD1  O N N 64  
ASP OD2  O N N 65  
ASP OXT  O N N 66  
ASP H    H N N 67  
ASP H2   H N N 68  
ASP HA   H N N 69  
ASP HB2  H N N 70  
ASP HB3  H N N 71  
ASP HD2  H N N 72  
ASP HXT  H N N 73  
CYS N    N N N 74  
CYS CA   C N R 75  
CYS C    C N N 76  
CYS O    O N N 77  
CYS CB   C N N 78  
CYS SG   S N N 79  
CYS OXT  O N N 80  
CYS H    H N N 81  
CYS H2   H N N 82  
CYS HA   H N N 83  
CYS HB2  H N N 84  
CYS HB3  H N N 85  
CYS HG   H N N 86  
CYS HXT  H N N 87  
GLN N    N N N 88  
GLN CA   C N S 89  
GLN C    C N N 90  
GLN O    O N N 91  
GLN CB   C N N 92  
GLN CG   C N N 93  
GLN CD   C N N 94  
GLN OE1  O N N 95  
GLN NE2  N N N 96  
GLN OXT  O N N 97  
GLN H    H N N 98  
GLN H2   H N N 99  
GLN HA   H N N 100 
GLN HB2  H N N 101 
GLN HB3  H N N 102 
GLN HG2  H N N 103 
GLN HG3  H N N 104 
GLN HE21 H N N 105 
GLN HE22 H N N 106 
GLN HXT  H N N 107 
GLU N    N N N 108 
GLU CA   C N S 109 
GLU C    C N N 110 
GLU O    O N N 111 
GLU CB   C N N 112 
GLU CG   C N N 113 
GLU CD   C N N 114 
GLU OE1  O N N 115 
GLU OE2  O N N 116 
GLU OXT  O N N 117 
GLU H    H N N 118 
GLU H2   H N N 119 
GLU HA   H N N 120 
GLU HB2  H N N 121 
GLU HB3  H N N 122 
GLU HG2  H N N 123 
GLU HG3  H N N 124 
GLU HE2  H N N 125 
GLU HXT  H N N 126 
GLY N    N N N 127 
GLY CA   C N N 128 
GLY C    C N N 129 
GLY O    O N N 130 
GLY OXT  O N N 131 
GLY H    H N N 132 
GLY H2   H N N 133 
GLY HA2  H N N 134 
GLY HA3  H N N 135 
GLY HXT  H N N 136 
HIS N    N N N 137 
HIS CA   C N S 138 
HIS C    C N N 139 
HIS O    O N N 140 
HIS CB   C N N 141 
HIS CG   C Y N 142 
HIS ND1  N Y N 143 
HIS CD2  C Y N 144 
HIS CE1  C Y N 145 
HIS NE2  N Y N 146 
HIS OXT  O N N 147 
HIS H    H N N 148 
HIS H2   H N N 149 
HIS HA   H N N 150 
HIS HB2  H N N 151 
HIS HB3  H N N 152 
HIS HD1  H N N 153 
HIS HD2  H N N 154 
HIS HE1  H N N 155 
HIS HE2  H N N 156 
HIS HXT  H N N 157 
HOH O    O N N 158 
HOH H1   H N N 159 
HOH H2   H N N 160 
ILE N    N N N 161 
ILE CA   C N S 162 
ILE C    C N N 163 
ILE O    O N N 164 
ILE CB   C N S 165 
ILE CG1  C N N 166 
ILE CG2  C N N 167 
ILE CD1  C N N 168 
ILE OXT  O N N 169 
ILE H    H N N 170 
ILE H2   H N N 171 
ILE HA   H N N 172 
ILE HB   H N N 173 
ILE HG12 H N N 174 
ILE HG13 H N N 175 
ILE HG21 H N N 176 
ILE HG22 H N N 177 
ILE HG23 H N N 178 
ILE HD11 H N N 179 
ILE HD12 H N N 180 
ILE HD13 H N N 181 
ILE HXT  H N N 182 
LEU N    N N N 183 
LEU CA   C N S 184 
LEU C    C N N 185 
LEU O    O N N 186 
LEU CB   C N N 187 
LEU CG   C N N 188 
LEU CD1  C N N 189 
LEU CD2  C N N 190 
LEU OXT  O N N 191 
LEU H    H N N 192 
LEU H2   H N N 193 
LEU HA   H N N 194 
LEU HB2  H N N 195 
LEU HB3  H N N 196 
LEU HG   H N N 197 
LEU HD11 H N N 198 
LEU HD12 H N N 199 
LEU HD13 H N N 200 
LEU HD21 H N N 201 
LEU HD22 H N N 202 
LEU HD23 H N N 203 
LEU HXT  H N N 204 
LYS N    N N N 205 
LYS CA   C N S 206 
LYS C    C N N 207 
LYS O    O N N 208 
LYS CB   C N N 209 
LYS CG   C N N 210 
LYS CD   C N N 211 
LYS CE   C N N 212 
LYS NZ   N N N 213 
LYS OXT  O N N 214 
LYS H    H N N 215 
LYS H2   H N N 216 
LYS HA   H N N 217 
LYS HB2  H N N 218 
LYS HB3  H N N 219 
LYS HG2  H N N 220 
LYS HG3  H N N 221 
LYS HD2  H N N 222 
LYS HD3  H N N 223 
LYS HE2  H N N 224 
LYS HE3  H N N 225 
LYS HZ1  H N N 226 
LYS HZ2  H N N 227 
LYS HZ3  H N N 228 
LYS HXT  H N N 229 
MET N    N N N 230 
MET CA   C N S 231 
MET C    C N N 232 
MET O    O N N 233 
MET CB   C N N 234 
MET CG   C N N 235 
MET SD   S N N 236 
MET CE   C N N 237 
MET OXT  O N N 238 
MET H    H N N 239 
MET H2   H N N 240 
MET HA   H N N 241 
MET HB2  H N N 242 
MET HB3  H N N 243 
MET HG2  H N N 244 
MET HG3  H N N 245 
MET HE1  H N N 246 
MET HE2  H N N 247 
MET HE3  H N N 248 
MET HXT  H N N 249 
PHE N    N N N 250 
PHE CA   C N S 251 
PHE C    C N N 252 
PHE O    O N N 253 
PHE CB   C N N 254 
PHE CG   C Y N 255 
PHE CD1  C Y N 256 
PHE CD2  C Y N 257 
PHE CE1  C Y N 258 
PHE CE2  C Y N 259 
PHE CZ   C Y N 260 
PHE OXT  O N N 261 
PHE H    H N N 262 
PHE H2   H N N 263 
PHE HA   H N N 264 
PHE HB2  H N N 265 
PHE HB3  H N N 266 
PHE HD1  H N N 267 
PHE HD2  H N N 268 
PHE HE1  H N N 269 
PHE HE2  H N N 270 
PHE HZ   H N N 271 
PHE HXT  H N N 272 
PRO N    N N N 273 
PRO CA   C N S 274 
PRO C    C N N 275 
PRO O    O N N 276 
PRO CB   C N N 277 
PRO CG   C N N 278 
PRO CD   C N N 279 
PRO OXT  O N N 280 
PRO H    H N N 281 
PRO HA   H N N 282 
PRO HB2  H N N 283 
PRO HB3  H N N 284 
PRO HG2  H N N 285 
PRO HG3  H N N 286 
PRO HD2  H N N 287 
PRO HD3  H N N 288 
PRO HXT  H N N 289 
SER N    N N N 290 
SER CA   C N S 291 
SER C    C N N 292 
SER O    O N N 293 
SER CB   C N N 294 
SER OG   O N N 295 
SER OXT  O N N 296 
SER H    H N N 297 
SER H2   H N N 298 
SER HA   H N N 299 
SER HB2  H N N 300 
SER HB3  H N N 301 
SER HG   H N N 302 
SER HXT  H N N 303 
THR N    N N N 304 
THR CA   C N S 305 
THR C    C N N 306 
THR O    O N N 307 
THR CB   C N R 308 
THR OG1  O N N 309 
THR CG2  C N N 310 
THR OXT  O N N 311 
THR H    H N N 312 
THR H2   H N N 313 
THR HA   H N N 314 
THR HB   H N N 315 
THR HG1  H N N 316 
THR HG21 H N N 317 
THR HG22 H N N 318 
THR HG23 H N N 319 
THR HXT  H N N 320 
TRP N    N N N 321 
TRP CA   C N S 322 
TRP C    C N N 323 
TRP O    O N N 324 
TRP CB   C N N 325 
TRP CG   C Y N 326 
TRP CD1  C Y N 327 
TRP CD2  C Y N 328 
TRP NE1  N Y N 329 
TRP CE2  C Y N 330 
TRP CE3  C Y N 331 
TRP CZ2  C Y N 332 
TRP CZ3  C Y N 333 
TRP CH2  C Y N 334 
TRP OXT  O N N 335 
TRP H    H N N 336 
TRP H2   H N N 337 
TRP HA   H N N 338 
TRP HB2  H N N 339 
TRP HB3  H N N 340 
TRP HD1  H N N 341 
TRP HE1  H N N 342 
TRP HE3  H N N 343 
TRP HZ2  H N N 344 
TRP HZ3  H N N 345 
TRP HH2  H N N 346 
TRP HXT  H N N 347 
TYR N    N N N 348 
TYR CA   C N S 349 
TYR C    C N N 350 
TYR O    O N N 351 
TYR CB   C N N 352 
TYR CG   C Y N 353 
TYR CD1  C Y N 354 
TYR CD2  C Y N 355 
TYR CE1  C Y N 356 
TYR CE2  C Y N 357 
TYR CZ   C Y N 358 
TYR OH   O N N 359 
TYR OXT  O N N 360 
TYR H    H N N 361 
TYR H2   H N N 362 
TYR HA   H N N 363 
TYR HB2  H N N 364 
TYR HB3  H N N 365 
TYR HD1  H N N 366 
TYR HD2  H N N 367 
TYR HE1  H N N 368 
TYR HE2  H N N 369 
TYR HH   H N N 370 
TYR HXT  H N N 371 
VAL N    N N N 372 
VAL CA   C N S 373 
VAL C    C N N 374 
VAL O    O N N 375 
VAL CB   C N N 376 
VAL CG1  C N N 377 
VAL CG2  C N N 378 
VAL OXT  O N N 379 
VAL H    H N N 380 
VAL H2   H N N 381 
VAL HA   H N N 382 
VAL HB   H N N 383 
VAL HG11 H N N 384 
VAL HG12 H N N 385 
VAL HG13 H N N 386 
VAL HG21 H N N 387 
VAL HG22 H N N 388 
VAL HG23 H N N 389 
VAL HXT  H N N 390 
# 
loop_
_chem_comp_bond.comp_id 
_chem_comp_bond.atom_id_1 
_chem_comp_bond.atom_id_2 
_chem_comp_bond.value_order 
_chem_comp_bond.pdbx_aromatic_flag 
_chem_comp_bond.pdbx_stereo_config 
_chem_comp_bond.pdbx_ordinal 
ALA N   CA   sing N N 1   
ALA N   H    sing N N 2   
ALA N   H2   sing N N 3   
ALA CA  C    sing N N 4   
ALA CA  CB   sing N N 5   
ALA CA  HA   sing N N 6   
ALA C   O    doub N N 7   
ALA C   OXT  sing N N 8   
ALA CB  HB1  sing N N 9   
ALA CB  HB2  sing N N 10  
ALA CB  HB3  sing N N 11  
ALA OXT HXT  sing N N 12  
ARG N   CA   sing N N 13  
ARG N   H    sing N N 14  
ARG N   H2   sing N N 15  
ARG CA  C    sing N N 16  
ARG CA  CB   sing N N 17  
ARG CA  HA   sing N N 18  
ARG C   O    doub N N 19  
ARG C   OXT  sing N N 20  
ARG CB  CG   sing N N 21  
ARG CB  HB2  sing N N 22  
ARG CB  HB3  sing N N 23  
ARG CG  CD   sing N N 24  
ARG CG  HG2  sing N N 25  
ARG CG  HG3  sing N N 26  
ARG CD  NE   sing N N 27  
ARG CD  HD2  sing N N 28  
ARG CD  HD3  sing N N 29  
ARG NE  CZ   sing N N 30  
ARG NE  HE   sing N N 31  
ARG CZ  NH1  sing N N 32  
ARG CZ  NH2  doub N N 33  
ARG NH1 HH11 sing N N 34  
ARG NH1 HH12 sing N N 35  
ARG NH2 HH21 sing N N 36  
ARG NH2 HH22 sing N N 37  
ARG OXT HXT  sing N N 38  
ASN N   CA   sing N N 39  
ASN N   H    sing N N 40  
ASN N   H2   sing N N 41  
ASN CA  C    sing N N 42  
ASN CA  CB   sing N N 43  
ASN CA  HA   sing N N 44  
ASN C   O    doub N N 45  
ASN C   OXT  sing N N 46  
ASN CB  CG   sing N N 47  
ASN CB  HB2  sing N N 48  
ASN CB  HB3  sing N N 49  
ASN CG  OD1  doub N N 50  
ASN CG  ND2  sing N N 51  
ASN ND2 HD21 sing N N 52  
ASN ND2 HD22 sing N N 53  
ASN OXT HXT  sing N N 54  
ASP N   CA   sing N N 55  
ASP N   H    sing N N 56  
ASP N   H2   sing N N 57  
ASP CA  C    sing N N 58  
ASP CA  CB   sing N N 59  
ASP CA  HA   sing N N 60  
ASP C   O    doub N N 61  
ASP C   OXT  sing N N 62  
ASP CB  CG   sing N N 63  
ASP CB  HB2  sing N N 64  
ASP CB  HB3  sing N N 65  
ASP CG  OD1  doub N N 66  
ASP CG  OD2  sing N N 67  
ASP OD2 HD2  sing N N 68  
ASP OXT HXT  sing N N 69  
CYS N   CA   sing N N 70  
CYS N   H    sing N N 71  
CYS N   H2   sing N N 72  
CYS CA  C    sing N N 73  
CYS CA  CB   sing N N 74  
CYS CA  HA   sing N N 75  
CYS C   O    doub N N 76  
CYS C   OXT  sing N N 77  
CYS CB  SG   sing N N 78  
CYS CB  HB2  sing N N 79  
CYS CB  HB3  sing N N 80  
CYS SG  HG   sing N N 81  
CYS OXT HXT  sing N N 82  
GLN N   CA   sing N N 83  
GLN N   H    sing N N 84  
GLN N   H2   sing N N 85  
GLN CA  C    sing N N 86  
GLN CA  CB   sing N N 87  
GLN CA  HA   sing N N 88  
GLN C   O    doub N N 89  
GLN C   OXT  sing N N 90  
GLN CB  CG   sing N N 91  
GLN CB  HB2  sing N N 92  
GLN CB  HB3  sing N N 93  
GLN CG  CD   sing N N 94  
GLN CG  HG2  sing N N 95  
GLN CG  HG3  sing N N 96  
GLN CD  OE1  doub N N 97  
GLN CD  NE2  sing N N 98  
GLN NE2 HE21 sing N N 99  
GLN NE2 HE22 sing N N 100 
GLN OXT HXT  sing N N 101 
GLU N   CA   sing N N 102 
GLU N   H    sing N N 103 
GLU N   H2   sing N N 104 
GLU CA  C    sing N N 105 
GLU CA  CB   sing N N 106 
GLU CA  HA   sing N N 107 
GLU C   O    doub N N 108 
GLU C   OXT  sing N N 109 
GLU CB  CG   sing N N 110 
GLU CB  HB2  sing N N 111 
GLU CB  HB3  sing N N 112 
GLU CG  CD   sing N N 113 
GLU CG  HG2  sing N N 114 
GLU CG  HG3  sing N N 115 
GLU CD  OE1  doub N N 116 
GLU CD  OE2  sing N N 117 
GLU OE2 HE2  sing N N 118 
GLU OXT HXT  sing N N 119 
GLY N   CA   sing N N 120 
GLY N   H    sing N N 121 
GLY N   H2   sing N N 122 
GLY CA  C    sing N N 123 
GLY CA  HA2  sing N N 124 
GLY CA  HA3  sing N N 125 
GLY C   O    doub N N 126 
GLY C   OXT  sing N N 127 
GLY OXT HXT  sing N N 128 
HIS N   CA   sing N N 129 
HIS N   H    sing N N 130 
HIS N   H2   sing N N 131 
HIS CA  C    sing N N 132 
HIS CA  CB   sing N N 133 
HIS CA  HA   sing N N 134 
HIS C   O    doub N N 135 
HIS C   OXT  sing N N 136 
HIS CB  CG   sing N N 137 
HIS CB  HB2  sing N N 138 
HIS CB  HB3  sing N N 139 
HIS CG  ND1  sing Y N 140 
HIS CG  CD2  doub Y N 141 
HIS ND1 CE1  doub Y N 142 
HIS ND1 HD1  sing N N 143 
HIS CD2 NE2  sing Y N 144 
HIS CD2 HD2  sing N N 145 
HIS CE1 NE2  sing Y N 146 
HIS CE1 HE1  sing N N 147 
HIS NE2 HE2  sing N N 148 
HIS OXT HXT  sing N N 149 
HOH O   H1   sing N N 150 
HOH O   H2   sing N N 151 
ILE N   CA   sing N N 152 
ILE N   H    sing N N 153 
ILE N   H2   sing N N 154 
ILE CA  C    sing N N 155 
ILE CA  CB   sing N N 156 
ILE CA  HA   sing N N 157 
ILE C   O    doub N N 158 
ILE C   OXT  sing N N 159 
ILE CB  CG1  sing N N 160 
ILE CB  CG2  sing N N 161 
ILE CB  HB   sing N N 162 
ILE CG1 CD1  sing N N 163 
ILE CG1 HG12 sing N N 164 
ILE CG1 HG13 sing N N 165 
ILE CG2 HG21 sing N N 166 
ILE CG2 HG22 sing N N 167 
ILE CG2 HG23 sing N N 168 
ILE CD1 HD11 sing N N 169 
ILE CD1 HD12 sing N N 170 
ILE CD1 HD13 sing N N 171 
ILE OXT HXT  sing N N 172 
LEU N   CA   sing N N 173 
LEU N   H    sing N N 174 
LEU N   H2   sing N N 175 
LEU CA  C    sing N N 176 
LEU CA  CB   sing N N 177 
LEU CA  HA   sing N N 178 
LEU C   O    doub N N 179 
LEU C   OXT  sing N N 180 
LEU CB  CG   sing N N 181 
LEU CB  HB2  sing N N 182 
LEU CB  HB3  sing N N 183 
LEU CG  CD1  sing N N 184 
LEU CG  CD2  sing N N 185 
LEU CG  HG   sing N N 186 
LEU CD1 HD11 sing N N 187 
LEU CD1 HD12 sing N N 188 
LEU CD1 HD13 sing N N 189 
LEU CD2 HD21 sing N N 190 
LEU CD2 HD22 sing N N 191 
LEU CD2 HD23 sing N N 192 
LEU OXT HXT  sing N N 193 
LYS N   CA   sing N N 194 
LYS N   H    sing N N 195 
LYS N   H2   sing N N 196 
LYS CA  C    sing N N 197 
LYS CA  CB   sing N N 198 
LYS CA  HA   sing N N 199 
LYS C   O    doub N N 200 
LYS C   OXT  sing N N 201 
LYS CB  CG   sing N N 202 
LYS CB  HB2  sing N N 203 
LYS CB  HB3  sing N N 204 
LYS CG  CD   sing N N 205 
LYS CG  HG2  sing N N 206 
LYS CG  HG3  sing N N 207 
LYS CD  CE   sing N N 208 
LYS CD  HD2  sing N N 209 
LYS CD  HD3  sing N N 210 
LYS CE  NZ   sing N N 211 
LYS CE  HE2  sing N N 212 
LYS CE  HE3  sing N N 213 
LYS NZ  HZ1  sing N N 214 
LYS NZ  HZ2  sing N N 215 
LYS NZ  HZ3  sing N N 216 
LYS OXT HXT  sing N N 217 
MET N   CA   sing N N 218 
MET N   H    sing N N 219 
MET N   H2   sing N N 220 
MET CA  C    sing N N 221 
MET CA  CB   sing N N 222 
MET CA  HA   sing N N 223 
MET C   O    doub N N 224 
MET C   OXT  sing N N 225 
MET CB  CG   sing N N 226 
MET CB  HB2  sing N N 227 
MET CB  HB3  sing N N 228 
MET CG  SD   sing N N 229 
MET CG  HG2  sing N N 230 
MET CG  HG3  sing N N 231 
MET SD  CE   sing N N 232 
MET CE  HE1  sing N N 233 
MET CE  HE2  sing N N 234 
MET CE  HE3  sing N N 235 
MET OXT HXT  sing N N 236 
PHE N   CA   sing N N 237 
PHE N   H    sing N N 238 
PHE N   H2   sing N N 239 
PHE CA  C    sing N N 240 
PHE CA  CB   sing N N 241 
PHE CA  HA   sing N N 242 
PHE C   O    doub N N 243 
PHE C   OXT  sing N N 244 
PHE CB  CG   sing N N 245 
PHE CB  HB2  sing N N 246 
PHE CB  HB3  sing N N 247 
PHE CG  CD1  doub Y N 248 
PHE CG  CD2  sing Y N 249 
PHE CD1 CE1  sing Y N 250 
PHE CD1 HD1  sing N N 251 
PHE CD2 CE2  doub Y N 252 
PHE CD2 HD2  sing N N 253 
PHE CE1 CZ   doub Y N 254 
PHE CE1 HE1  sing N N 255 
PHE CE2 CZ   sing Y N 256 
PHE CE2 HE2  sing N N 257 
PHE CZ  HZ   sing N N 258 
PHE OXT HXT  sing N N 259 
PRO N   CA   sing N N 260 
PRO N   CD   sing N N 261 
PRO N   H    sing N N 262 
PRO CA  C    sing N N 263 
PRO CA  CB   sing N N 264 
PRO CA  HA   sing N N 265 
PRO C   O    doub N N 266 
PRO C   OXT  sing N N 267 
PRO CB  CG   sing N N 268 
PRO CB  HB2  sing N N 269 
PRO CB  HB3  sing N N 270 
PRO CG  CD   sing N N 271 
PRO CG  HG2  sing N N 272 
PRO CG  HG3  sing N N 273 
PRO CD  HD2  sing N N 274 
PRO CD  HD3  sing N N 275 
PRO OXT HXT  sing N N 276 
SER N   CA   sing N N 277 
SER N   H    sing N N 278 
SER N   H2   sing N N 279 
SER CA  C    sing N N 280 
SER CA  CB   sing N N 281 
SER CA  HA   sing N N 282 
SER C   O    doub N N 283 
SER C   OXT  sing N N 284 
SER CB  OG   sing N N 285 
SER CB  HB2  sing N N 286 
SER CB  HB3  sing N N 287 
SER OG  HG   sing N N 288 
SER OXT HXT  sing N N 289 
THR N   CA   sing N N 290 
THR N   H    sing N N 291 
THR N   H2   sing N N 292 
THR CA  C    sing N N 293 
THR CA  CB   sing N N 294 
THR CA  HA   sing N N 295 
THR C   O    doub N N 296 
THR C   OXT  sing N N 297 
THR CB  OG1  sing N N 298 
THR CB  CG2  sing N N 299 
THR CB  HB   sing N N 300 
THR OG1 HG1  sing N N 301 
THR CG2 HG21 sing N N 302 
THR CG2 HG22 sing N N 303 
THR CG2 HG23 sing N N 304 
THR OXT HXT  sing N N 305 
TRP N   CA   sing N N 306 
TRP N   H    sing N N 307 
TRP N   H2   sing N N 308 
TRP CA  C    sing N N 309 
TRP CA  CB   sing N N 310 
TRP CA  HA   sing N N 311 
TRP C   O    doub N N 312 
TRP C   OXT  sing N N 313 
TRP CB  CG   sing N N 314 
TRP CB  HB2  sing N N 315 
TRP CB  HB3  sing N N 316 
TRP CG  CD1  doub Y N 317 
TRP CG  CD2  sing Y N 318 
TRP CD1 NE1  sing Y N 319 
TRP CD1 HD1  sing N N 320 
TRP CD2 CE2  doub Y N 321 
TRP CD2 CE3  sing Y N 322 
TRP NE1 CE2  sing Y N 323 
TRP NE1 HE1  sing N N 324 
TRP CE2 CZ2  sing Y N 325 
TRP CE3 CZ3  doub Y N 326 
TRP CE3 HE3  sing N N 327 
TRP CZ2 CH2  doub Y N 328 
TRP CZ2 HZ2  sing N N 329 
TRP CZ3 CH2  sing Y N 330 
TRP CZ3 HZ3  sing N N 331 
TRP CH2 HH2  sing N N 332 
TRP OXT HXT  sing N N 333 
TYR N   CA   sing N N 334 
TYR N   H    sing N N 335 
TYR N   H2   sing N N 336 
TYR CA  C    sing N N 337 
TYR CA  CB   sing N N 338 
TYR CA  HA   sing N N 339 
TYR C   O    doub N N 340 
TYR C   OXT  sing N N 341 
TYR CB  CG   sing N N 342 
TYR CB  HB2  sing N N 343 
TYR CB  HB3  sing N N 344 
TYR CG  CD1  doub Y N 345 
TYR CG  CD2  sing Y N 346 
TYR CD1 CE1  sing Y N 347 
TYR CD1 HD1  sing N N 348 
TYR CD2 CE2  doub Y N 349 
TYR CD2 HD2  sing N N 350 
TYR CE1 CZ   doub Y N 351 
TYR CE1 HE1  sing N N 352 
TYR CE2 CZ   sing Y N 353 
TYR CE2 HE2  sing N N 354 
TYR CZ  OH   sing N N 355 
TYR OH  HH   sing N N 356 
TYR OXT HXT  sing N N 357 
VAL N   CA   sing N N 358 
VAL N   H    sing N N 359 
VAL N   H2   sing N N 360 
VAL CA  C    sing N N 361 
VAL CA  CB   sing N N 362 
VAL CA  HA   sing N N 363 
VAL C   O    doub N N 364 
VAL C   OXT  sing N N 365 
VAL CB  CG1  sing N N 366 
VAL CB  CG2  sing N N 367 
VAL CB  HB   sing N N 368 
VAL CG1 HG11 sing N N 369 
VAL CG1 HG12 sing N N 370 
VAL CG1 HG13 sing N N 371 
VAL CG2 HG21 sing N N 372 
VAL CG2 HG22 sing N N 373 
VAL CG2 HG23 sing N N 374 
VAL OXT HXT  sing N N 375 
# 
_pdbx_entity_nonpoly.entity_id   2 
_pdbx_entity_nonpoly.name        water 
_pdbx_entity_nonpoly.comp_id     HOH 
# 
_pdbx_initial_refinement_model.id               1 
_pdbx_initial_refinement_model.entity_id_list   ? 
_pdbx_initial_refinement_model.type             'experimental model' 
_pdbx_initial_refinement_model.source_name      PDB 
_pdbx_initial_refinement_model.accession_code   1CWA 
_pdbx_initial_refinement_model.details          ? 
# 
